data_2O20
#
_entry.id   2O20
#
_cell.length_a   117.756
_cell.length_b   74.267
_cell.length_c   160.302
_cell.angle_alpha   90.00
_cell.angle_beta   102.36
_cell.angle_gamma   90.00
#
_symmetry.space_group_name_H-M   'P 1 21 1'
#
loop_
_entity.id
_entity.type
_entity.pdbx_description
1 polymer 'Catabolite control protein A'
2 non-polymer 'SULFATE ION'
3 non-polymer 'CHLORIDE ION'
4 water water
#
_entity_poly.entity_id   1
_entity_poly.type   'polypeptide(L)'
_entity_poly.pdbx_seq_one_letter_code
;MVESTTTIYDVARVAGVSMATVSRVVNGNANVKEKTRQKVLEAIAELDYRPNAVARGLASKRTTTVGVILPTITSTYFAA
ITRGVDDIASMYKYNMILANSDNDVEKEEKVLETFLSKQVDGIVYMGSSLDEKIRTSLKNSRTPVVLVGTIDGDKEIPSV
NIDYHLAAYQSTKKLIDSGNKKIAYIMGSLKDVENTERMVGYQEALLEANIEFDENLVFEGNYSYEQGKALAERLLERGA
TSAVVSHDTVAVGLLSAMMDKGVKVPEDFEIISGANSPITQYTYPTLTSVNQPLYDLGAVAMRLLTKLMLKEDVEQNQLV
LDHEIFSRRSTK
;
_entity_poly.pdbx_strand_id   A,C,D,B,E,F,G,H
#
# COMPACT_ATOMS: atom_id res chain seq x y z
N ARG A 62 5.49 5.76 44.46
CA ARG A 62 6.96 5.54 44.62
C ARG A 62 7.57 4.87 43.38
N THR A 63 8.02 5.70 42.45
CA THR A 63 8.64 5.22 41.24
C THR A 63 10.06 4.74 41.56
N THR A 64 10.47 3.66 40.92
CA THR A 64 11.81 3.14 41.07
C THR A 64 12.79 4.21 40.56
N THR A 65 13.81 4.48 41.38
CA THR A 65 14.85 5.45 41.10
C THR A 65 16.21 4.74 41.14
N VAL A 66 17.03 5.03 40.12
CA VAL A 66 18.35 4.44 39.93
C VAL A 66 19.40 5.54 39.95
N GLY A 67 20.44 5.34 40.75
CA GLY A 67 21.61 6.23 40.78
C GLY A 67 22.73 5.68 39.92
N VAL A 68 23.24 6.51 39.03
CA VAL A 68 24.36 6.15 38.19
C VAL A 68 25.56 7.01 38.51
N ILE A 69 26.67 6.37 38.84
CA ILE A 69 27.95 7.02 39.07
C ILE A 69 28.94 6.62 37.98
N LEU A 70 29.57 7.62 37.37
CA LEU A 70 30.63 7.42 36.37
C LEU A 70 31.71 8.55 36.47
N PRO A 71 32.94 8.32 35.95
CA PRO A 71 33.92 9.43 36.09
C PRO A 71 33.51 10.75 35.40
N THR A 72 33.04 10.67 34.14
CA THR A 72 32.64 11.84 33.39
C THR A 72 31.79 11.45 32.17
N ILE A 73 30.67 12.15 32.01
CA ILE A 73 29.85 12.00 30.81
C ILE A 73 30.56 12.43 29.52
N THR A 74 31.67 13.15 29.63
CA THR A 74 32.46 13.51 28.44
C THR A 74 33.36 12.37 27.89
N SER A 75 33.46 11.25 28.60
CA SER A 75 34.20 10.07 28.12
C SER A 75 33.35 9.33 27.11
N THR A 76 33.92 9.06 25.95
CA THR A 76 33.22 8.27 24.94
C THR A 76 33.04 6.81 25.40
N TYR A 77 33.94 6.33 26.25
CA TYR A 77 33.82 4.98 26.87
C TYR A 77 32.61 4.91 27.80
N PHE A 78 32.60 5.75 28.83
CA PHE A 78 31.56 5.70 29.87
C PHE A 78 30.20 6.18 29.41
N ALA A 79 30.15 7.17 28.51
CA ALA A 79 28.88 7.69 27.96
C ALA A 79 28.11 6.61 27.14
N ALA A 80 28.86 5.80 26.42
CA ALA A 80 28.30 4.72 25.57
C ALA A 80 27.59 3.69 26.44
N ILE A 81 28.27 3.31 27.51
CA ILE A 81 27.73 2.43 28.55
C ILE A 81 26.49 3.05 29.22
N THR A 82 26.62 4.30 29.63
CA THR A 82 25.53 5.04 30.27
C THR A 82 24.26 5.12 29.41
N ARG A 83 24.43 5.25 28.10
CA ARG A 83 23.31 5.30 27.17
C ARG A 83 22.51 3.99 27.18
N GLY A 84 23.22 2.88 27.26
CA GLY A 84 22.58 1.57 27.42
C GLY A 84 21.77 1.46 28.70
N VAL A 85 22.34 1.94 29.80
CA VAL A 85 21.64 2.01 31.08
C VAL A 85 20.38 2.86 30.98
N ASP A 86 20.52 4.09 30.45
CA ASP A 86 19.39 5.00 30.35
C ASP A 86 18.25 4.49 29.47
N ASP A 87 18.58 3.88 28.34
CA ASP A 87 17.57 3.34 27.44
C ASP A 87 16.67 2.30 28.12
N ILE A 88 17.28 1.42 28.90
CA ILE A 88 16.55 0.41 29.68
C ILE A 88 15.70 1.02 30.80
N ALA A 89 16.31 1.92 31.58
CA ALA A 89 15.56 2.66 32.59
C ALA A 89 14.37 3.40 32.00
N SER A 90 14.58 4.04 30.84
CA SER A 90 13.52 4.74 30.14
C SER A 90 12.40 3.78 29.70
N MET A 91 12.76 2.60 29.22
CA MET A 91 11.76 1.60 28.83
C MET A 91 10.85 1.17 30.01
N TYR A 92 11.42 1.11 31.21
CA TYR A 92 10.67 0.68 32.40
C TYR A 92 10.10 1.84 33.22
N LYS A 93 10.23 3.07 32.72
CA LYS A 93 9.86 4.32 33.40
C LYS A 93 10.53 4.52 34.76
N TYR A 94 11.79 4.11 34.90
CA TYR A 94 12.49 4.35 36.17
C TYR A 94 13.10 5.76 36.13
N ASN A 95 13.13 6.45 37.28
CA ASN A 95 13.89 7.70 37.40
C ASN A 95 15.39 7.42 37.45
N MET A 96 16.17 8.32 36.85
CA MET A 96 17.61 8.21 36.76
C MET A 96 18.22 9.44 37.37
N ILE A 97 19.13 9.25 38.32
CA ILE A 97 19.99 10.32 38.83
C ILE A 97 21.43 10.03 38.42
N LEU A 98 22.04 10.91 37.65
CA LEU A 98 23.43 10.73 37.22
C LEU A 98 24.40 11.64 37.99
N ALA A 99 25.57 11.11 38.37
CA ALA A 99 26.61 11.89 39.04
C ALA A 99 28.01 11.61 38.45
N ASN A 100 28.77 12.67 38.20
CA ASN A 100 30.14 12.57 37.68
C ASN A 100 31.10 12.57 38.87
N SER A 101 31.89 11.52 39.01
CA SER A 101 32.86 11.39 40.12
C SER A 101 34.24 12.00 39.87
N ASP A 102 34.61 12.14 38.59
CA ASP A 102 35.97 12.44 38.15
C ASP A 102 37.05 11.53 38.74
N ASN A 103 36.68 10.30 39.09
CA ASN A 103 37.53 9.31 39.76
C ASN A 103 38.08 9.75 41.13
N ASP A 104 37.37 10.64 41.81
CA ASP A 104 37.80 11.23 43.11
C ASP A 104 37.03 10.47 44.18
N VAL A 105 37.74 9.74 45.04
CA VAL A 105 37.10 8.87 46.03
C VAL A 105 36.29 9.66 47.06
N GLU A 106 36.78 10.85 47.42
CA GLU A 106 36.02 11.73 48.30
C GLU A 106 34.71 12.16 47.65
N LYS A 107 34.74 12.47 46.36
CA LYS A 107 33.51 12.80 45.64
C LYS A 107 32.55 11.61 45.57
N GLU A 108 33.07 10.43 45.25
CA GLU A 108 32.26 9.20 45.22
C GLU A 108 31.57 8.96 46.56
N GLU A 109 32.29 9.15 47.66
CA GLU A 109 31.70 8.98 48.97
C GLU A 109 30.51 9.92 49.21
N LYS A 110 30.66 11.18 48.82
CA LYS A 110 29.61 12.20 48.98
C LYS A 110 28.39 11.91 48.11
N VAL A 111 28.65 11.48 46.88
CA VAL A 111 27.60 11.07 45.95
C VAL A 111 26.74 9.94 46.54
N LEU A 112 27.37 8.92 47.10
CA LEU A 112 26.62 7.83 47.72
C LEU A 112 25.75 8.30 48.88
N GLU A 113 26.27 9.21 49.70
CA GLU A 113 25.49 9.78 50.79
C GLU A 113 24.25 10.49 50.24
N THR A 114 24.43 11.25 49.16
CA THR A 114 23.34 11.90 48.45
C THR A 114 22.30 10.92 47.91
N PHE A 115 22.77 9.86 47.25
CA PHE A 115 21.90 8.76 46.76
C PHE A 115 21.05 8.13 47.88
N LEU A 116 21.68 7.87 49.02
CA LEU A 116 20.97 7.39 50.21
C LEU A 116 19.92 8.40 50.68
N SER A 117 20.28 9.68 50.77
CA SER A 117 19.33 10.72 51.16
C SER A 117 18.15 10.87 50.17
N LYS A 118 18.38 10.60 48.89
CA LYS A 118 17.33 10.58 47.88
C LYS A 118 16.57 9.23 47.81
N GLN A 119 16.95 8.26 48.63
CA GLN A 119 16.30 6.95 48.67
C GLN A 119 16.28 6.25 47.30
N VAL A 120 17.42 6.23 46.60
CA VAL A 120 17.51 5.46 45.35
C VAL A 120 17.28 3.99 45.67
N ASP A 121 16.76 3.28 44.68
CA ASP A 121 16.38 1.88 44.83
C ASP A 121 17.48 0.94 44.36
N GLY A 122 18.41 1.48 43.58
CA GLY A 122 19.51 0.72 43.02
C GLY A 122 20.60 1.63 42.46
N ILE A 123 21.82 1.11 42.39
CA ILE A 123 22.97 1.88 41.87
C ILE A 123 23.72 1.13 40.76
N VAL A 124 24.07 1.88 39.72
CA VAL A 124 25.03 1.44 38.74
C VAL A 124 26.34 2.20 38.93
N TYR A 125 27.42 1.44 39.11
CA TYR A 125 28.77 1.99 39.35
C TYR A 125 29.73 1.74 38.18
N MET A 126 30.33 2.83 37.65
CA MET A 126 31.43 2.80 36.70
C MET A 126 32.61 3.58 37.24
N GLY A 127 33.82 3.14 36.95
CA GLY A 127 35.02 3.84 37.39
C GLY A 127 36.31 3.12 37.01
N SER A 128 37.43 3.80 37.21
CA SER A 128 38.76 3.16 37.11
C SER A 128 38.89 1.94 38.02
N SER A 129 38.46 2.07 39.27
CA SER A 129 38.42 0.96 40.22
C SER A 129 37.49 1.27 41.37
N LEU A 130 36.95 0.24 42.00
CA LEU A 130 36.14 0.40 43.18
C LEU A 130 37.10 0.50 44.37
N ASP A 131 37.23 1.71 44.94
CA ASP A 131 38.07 1.90 46.14
C ASP A 131 37.49 1.13 47.32
N GLU A 132 38.34 0.70 48.26
CA GLU A 132 37.84 -0.08 49.39
C GLU A 132 36.78 0.67 50.19
N LYS A 133 36.94 1.99 50.33
CA LYS A 133 35.94 2.82 51.01
C LYS A 133 34.56 2.72 50.34
N ILE A 134 34.58 2.67 49.02
CA ILE A 134 33.34 2.66 48.24
C ILE A 134 32.61 1.31 48.38
N ARG A 135 33.35 0.20 48.39
CA ARG A 135 32.80 -1.11 48.85
C ARG A 135 32.09 -1.09 50.24
N THR A 136 32.69 -0.42 51.21
CA THR A 136 32.14 -0.44 52.56
C THR A 136 30.84 0.35 52.65
N SER A 137 30.78 1.49 51.96
CA SER A 137 29.59 2.35 52.00
C SER A 137 28.36 1.62 51.49
N LEU A 138 28.57 0.81 50.46
CA LEU A 138 27.52 0.03 49.83
C LEU A 138 27.05 -1.09 50.75
N LYS A 139 28.02 -1.80 51.32
CA LYS A 139 27.78 -2.77 52.37
C LYS A 139 26.78 -2.20 53.37
N ASN A 140 27.14 -1.06 53.99
CA ASN A 140 26.33 -0.52 55.10
C ASN A 140 24.94 -0.02 54.66
N SER A 141 24.78 0.26 53.36
CA SER A 141 23.51 0.76 52.81
C SER A 141 22.59 -0.37 52.39
N ARG A 142 23.18 -1.46 51.91
CA ARG A 142 22.43 -2.61 51.41
C ARG A 142 21.55 -2.30 50.18
N THR A 143 21.81 -1.19 49.51
CA THR A 143 21.14 -0.87 48.25
C THR A 143 21.66 -1.84 47.17
N PRO A 144 20.77 -2.43 46.37
CA PRO A 144 21.27 -3.26 45.25
C PRO A 144 22.24 -2.45 44.32
N VAL A 145 23.33 -3.10 43.91
CA VAL A 145 24.38 -2.45 43.10
C VAL A 145 24.94 -3.41 42.01
N VAL A 146 25.23 -2.83 40.85
CA VAL A 146 25.92 -3.52 39.75
C VAL A 146 27.12 -2.66 39.29
N LEU A 147 28.29 -3.27 39.23
CA LEU A 147 29.49 -2.67 38.62
C LEU A 147 29.51 -2.95 37.11
N VAL A 148 29.92 -1.96 36.34
CA VAL A 148 30.03 -2.15 34.90
C VAL A 148 31.44 -1.68 34.43
N GLY A 149 32.18 -2.60 33.82
CA GLY A 149 33.55 -2.36 33.36
C GLY A 149 34.60 -2.42 34.46
N THR A 150 34.20 -2.83 35.64
CA THR A 150 35.17 -3.10 36.68
C THR A 150 34.68 -4.33 37.46
N ILE A 151 35.60 -4.94 38.17
CA ILE A 151 35.39 -6.17 38.95
C ILE A 151 35.79 -5.98 40.42
N ASP A 152 34.91 -6.45 41.31
CA ASP A 152 35.16 -6.61 42.76
C ASP A 152 36.19 -7.73 42.95
N GLY A 153 37.29 -7.43 43.61
CA GLY A 153 38.29 -8.42 44.03
C GLY A 153 37.71 -9.63 44.74
N ASP A 154 36.72 -9.40 45.59
CA ASP A 154 36.10 -10.48 46.38
C ASP A 154 35.09 -11.31 45.58
N LYS A 155 34.72 -10.81 44.40
CA LYS A 155 33.79 -11.47 43.48
C LYS A 155 32.40 -11.60 44.06
N GLU A 156 32.02 -10.65 44.88
CA GLU A 156 30.72 -10.70 45.56
C GLU A 156 29.75 -9.68 44.97
N ILE A 157 30.22 -8.49 44.63
CA ILE A 157 29.34 -7.46 44.11
C ILE A 157 29.03 -7.84 42.65
N PRO A 158 27.74 -7.91 42.26
CA PRO A 158 27.42 -8.20 40.85
C PRO A 158 28.14 -7.28 39.85
N SER A 159 28.50 -7.83 38.70
CA SER A 159 29.22 -7.03 37.72
C SER A 159 28.97 -7.53 36.29
N VAL A 160 29.19 -6.62 35.34
CA VAL A 160 29.13 -6.90 33.90
C VAL A 160 30.42 -6.36 33.25
N ASN A 161 31.12 -7.28 32.58
CA ASN A 161 32.42 -7.06 31.92
C ASN A 161 32.60 -7.98 30.72
N ILE A 162 33.61 -7.70 29.89
CA ILE A 162 34.19 -8.74 29.00
C ILE A 162 35.18 -9.65 29.76
N ASP A 163 35.68 -10.68 29.06
CA ASP A 163 36.75 -11.55 29.54
C ASP A 163 38.10 -10.91 29.19
N TYR A 164 38.67 -10.20 30.16
CA TYR A 164 39.91 -9.42 29.95
C TYR A 164 41.11 -10.30 29.65
N HIS A 165 41.19 -11.44 30.35
CA HIS A 165 42.20 -12.48 30.10
C HIS A 165 42.21 -12.95 28.62
N LEU A 166 41.06 -13.38 28.13
CA LEU A 166 40.92 -13.90 26.76
C LEU A 166 41.25 -12.81 25.75
N ALA A 167 40.78 -11.59 26.00
CA ALA A 167 41.07 -10.48 25.06
C ALA A 167 42.57 -10.15 24.97
N ALA A 168 43.25 -10.14 26.11
CA ALA A 168 44.69 -9.90 26.20
C ALA A 168 45.47 -11.01 25.51
N TYR A 169 45.04 -12.24 25.74
CA TYR A 169 45.60 -13.40 25.03
C TYR A 169 45.47 -13.26 23.53
N GLN A 170 44.26 -13.04 23.05
CA GLN A 170 43.98 -12.92 21.62
C GLN A 170 44.70 -11.79 20.93
N SER A 171 44.78 -10.65 21.62
CA SER A 171 45.46 -9.47 21.09
C SER A 171 46.96 -9.73 20.96
N THR A 172 47.56 -10.31 22.00
CA THR A 172 48.98 -10.60 22.00
C THR A 172 49.31 -11.65 20.91
N LYS A 173 48.46 -12.67 20.78
CA LYS A 173 48.68 -13.72 19.79
C LYS A 173 48.59 -13.20 18.35
N LYS A 174 47.74 -12.21 18.14
CA LYS A 174 47.62 -11.57 16.83
C LYS A 174 48.92 -10.90 16.45
N LEU A 175 49.55 -10.23 17.40
CA LEU A 175 50.86 -9.60 17.17
C LEU A 175 52.01 -10.59 17.00
N ILE A 176 52.00 -11.67 17.79
CA ILE A 176 52.94 -12.77 17.60
C ILE A 176 52.85 -13.32 16.16
N ASP A 177 51.62 -13.54 15.72
CA ASP A 177 51.34 -14.16 14.44
C ASP A 177 51.69 -13.29 13.24
N SER A 178 51.81 -11.98 13.41
CA SER A 178 52.30 -11.12 12.34
C SER A 178 53.82 -10.87 12.44
N GLY A 179 54.51 -11.62 13.29
CA GLY A 179 55.97 -11.60 13.30
C GLY A 179 56.64 -10.91 14.48
N ASN A 180 55.87 -10.32 15.38
CA ASN A 180 56.46 -9.55 16.47
C ASN A 180 57.02 -10.44 17.58
N LYS A 181 58.23 -10.12 18.05
CA LYS A 181 58.89 -10.83 19.17
C LYS A 181 59.01 -9.97 20.42
N LYS A 182 59.04 -8.64 20.27
CA LYS A 182 59.09 -7.74 21.41
C LYS A 182 57.77 -6.93 21.44
N ILE A 183 56.87 -7.36 22.30
CA ILE A 183 55.48 -6.85 22.35
C ILE A 183 55.26 -6.20 23.69
N ALA A 184 54.98 -4.90 23.68
CA ALA A 184 54.66 -4.17 24.92
C ALA A 184 53.16 -4.35 25.29
N TYR A 185 52.86 -4.31 26.58
CA TYR A 185 51.49 -4.22 27.08
C TYR A 185 51.39 -2.96 27.94
N ILE A 186 50.55 -2.01 27.51
CA ILE A 186 50.34 -0.77 28.24
C ILE A 186 48.98 -0.88 28.92
N MET A 187 48.95 -0.77 30.25
CA MET A 187 47.72 -0.96 31.00
C MET A 187 47.52 0.06 32.12
N GLY A 188 46.34 -0.01 32.76
CA GLY A 188 46.06 0.75 33.94
C GLY A 188 46.75 0.15 35.17
N SER A 189 46.24 0.47 36.36
CA SER A 189 46.81 -0.06 37.60
C SER A 189 46.73 -1.57 37.79
N LEU A 190 47.87 -2.17 38.13
CA LEU A 190 47.96 -3.60 38.45
C LEU A 190 47.31 -3.98 39.80
N LYS A 191 46.83 -3.00 40.55
CA LYS A 191 46.05 -3.31 41.74
C LYS A 191 44.63 -3.74 41.37
N ASP A 192 44.23 -3.44 40.13
CA ASP A 192 42.90 -3.79 39.62
C ASP A 192 42.84 -5.15 38.89
N VAL A 193 41.80 -5.93 39.20
CA VAL A 193 41.60 -7.27 38.65
C VAL A 193 41.58 -7.34 37.12
N GLU A 194 40.95 -6.37 36.49
CA GLU A 194 40.95 -6.30 35.02
C GLU A 194 42.38 -6.33 34.47
N ASN A 195 43.31 -5.65 35.12
CA ASN A 195 44.71 -5.61 34.67
C ASN A 195 45.56 -6.84 35.06
N THR A 196 45.31 -7.41 36.25
CA THR A 196 45.93 -8.69 36.60
C THR A 196 45.51 -9.80 35.60
N GLU A 197 44.26 -9.78 35.18
CA GLU A 197 43.73 -10.69 34.17
C GLU A 197 44.42 -10.52 32.81
N ARG A 198 44.65 -9.26 32.42
CA ARG A 198 45.36 -8.92 31.18
C ARG A 198 46.78 -9.45 31.21
N MET A 199 47.47 -9.24 32.34
CA MET A 199 48.82 -9.75 32.53
C MET A 199 48.87 -11.26 32.33
N VAL A 200 47.91 -12.00 32.87
CA VAL A 200 47.88 -13.47 32.74
C VAL A 200 47.71 -13.88 31.26
N GLY A 201 46.76 -13.28 30.57
CA GLY A 201 46.54 -13.48 29.14
C GLY A 201 47.76 -13.22 28.27
N TYR A 202 48.36 -12.04 28.43
CA TYR A 202 49.65 -11.68 27.80
C TYR A 202 50.73 -12.75 28.02
N GLN A 203 50.96 -13.09 29.27
CA GLN A 203 51.90 -14.14 29.63
C GLN A 203 51.61 -15.50 28.99
N GLU A 204 50.35 -15.91 28.95
CA GLU A 204 49.97 -17.18 28.31
C GLU A 204 50.34 -17.20 26.81
N ALA A 205 50.07 -16.10 26.13
CA ALA A 205 50.39 -15.96 24.72
C ALA A 205 51.92 -16.04 24.49
N LEU A 206 52.69 -15.30 25.29
CA LEU A 206 54.16 -15.31 25.17
C LEU A 206 54.72 -16.70 25.40
N LEU A 207 54.26 -17.36 26.46
CA LEU A 207 54.72 -18.72 26.80
C LEU A 207 54.44 -19.72 25.66
N GLU A 208 53.25 -19.64 25.10
CA GLU A 208 52.86 -20.56 24.04
C GLU A 208 53.76 -20.39 22.81
N ALA A 209 54.23 -19.17 22.60
CA ALA A 209 55.12 -18.87 21.49
C ALA A 209 56.61 -19.01 21.84
N ASN A 210 56.93 -19.45 23.06
CA ASN A 210 58.33 -19.53 23.54
C ASN A 210 59.09 -18.19 23.52
N ILE A 211 58.38 -17.10 23.77
CA ILE A 211 58.97 -15.79 23.98
C ILE A 211 59.06 -15.58 25.51
N GLU A 212 60.25 -15.25 26.01
CA GLU A 212 60.48 -15.02 27.45
C GLU A 212 59.74 -13.76 27.92
N PHE A 213 59.04 -13.86 29.05
CA PHE A 213 58.41 -12.70 29.68
C PHE A 213 59.46 -11.71 30.16
N ASP A 214 59.24 -10.43 29.87
CA ASP A 214 60.11 -9.35 30.33
C ASP A 214 59.24 -8.24 30.95
N GLU A 215 59.39 -8.05 32.25
CA GLU A 215 58.62 -7.03 32.97
C GLU A 215 58.80 -5.60 32.46
N ASN A 216 59.94 -5.35 31.81
CA ASN A 216 60.23 -4.03 31.30
C ASN A 216 59.45 -3.66 30.04
N LEU A 217 58.71 -4.62 29.46
CA LEU A 217 57.81 -4.30 28.35
C LEU A 217 56.36 -4.17 28.80
N VAL A 218 56.11 -4.21 30.11
CA VAL A 218 54.79 -3.93 30.66
C VAL A 218 54.81 -2.56 31.34
N PHE A 219 53.93 -1.69 30.86
CA PHE A 219 53.82 -0.29 31.32
C PHE A 219 52.48 -0.02 31.99
N GLU A 220 52.51 0.07 33.32
CA GLU A 220 51.32 0.16 34.16
C GLU A 220 50.99 1.58 34.57
N GLY A 221 49.71 1.78 34.91
CA GLY A 221 49.20 3.03 35.44
C GLY A 221 48.86 4.08 34.39
N ASN A 222 48.55 3.64 33.17
CA ASN A 222 48.32 4.56 32.04
C ASN A 222 46.83 4.68 31.67
N TYR A 223 46.33 5.92 31.70
CA TYR A 223 44.90 6.21 31.49
C TYR A 223 44.66 7.29 30.44
N SER A 224 45.63 8.20 30.27
CA SER A 224 45.42 9.41 29.42
C SER A 224 46.14 9.41 28.06
N TYR A 225 45.57 10.19 27.13
CA TYR A 225 46.23 10.61 25.87
C TYR A 225 47.67 11.08 26.04
N GLU A 226 47.90 11.99 26.99
CA GLU A 226 49.22 12.51 27.27
C GLU A 226 50.21 11.42 27.71
N GLN A 227 49.78 10.49 28.55
CA GLN A 227 50.63 9.38 28.96
C GLN A 227 51.01 8.50 27.78
N GLY A 228 50.05 8.25 26.88
CA GLY A 228 50.30 7.48 25.65
C GLY A 228 51.36 8.11 24.75
N LYS A 229 51.23 9.43 24.54
CA LYS A 229 52.20 10.18 23.76
C LYS A 229 53.61 10.06 24.36
N ALA A 230 53.73 10.17 25.68
CA ALA A 230 55.04 10.13 26.36
C ALA A 230 55.72 8.73 26.37
N LEU A 231 54.93 7.70 26.16
CA LEU A 231 55.42 6.33 26.14
C LEU A 231 56.10 5.93 24.85
N ALA A 232 55.78 6.58 23.74
CA ALA A 232 56.37 6.19 22.43
C ALA A 232 57.92 6.06 22.46
N GLU A 233 58.61 7.06 22.98
CA GLU A 233 60.06 7.03 22.94
C GLU A 233 60.61 5.93 23.86
N ARG A 234 59.92 5.67 24.97
CA ARG A 234 60.34 4.61 25.89
C ARG A 234 60.23 3.22 25.23
N LEU A 235 59.14 2.96 24.51
CA LEU A 235 58.92 1.68 23.82
C LEU A 235 59.97 1.43 22.71
N LEU A 236 60.27 2.48 21.93
CA LEU A 236 61.28 2.42 20.89
C LEU A 236 62.68 2.14 21.46
N GLU A 237 63.02 2.83 22.56
CA GLU A 237 64.33 2.60 23.20
C GLU A 237 64.49 1.16 23.74
N ARG A 238 63.37 0.51 24.07
CA ARG A 238 63.38 -0.89 24.48
C ARG A 238 63.28 -1.90 23.33
N GLY A 239 63.23 -1.43 22.09
CA GLY A 239 63.09 -2.33 20.96
C GLY A 239 61.70 -2.96 20.75
N ALA A 240 60.67 -2.41 21.39
CA ALA A 240 59.29 -2.87 21.12
C ALA A 240 58.90 -2.56 19.67
N THR A 241 58.33 -3.55 18.98
CA THR A 241 57.85 -3.39 17.62
C THR A 241 56.33 -3.33 17.54
N SER A 242 55.69 -3.51 18.69
CA SER A 242 54.22 -3.50 18.78
C SER A 242 53.75 -3.30 20.23
N ALA A 243 52.48 -2.95 20.42
CA ALA A 243 51.86 -2.77 21.73
C ALA A 243 50.38 -3.13 21.72
N VAL A 244 49.96 -3.85 22.76
CA VAL A 244 48.57 -3.92 23.16
C VAL A 244 48.32 -2.85 24.21
N VAL A 245 47.20 -2.13 24.09
CA VAL A 245 46.90 -0.99 24.93
C VAL A 245 45.48 -1.16 25.51
N SER A 246 45.35 -1.17 26.84
CA SER A 246 44.04 -1.34 27.49
C SER A 246 43.05 -0.19 27.24
N HIS A 247 43.52 1.05 27.24
CA HIS A 247 42.64 2.22 27.13
C HIS A 247 42.81 2.91 25.77
N ASP A 248 41.67 3.13 25.10
CA ASP A 248 41.64 3.77 23.76
C ASP A 248 42.30 5.16 23.75
N THR A 249 42.10 5.94 24.83
CA THR A 249 42.70 7.26 24.99
C THR A 249 44.25 7.22 24.90
N VAL A 250 44.83 6.25 25.61
CA VAL A 250 46.26 6.04 25.63
C VAL A 250 46.73 5.56 24.25
N ALA A 251 45.97 4.66 23.60
CA ALA A 251 46.33 4.12 22.29
C ALA A 251 46.37 5.23 21.22
N VAL A 252 45.37 6.12 21.24
CA VAL A 252 45.36 7.30 20.34
C VAL A 252 46.60 8.20 20.56
N GLY A 253 46.94 8.49 21.82
CA GLY A 253 48.16 9.21 22.16
C GLY A 253 49.43 8.52 21.67
N LEU A 254 49.52 7.21 21.88
CA LEU A 254 50.69 6.46 21.41
C LEU A 254 50.87 6.52 19.88
N LEU A 255 49.79 6.26 19.16
CA LEU A 255 49.81 6.27 17.69
C LEU A 255 50.21 7.63 17.15
N SER A 256 49.66 8.67 17.76
CA SER A 256 49.91 10.04 17.36
C SER A 256 51.40 10.38 17.51
N ALA A 257 52.01 10.00 18.64
CA ALA A 257 53.44 10.21 18.86
C ALA A 257 54.31 9.40 17.87
N MET A 258 53.95 8.16 17.58
CA MET A 258 54.69 7.32 16.61
C MET A 258 54.66 7.97 15.21
N MET A 259 53.48 8.44 14.83
CA MET A 259 53.30 9.05 13.52
C MET A 259 54.13 10.34 13.43
N ASP A 260 54.09 11.16 14.48
CA ASP A 260 54.87 12.40 14.50
C ASP A 260 56.39 12.20 14.54
N LYS A 261 56.85 11.04 15.02
CA LYS A 261 58.26 10.62 14.95
C LYS A 261 58.63 10.01 13.59
N GLY A 262 57.64 9.81 12.72
CA GLY A 262 57.88 9.24 11.40
C GLY A 262 58.04 7.73 11.40
N VAL A 263 57.59 7.07 12.46
CA VAL A 263 57.55 5.62 12.51
C VAL A 263 56.46 5.11 11.57
N LYS A 264 56.79 4.08 10.78
CA LYS A 264 55.84 3.48 9.85
C LYS A 264 54.85 2.53 10.57
N VAL A 265 53.57 2.89 10.52
CA VAL A 265 52.52 2.10 11.15
C VAL A 265 51.60 1.63 10.04
N PRO A 266 51.40 0.32 9.89
CA PRO A 266 51.80 -0.83 10.70
C PRO A 266 53.09 -1.55 10.27
N GLU A 267 53.80 -1.00 9.30
CA GLU A 267 54.94 -1.75 8.74
C GLU A 267 56.05 -2.03 9.76
N ASP A 268 56.38 -1.04 10.57
CA ASP A 268 57.44 -1.18 11.56
C ASP A 268 56.96 -1.18 13.05
N PHE A 269 55.74 -0.65 13.30
CA PHE A 269 55.11 -0.65 14.62
C PHE A 269 53.59 -0.89 14.49
N GLU A 270 53.10 -1.85 15.26
CA GLU A 270 51.68 -2.19 15.35
C GLU A 270 51.05 -1.92 16.74
N ILE A 271 49.77 -1.61 16.72
CA ILE A 271 49.01 -1.25 17.91
C ILE A 271 47.63 -1.89 17.87
N ILE A 272 47.26 -2.54 18.98
CA ILE A 272 45.90 -2.98 19.24
C ILE A 272 45.36 -2.27 20.51
N SER A 273 44.19 -1.64 20.37
CA SER A 273 43.55 -0.90 21.44
C SER A 273 42.57 -1.81 22.19
N GLY A 274 42.02 -1.29 23.29
CA GLY A 274 41.31 -2.14 24.25
C GLY A 274 39.81 -2.19 24.33
N ALA A 275 39.09 -1.24 23.75
CA ALA A 275 37.59 -1.20 23.90
C ALA A 275 36.74 -0.89 22.64
N ASN A 276 37.34 -0.28 21.63
CA ASN A 276 36.61 0.17 20.45
C ASN A 276 35.54 1.20 20.79
N SER A 277 35.83 2.11 21.69
CA SER A 277 35.04 3.32 21.80
C SER A 277 35.22 4.14 20.50
N PRO A 278 34.31 5.10 20.25
CA PRO A 278 34.31 5.81 18.97
C PRO A 278 35.66 6.38 18.51
N ILE A 279 36.47 6.85 19.48
CA ILE A 279 37.72 7.53 19.17
C ILE A 279 38.76 6.65 18.45
N THR A 280 38.62 5.32 18.48
CA THR A 280 39.55 4.44 17.78
C THR A 280 39.48 4.58 16.25
N GLN A 281 38.40 5.16 15.77
CA GLN A 281 38.20 5.43 14.34
C GLN A 281 38.65 6.83 13.90
N TYR A 282 39.06 7.66 14.85
CA TYR A 282 39.29 9.08 14.55
C TYR A 282 40.76 9.41 14.19
N THR A 283 41.63 8.43 14.35
CA THR A 283 43.02 8.50 13.88
C THR A 283 43.16 7.86 12.50
N TYR A 284 44.13 8.35 11.73
CA TYR A 284 44.65 7.63 10.57
C TYR A 284 46.16 7.47 10.69
N PRO A 285 46.65 6.21 10.72
CA PRO A 285 45.88 4.95 10.61
C PRO A 285 44.84 4.74 11.70
N THR A 286 43.71 4.14 11.32
CA THR A 286 42.68 3.74 12.27
C THR A 286 43.16 2.58 13.16
N LEU A 287 42.64 2.54 14.38
CA LEU A 287 43.10 1.58 15.39
C LEU A 287 42.36 0.26 15.40
N THR A 288 43.13 -0.80 15.18
CA THR A 288 42.69 -2.14 15.46
C THR A 288 42.36 -2.18 16.95
N SER A 289 41.23 -2.79 17.31
CA SER A 289 40.83 -2.83 18.70
C SER A 289 40.05 -4.08 19.07
N VAL A 290 40.25 -4.50 20.32
CA VAL A 290 39.25 -5.32 20.99
C VAL A 290 37.96 -4.51 21.03
N ASN A 291 36.85 -5.17 20.67
CA ASN A 291 35.54 -4.59 20.76
C ASN A 291 34.82 -5.02 22.02
N GLN A 292 34.69 -4.08 22.97
CA GLN A 292 33.78 -4.25 24.09
C GLN A 292 32.40 -3.73 23.65
N PRO A 293 31.36 -4.53 23.92
CA PRO A 293 29.99 -4.14 23.54
C PRO A 293 29.41 -3.09 24.51
N LEU A 294 29.84 -1.84 24.34
CA LEU A 294 29.66 -0.83 25.40
C LEU A 294 28.19 -0.56 25.72
N TYR A 295 27.37 -0.36 24.69
CA TYR A 295 25.93 -0.18 24.89
C TYR A 295 25.31 -1.37 25.66
N ASP A 296 25.66 -2.58 25.26
CA ASP A 296 25.12 -3.78 25.87
C ASP A 296 25.60 -4.02 27.31
N LEU A 297 26.85 -3.68 27.62
CA LEU A 297 27.31 -3.71 29.01
C LEU A 297 26.35 -2.95 29.91
N GLY A 298 25.98 -1.74 29.48
CA GLY A 298 25.03 -0.90 30.20
C GLY A 298 23.60 -1.46 30.26
N ALA A 299 23.09 -1.92 29.12
CA ALA A 299 21.74 -2.49 29.05
C ALA A 299 21.65 -3.79 29.88
N VAL A 300 22.66 -4.64 29.76
CA VAL A 300 22.71 -5.90 30.53
C VAL A 300 22.83 -5.63 32.05
N ALA A 301 23.64 -4.66 32.43
CA ALA A 301 23.77 -4.21 33.83
C ALA A 301 22.42 -3.70 34.42
N MET A 302 21.75 -2.85 33.65
CA MET A 302 20.45 -2.33 34.06
C MET A 302 19.40 -3.44 34.16
N ARG A 303 19.36 -4.39 33.24
CA ARG A 303 18.47 -5.55 33.39
C ARG A 303 18.75 -6.39 34.65
N LEU A 304 20.03 -6.58 34.98
CA LEU A 304 20.42 -7.32 36.17
C LEU A 304 20.04 -6.55 37.44
N LEU A 305 20.24 -5.23 37.44
CA LEU A 305 19.82 -4.38 38.56
C LEU A 305 18.31 -4.42 38.75
N THR A 306 17.60 -4.40 37.64
CA THR A 306 16.14 -4.59 37.65
C THR A 306 15.70 -5.87 38.43
N LYS A 307 16.30 -7.03 38.13
CA LYS A 307 16.01 -8.26 38.87
C LYS A 307 16.29 -8.13 40.35
N LEU A 308 17.45 -7.56 40.69
CA LEU A 308 17.83 -7.36 42.09
C LEU A 308 16.85 -6.44 42.84
N MET A 309 16.40 -5.37 42.19
CA MET A 309 15.44 -4.45 42.80
C MET A 309 14.04 -5.05 42.94
N LEU A 310 13.71 -6.03 42.09
CA LEU A 310 12.45 -6.79 42.16
C LEU A 310 12.54 -8.00 43.10
N LYS A 311 13.74 -8.25 43.63
CA LYS A 311 14.07 -9.41 44.46
C LYS A 311 13.88 -10.75 43.75
N GLU A 312 14.12 -10.77 42.43
CA GLU A 312 14.15 -12.01 41.65
C GLU A 312 15.50 -12.69 41.83
N ASP A 313 15.49 -14.02 41.82
CA ASP A 313 16.72 -14.79 42.09
C ASP A 313 17.73 -14.66 40.96
N VAL A 314 19.01 -14.57 41.33
CA VAL A 314 20.07 -14.45 40.33
C VAL A 314 21.13 -15.53 40.52
N GLU A 315 21.06 -16.53 39.64
CA GLU A 315 22.08 -17.56 39.46
C GLU A 315 23.52 -17.02 39.46
N GLN A 316 23.93 -16.42 38.34
CA GLN A 316 25.29 -15.97 38.16
C GLN A 316 25.20 -14.47 38.23
N ASN A 317 25.94 -13.84 39.15
CA ASN A 317 25.94 -12.38 39.18
C ASN A 317 27.23 -11.73 38.64
N GLN A 318 28.18 -12.53 38.14
CA GLN A 318 29.40 -12.01 37.47
C GLN A 318 29.20 -12.29 36.00
N LEU A 319 28.56 -11.36 35.31
CA LEU A 319 28.19 -11.58 33.92
C LEU A 319 29.33 -11.22 32.98
N VAL A 320 29.54 -12.09 31.97
CA VAL A 320 30.60 -11.90 30.97
C VAL A 320 29.99 -11.81 29.60
N LEU A 321 30.20 -10.68 28.90
CA LEU A 321 29.72 -10.54 27.51
C LEU A 321 30.82 -10.88 26.50
N ASP A 322 30.42 -11.35 25.33
CA ASP A 322 31.38 -11.73 24.27
C ASP A 322 32.04 -10.50 23.69
N HIS A 323 33.29 -10.65 23.25
CA HIS A 323 33.99 -9.62 22.50
C HIS A 323 34.51 -10.18 21.17
N GLU A 324 35.03 -9.30 20.33
CA GLU A 324 35.79 -9.71 19.19
C GLU A 324 36.86 -8.67 18.92
N ILE A 325 37.71 -8.92 17.92
CA ILE A 325 38.73 -7.94 17.47
C ILE A 325 38.32 -7.36 16.12
N PHE A 326 38.28 -6.05 16.05
CA PHE A 326 38.06 -5.34 14.79
C PHE A 326 39.42 -4.93 14.21
N SER A 327 39.72 -5.48 13.04
CA SER A 327 41.01 -5.27 12.36
C SER A 327 40.94 -4.00 11.51
N ARG A 328 41.87 -3.09 11.74
CA ARG A 328 41.93 -1.80 11.09
C ARG A 328 43.36 -1.55 10.60
N ARG A 329 43.75 -0.29 10.35
CA ARG A 329 45.00 -0.01 9.65
C ARG A 329 46.28 -0.10 10.51
N SER A 330 46.13 -0.18 11.83
CA SER A 330 47.28 -0.15 12.75
C SER A 330 47.89 -1.53 13.04
N THR A 331 47.34 -2.55 12.41
CA THR A 331 47.97 -3.87 12.40
C THR A 331 48.14 -4.33 10.97
N LYS A 332 49.15 -5.18 10.76
CA LYS A 332 49.48 -5.71 9.43
C LYS A 332 48.42 -6.66 8.97
N THR B 63 -46.42 11.46 31.47
CA THR B 63 -45.26 10.57 31.13
C THR B 63 -44.64 10.95 29.77
N THR B 64 -43.72 11.91 29.77
CA THR B 64 -43.12 12.39 28.52
C THR B 64 -42.17 11.33 27.94
N THR B 65 -42.41 10.96 26.68
CA THR B 65 -41.62 9.93 26.00
C THR B 65 -40.88 10.50 24.78
N VAL B 66 -39.57 10.29 24.76
CA VAL B 66 -38.68 10.74 23.69
C VAL B 66 -38.27 9.54 22.83
N GLY B 67 -38.40 9.70 21.51
CA GLY B 67 -37.97 8.71 20.55
C GLY B 67 -36.73 9.21 19.87
N VAL B 68 -35.64 8.44 19.96
CA VAL B 68 -34.40 8.78 19.26
C VAL B 68 -34.19 7.81 18.12
N ILE B 69 -33.84 8.35 16.95
CA ILE B 69 -33.53 7.54 15.78
C ILE B 69 -32.07 7.79 15.41
N LEU B 70 -31.34 6.70 15.21
CA LEU B 70 -29.96 6.77 14.74
C LEU B 70 -29.68 5.57 13.83
N PRO B 71 -28.65 5.65 12.97
CA PRO B 71 -28.31 4.51 12.10
C PRO B 71 -28.05 3.21 12.86
N THR B 72 -27.20 3.27 13.89
CA THR B 72 -26.86 2.08 14.71
C THR B 72 -26.10 2.43 15.99
N ILE B 73 -26.52 1.84 17.11
CA ILE B 73 -25.79 1.98 18.39
C ILE B 73 -24.34 1.49 18.36
N THR B 74 -23.97 0.72 17.33
CA THR B 74 -22.58 0.29 17.15
C THR B 74 -21.67 1.43 16.67
N SER B 75 -22.27 2.52 16.20
CA SER B 75 -21.55 3.74 15.88
C SER B 75 -21.14 4.45 17.16
N THR B 76 -19.83 4.57 17.41
CA THR B 76 -19.35 5.34 18.57
C THR B 76 -19.63 6.84 18.39
N TYR B 77 -19.66 7.32 17.14
CA TYR B 77 -20.09 8.68 16.84
C TYR B 77 -21.49 8.95 17.38
N PHE B 78 -22.45 8.15 16.92
CA PHE B 78 -23.85 8.37 17.29
C PHE B 78 -24.18 7.96 18.72
N ALA B 79 -23.56 6.88 19.21
CA ALA B 79 -23.77 6.40 20.58
C ALA B 79 -23.36 7.43 21.63
N ALA B 80 -22.25 8.12 21.39
CA ALA B 80 -21.75 9.20 22.26
C ALA B 80 -22.70 10.40 22.32
N ILE B 81 -23.26 10.77 21.17
CA ILE B 81 -24.32 11.80 21.12
C ILE B 81 -25.56 11.36 21.89
N THR B 82 -25.98 10.11 21.66
CA THR B 82 -27.15 9.52 22.30
C THR B 82 -27.05 9.45 23.83
N ARG B 83 -25.84 9.22 24.33
CA ARG B 83 -25.60 9.22 25.77
C ARG B 83 -25.92 10.58 26.40
N GLY B 84 -25.62 11.66 25.68
CA GLY B 84 -25.95 13.02 26.12
C GLY B 84 -27.44 13.34 26.05
N VAL B 85 -28.09 12.89 24.99
CA VAL B 85 -29.56 12.94 24.91
C VAL B 85 -30.15 12.19 26.12
N ASP B 86 -29.63 10.98 26.38
CA ASP B 86 -30.11 10.15 27.48
C ASP B 86 -29.94 10.73 28.88
N ASP B 87 -28.84 11.46 29.14
CA ASP B 87 -28.61 12.04 30.47
C ASP B 87 -29.58 13.16 30.80
N ILE B 88 -29.90 13.98 29.81
CA ILE B 88 -30.81 15.11 29.98
C ILE B 88 -32.26 14.61 30.11
N ALA B 89 -32.67 13.68 29.25
CA ALA B 89 -33.99 13.05 29.35
C ALA B 89 -34.22 12.42 30.73
N SER B 90 -33.24 11.67 31.22
CA SER B 90 -33.35 10.97 32.51
C SER B 90 -33.37 11.92 33.71
N MET B 91 -32.77 13.09 33.55
CA MET B 91 -32.79 14.15 34.58
C MET B 91 -34.22 14.61 34.89
N TYR B 92 -35.08 14.59 33.87
CA TYR B 92 -36.49 14.95 34.03
C TYR B 92 -37.39 13.71 34.10
N LYS B 93 -36.78 12.54 34.20
CA LYS B 93 -37.49 11.25 34.25
C LYS B 93 -38.42 11.01 33.05
N TYR B 94 -37.96 11.38 31.85
CA TYR B 94 -38.67 11.04 30.62
C TYR B 94 -38.35 9.61 30.22
N ASN B 95 -39.28 8.96 29.51
CA ASN B 95 -39.01 7.67 28.89
C ASN B 95 -38.24 7.89 27.60
N MET B 96 -37.41 6.91 27.26
CA MET B 96 -36.53 6.96 26.10
C MET B 96 -36.75 5.73 25.24
N ILE B 97 -37.03 5.94 23.95
CA ILE B 97 -37.17 4.86 22.98
C ILE B 97 -36.09 4.99 21.91
N LEU B 98 -35.25 3.98 21.85
CA LEU B 98 -34.12 3.96 20.96
C LEU B 98 -34.48 3.08 19.75
N ALA B 99 -34.19 3.58 18.55
CA ALA B 99 -34.51 2.89 17.30
C ALA B 99 -33.37 2.98 16.29
N ASN B 100 -32.89 1.84 15.82
CA ASN B 100 -31.82 1.77 14.82
C ASN B 100 -32.37 1.73 13.39
N SER B 101 -31.99 2.71 12.56
CA SER B 101 -32.55 2.83 11.20
C SER B 101 -31.69 2.17 10.11
N ASP B 102 -30.40 2.01 10.39
CA ASP B 102 -29.42 1.55 9.40
C ASP B 102 -29.36 2.49 8.17
N ASN B 103 -29.65 3.77 8.39
CA ASN B 103 -29.79 4.76 7.30
C ASN B 103 -30.73 4.32 6.18
N ASP B 104 -31.76 3.54 6.55
CA ASP B 104 -32.71 2.98 5.59
C ASP B 104 -34.02 3.78 5.69
N VAL B 105 -34.31 4.56 4.64
CA VAL B 105 -35.46 5.48 4.64
C VAL B 105 -36.81 4.76 4.80
N GLU B 106 -36.90 3.54 4.28
CA GLU B 106 -38.08 2.69 4.43
C GLU B 106 -38.24 2.28 5.90
N LYS B 107 -37.12 1.97 6.54
CA LYS B 107 -37.08 1.58 7.96
C LYS B 107 -37.39 2.79 8.85
N GLU B 108 -36.86 3.95 8.47
CA GLU B 108 -37.14 5.21 9.17
C GLU B 108 -38.62 5.58 9.10
N GLU B 109 -39.26 5.32 7.96
CA GLU B 109 -40.70 5.52 7.81
C GLU B 109 -41.48 4.62 8.77
N LYS B 110 -41.08 3.35 8.83
CA LYS B 110 -41.67 2.41 9.79
C LYS B 110 -41.42 2.81 11.27
N VAL B 111 -40.26 3.43 11.55
CA VAL B 111 -39.93 3.89 12.90
C VAL B 111 -40.85 5.03 13.35
N LEU B 112 -41.06 6.01 12.47
CA LEU B 112 -41.91 7.15 12.80
C LEU B 112 -43.35 6.70 13.08
N GLU B 113 -43.80 5.67 12.36
CA GLU B 113 -45.12 5.08 12.58
C GLU B 113 -45.25 4.47 13.96
N THR B 114 -44.22 3.73 14.37
CA THR B 114 -44.22 3.05 15.66
C THR B 114 -44.22 4.06 16.79
N PHE B 115 -43.43 5.11 16.63
CA PHE B 115 -43.40 6.24 17.57
C PHE B 115 -44.80 6.85 17.71
N LEU B 116 -45.52 6.96 16.60
CA LEU B 116 -46.85 7.55 16.57
C LEU B 116 -47.83 6.77 17.43
N SER B 117 -47.84 5.45 17.29
CA SER B 117 -48.74 4.58 18.07
C SER B 117 -48.36 4.55 19.55
N LYS B 118 -47.06 4.57 19.83
CA LYS B 118 -46.57 4.65 21.20
C LYS B 118 -46.61 6.08 21.75
N GLN B 119 -47.18 7.00 20.95
CA GLN B 119 -47.40 8.38 21.36
C GLN B 119 -46.14 9.03 21.97
N VAL B 120 -45.09 9.15 21.16
CA VAL B 120 -43.89 9.86 21.61
C VAL B 120 -44.18 11.35 21.52
N ASP B 121 -43.59 12.10 22.43
CA ASP B 121 -43.86 13.52 22.59
C ASP B 121 -42.85 14.40 21.89
N GLY B 122 -41.66 13.85 21.68
CA GLY B 122 -40.60 14.52 20.94
C GLY B 122 -39.67 13.50 20.30
N ILE B 123 -38.96 13.93 19.27
CA ILE B 123 -38.06 13.07 18.52
C ILE B 123 -36.71 13.76 18.36
N VAL B 124 -35.64 12.99 18.55
CA VAL B 124 -34.29 13.42 18.18
C VAL B 124 -33.85 12.58 17.00
N TYR B 125 -33.45 13.25 15.92
CA TYR B 125 -33.05 12.56 14.68
C TYR B 125 -31.53 12.64 14.43
N MET B 126 -30.91 11.49 14.18
CA MET B 126 -29.49 11.38 13.81
C MET B 126 -29.38 10.58 12.52
N GLY B 127 -28.49 10.99 11.63
CA GLY B 127 -28.25 10.26 10.39
C GLY B 127 -27.36 11.03 9.44
N SER B 128 -27.37 10.66 8.16
CA SER B 128 -26.58 11.36 7.15
C SER B 128 -27.22 12.71 6.82
N SER B 129 -28.44 12.65 6.30
CA SER B 129 -29.23 13.84 6.02
C SER B 129 -30.70 13.46 5.91
N LEU B 130 -31.57 14.34 6.40
CA LEU B 130 -32.99 14.08 6.46
C LEU B 130 -33.61 13.95 5.05
N ASP B 131 -34.09 12.76 4.74
CA ASP B 131 -34.67 12.46 3.43
C ASP B 131 -35.93 13.26 3.16
N GLU B 132 -36.28 13.40 1.89
CA GLU B 132 -37.57 13.96 1.46
C GLU B 132 -38.74 13.34 2.22
N LYS B 133 -38.82 12.01 2.19
CA LYS B 133 -39.99 11.29 2.68
C LYS B 133 -40.08 11.25 4.21
N ILE B 134 -38.95 11.43 4.88
CA ILE B 134 -38.92 11.49 6.34
C ILE B 134 -39.24 12.91 6.82
N ARG B 135 -38.64 13.91 6.17
CA ARG B 135 -38.87 15.31 6.52
C ARG B 135 -40.35 15.67 6.57
N THR B 136 -41.09 15.24 5.54
CA THR B 136 -42.52 15.53 5.43
C THR B 136 -43.37 14.77 6.47
N SER B 137 -42.93 13.56 6.81
CA SER B 137 -43.60 12.74 7.83
C SER B 137 -43.58 13.40 9.21
N LEU B 138 -42.55 14.20 9.47
CA LEU B 138 -42.44 14.95 10.71
C LEU B 138 -43.49 16.06 10.78
N LYS B 139 -43.62 16.82 9.70
CA LYS B 139 -44.60 17.91 9.62
C LYS B 139 -46.06 17.43 9.74
N ASN B 140 -46.36 16.30 9.09
CA ASN B 140 -47.70 15.69 9.18
C ASN B 140 -48.08 15.32 10.61
N SER B 141 -47.13 14.74 11.35
CA SER B 141 -47.36 14.31 12.72
C SER B 141 -47.44 15.46 13.72
N ARG B 142 -46.77 16.57 13.41
CA ARG B 142 -46.70 17.76 14.30
C ARG B 142 -45.91 17.52 15.60
N THR B 143 -45.05 16.49 15.60
CA THR B 143 -44.24 16.18 16.78
C THR B 143 -43.00 17.04 16.79
N PRO B 144 -42.67 17.66 17.96
CA PRO B 144 -41.38 18.32 18.12
C PRO B 144 -40.22 17.43 17.69
N VAL B 145 -39.26 17.99 16.95
CA VAL B 145 -38.09 17.24 16.49
C VAL B 145 -36.82 18.10 16.41
N VAL B 146 -35.69 17.51 16.80
CA VAL B 146 -34.36 18.12 16.67
C VAL B 146 -33.46 17.19 15.88
N LEU B 147 -32.68 17.76 14.97
CA LEU B 147 -31.67 17.00 14.21
C LEU B 147 -30.32 17.21 14.88
N VAL B 148 -29.51 16.15 14.97
CA VAL B 148 -28.16 16.26 15.52
C VAL B 148 -27.17 15.71 14.49
N GLY B 149 -26.11 16.48 14.20
CA GLY B 149 -25.09 16.06 13.25
C GLY B 149 -25.48 16.27 11.79
N THR B 150 -26.74 16.65 11.52
CA THR B 150 -27.19 16.94 10.16
C THR B 150 -27.80 18.34 10.14
N ILE B 151 -27.85 18.95 8.96
CA ILE B 151 -28.45 20.26 8.78
C ILE B 151 -29.60 20.17 7.78
N ASP B 152 -30.69 20.88 8.08
CA ASP B 152 -31.84 20.96 7.18
C ASP B 152 -31.49 21.94 6.06
N GLY B 153 -31.61 21.49 4.81
CA GLY B 153 -31.33 22.32 3.64
C GLY B 153 -32.15 23.60 3.61
N ASP B 154 -33.27 23.60 4.32
CA ASP B 154 -34.17 24.75 4.40
C ASP B 154 -33.98 25.57 5.69
N LYS B 155 -33.33 24.97 6.68
CA LYS B 155 -33.04 25.60 7.97
C LYS B 155 -34.30 25.95 8.78
N GLU B 156 -35.35 25.16 8.60
CA GLU B 156 -36.60 25.37 9.35
C GLU B 156 -36.73 24.40 10.53
N ILE B 157 -36.18 23.19 10.40
CA ILE B 157 -36.23 22.21 11.48
C ILE B 157 -35.08 22.49 12.44
N PRO B 158 -35.35 22.50 13.76
CA PRO B 158 -34.30 22.69 14.76
C PRO B 158 -33.15 21.68 14.66
N SER B 159 -31.92 22.13 14.89
CA SER B 159 -30.76 21.23 14.82
C SER B 159 -29.54 21.75 15.59
N VAL B 160 -28.66 20.82 15.94
CA VAL B 160 -27.45 21.13 16.69
C VAL B 160 -26.24 20.55 15.93
N ASN B 161 -25.28 21.41 15.63
CA ASN B 161 -24.12 21.05 14.84
C ASN B 161 -22.91 21.87 15.24
N ILE B 162 -21.74 21.46 14.79
CA ILE B 162 -20.59 22.35 14.76
C ILE B 162 -20.64 23.14 13.46
N ASP B 163 -19.74 24.12 13.34
CA ASP B 163 -19.58 24.89 12.11
C ASP B 163 -18.63 24.13 11.17
N TYR B 164 -19.21 23.31 10.28
CA TYR B 164 -18.45 22.47 9.36
C TYR B 164 -17.53 23.29 8.44
N HIS B 165 -18.08 24.40 7.95
CA HIS B 165 -17.34 25.38 7.14
C HIS B 165 -16.03 25.80 7.82
N LEU B 166 -16.13 26.32 9.04
CA LEU B 166 -14.98 26.75 9.82
C LEU B 166 -13.95 25.62 10.04
N ALA B 167 -14.43 24.44 10.42
CA ALA B 167 -13.56 23.28 10.68
C ALA B 167 -12.76 22.84 9.43
N ALA B 168 -13.41 22.88 8.26
CA ALA B 168 -12.77 22.52 7.00
C ALA B 168 -11.68 23.54 6.62
N TYR B 169 -11.99 24.83 6.81
CA TYR B 169 -11.00 25.88 6.60
C TYR B 169 -9.78 25.67 7.50
N GLN B 170 -10.02 25.57 8.81
CA GLN B 170 -8.94 25.45 9.79
C GLN B 170 -8.06 24.22 9.53
N SER B 171 -8.71 23.10 9.21
CA SER B 171 -8.02 21.84 8.91
C SER B 171 -7.13 21.98 7.67
N THR B 172 -7.69 22.58 6.62
CA THR B 172 -6.97 22.83 5.37
C THR B 172 -5.82 23.84 5.54
N LYS B 173 -6.07 24.89 6.31
CA LYS B 173 -5.04 25.89 6.60
C LYS B 173 -3.87 25.30 7.41
N LYS B 174 -4.17 24.34 8.27
CA LYS B 174 -3.17 23.62 9.03
C LYS B 174 -2.24 22.80 8.12
N LEU B 175 -2.82 22.22 7.07
CA LEU B 175 -2.04 21.45 6.10
C LEU B 175 -1.24 22.36 5.16
N ILE B 176 -1.87 23.45 4.71
CA ILE B 176 -1.17 24.47 3.90
C ILE B 176 0.03 25.03 4.67
N ASP B 177 -0.18 25.37 5.93
CA ASP B 177 0.86 25.98 6.76
C ASP B 177 2.05 25.06 7.00
N SER B 178 1.83 23.75 6.97
CA SER B 178 2.91 22.77 7.11
C SER B 178 3.56 22.41 5.76
N GLY B 179 3.24 23.15 4.71
CA GLY B 179 3.94 23.05 3.42
C GLY B 179 3.25 22.25 2.34
N ASN B 180 2.02 21.81 2.58
CA ASN B 180 1.29 21.02 1.59
C ASN B 180 0.66 21.90 0.52
N LYS B 181 0.82 21.48 -0.74
CA LYS B 181 0.30 22.21 -1.91
C LYS B 181 -0.83 21.45 -2.60
N LYS B 182 -0.74 20.12 -2.64
CA LYS B 182 -1.82 19.26 -3.11
C LYS B 182 -2.46 18.57 -1.91
N ILE B 183 -3.68 18.98 -1.59
CA ILE B 183 -4.34 18.58 -0.36
C ILE B 183 -5.70 17.98 -0.72
N ALA B 184 -5.89 16.69 -0.43
CA ALA B 184 -7.15 16.02 -0.76
C ALA B 184 -8.21 16.28 0.30
N TYR B 185 -9.48 16.23 -0.10
CA TYR B 185 -10.62 16.20 0.82
C TYR B 185 -11.46 14.96 0.57
N ILE B 186 -11.56 14.13 1.60
CA ILE B 186 -12.35 12.90 1.53
C ILE B 186 -13.63 13.06 2.38
N MET B 187 -14.78 12.96 1.73
CA MET B 187 -16.07 13.18 2.42
C MET B 187 -17.14 12.16 2.00
N GLY B 188 -18.29 12.24 2.67
CA GLY B 188 -19.48 11.52 2.26
C GLY B 188 -20.12 12.20 1.05
N SER B 189 -21.46 12.16 0.98
CA SER B 189 -22.19 12.71 -0.16
C SER B 189 -22.23 14.24 -0.19
N LEU B 190 -21.92 14.83 -1.36
CA LEU B 190 -22.06 16.29 -1.57
C LEU B 190 -23.52 16.76 -1.61
N LYS B 191 -24.46 15.81 -1.67
CA LYS B 191 -25.88 16.12 -1.54
C LYS B 191 -26.21 16.71 -0.15
N ASP B 192 -25.38 16.41 0.85
CA ASP B 192 -25.62 16.84 2.23
C ASP B 192 -24.99 18.20 2.56
N VAL B 193 -25.78 19.05 3.23
CA VAL B 193 -25.42 20.43 3.56
C VAL B 193 -24.10 20.51 4.31
N GLU B 194 -23.88 19.56 5.22
CA GLU B 194 -22.63 19.50 5.99
C GLU B 194 -21.41 19.34 5.08
N ASN B 195 -21.57 18.64 3.96
CA ASN B 195 -20.47 18.42 3.01
C ASN B 195 -20.28 19.57 2.02
N THR B 196 -21.36 20.28 1.66
CA THR B 196 -21.24 21.51 0.88
C THR B 196 -20.61 22.62 1.73
N GLU B 197 -20.97 22.66 3.01
CA GLU B 197 -20.39 23.66 3.92
C GLU B 197 -18.90 23.45 4.13
N ARG B 198 -18.50 22.18 4.24
CA ARG B 198 -17.08 21.79 4.27
C ARG B 198 -16.32 22.25 3.03
N MET B 199 -16.90 22.01 1.87
CA MET B 199 -16.29 22.35 0.58
C MET B 199 -16.07 23.86 0.43
N VAL B 200 -16.96 24.67 1.00
CA VAL B 200 -16.78 26.13 1.01
C VAL B 200 -15.56 26.53 1.86
N GLY B 201 -15.37 25.88 3.01
CA GLY B 201 -14.23 26.13 3.89
C GLY B 201 -12.89 25.70 3.28
N TYR B 202 -12.90 24.54 2.65
CA TYR B 202 -11.75 23.99 1.92
C TYR B 202 -11.31 24.92 0.78
N GLN B 203 -12.26 25.32 -0.06
CA GLN B 203 -12.02 26.24 -1.16
C GLN B 203 -11.63 27.63 -0.66
N GLU B 204 -12.22 28.04 0.47
CA GLU B 204 -11.88 29.33 1.11
C GLU B 204 -10.40 29.38 1.48
N ALA B 205 -9.90 28.29 2.06
CA ALA B 205 -8.51 28.20 2.48
C ALA B 205 -7.55 28.16 1.29
N LEU B 206 -7.94 27.46 0.22
CA LEU B 206 -7.13 27.38 -1.00
C LEU B 206 -7.05 28.73 -1.71
N LEU B 207 -8.20 29.38 -1.90
CA LEU B 207 -8.25 30.70 -2.54
C LEU B 207 -7.38 31.69 -1.79
N GLU B 208 -7.43 31.64 -0.46
CA GLU B 208 -6.60 32.48 0.40
C GLU B 208 -5.11 32.23 0.14
N ALA B 209 -4.74 30.96 0.02
CA ALA B 209 -3.33 30.57 -0.18
C ALA B 209 -2.84 30.71 -1.62
N ASN B 210 -3.75 31.09 -2.53
CA ASN B 210 -3.47 31.18 -3.96
C ASN B 210 -3.11 29.82 -4.57
N ILE B 211 -3.73 28.77 -4.05
CA ILE B 211 -3.69 27.43 -4.63
C ILE B 211 -4.98 27.23 -5.41
N GLU B 212 -4.87 26.80 -6.67
CA GLU B 212 -6.05 26.61 -7.51
C GLU B 212 -6.83 25.38 -7.09
N PHE B 213 -8.17 25.51 -7.07
CA PHE B 213 -9.06 24.41 -6.71
C PHE B 213 -9.09 23.32 -7.78
N ASP B 214 -8.72 22.11 -7.38
CA ASP B 214 -8.77 20.94 -8.27
C ASP B 214 -9.78 19.91 -7.75
N GLU B 215 -10.88 19.79 -8.48
CA GLU B 215 -11.94 18.80 -8.18
C GLU B 215 -11.46 17.34 -8.16
N ASN B 216 -10.35 17.04 -8.84
CA ASN B 216 -9.74 15.70 -8.79
C ASN B 216 -9.08 15.34 -7.45
N LEU B 217 -8.93 16.32 -6.56
CA LEU B 217 -8.45 16.04 -5.20
C LEU B 217 -9.61 15.81 -4.23
N VAL B 218 -10.85 15.92 -4.72
CA VAL B 218 -12.03 15.71 -3.89
C VAL B 218 -12.64 14.33 -4.13
N PHE B 219 -12.90 13.61 -3.05
CA PHE B 219 -13.42 12.25 -3.11
C PHE B 219 -14.69 12.13 -2.26
N GLU B 220 -15.85 12.17 -2.90
CA GLU B 220 -17.14 12.08 -2.19
C GLU B 220 -17.71 10.65 -2.17
N GLY B 221 -18.59 10.39 -1.22
CA GLY B 221 -19.27 9.10 -1.08
C GLY B 221 -18.53 8.09 -0.23
N ASN B 222 -17.67 8.59 0.65
CA ASN B 222 -16.76 7.75 1.42
C ASN B 222 -17.16 7.71 2.91
N TYR B 223 -17.61 6.53 3.34
CA TYR B 223 -18.12 6.29 4.70
C TYR B 223 -17.39 5.21 5.51
N SER B 224 -16.78 4.23 4.82
CA SER B 224 -16.25 3.03 5.49
C SER B 224 -14.73 2.97 5.59
N TYR B 225 -14.28 2.09 6.49
CA TYR B 225 -12.87 1.73 6.69
C TYR B 225 -12.22 1.18 5.41
N GLU B 226 -12.90 0.24 4.75
CA GLU B 226 -12.39 -0.34 3.51
C GLU B 226 -12.32 0.68 2.37
N GLN B 227 -13.28 1.60 2.33
CA GLN B 227 -13.26 2.70 1.35
C GLN B 227 -12.07 3.64 1.55
N GLY B 228 -11.73 3.89 2.80
CA GLY B 228 -10.53 4.66 3.14
C GLY B 228 -9.26 3.98 2.65
N LYS B 229 -9.15 2.68 2.94
CA LYS B 229 -8.03 1.87 2.45
C LYS B 229 -7.92 1.99 0.93
N ALA B 230 -9.06 1.83 0.26
CA ALA B 230 -9.10 1.83 -1.21
C ALA B 230 -8.57 3.12 -1.85
N LEU B 231 -8.60 4.22 -1.11
CA LEU B 231 -8.28 5.53 -1.68
C LEU B 231 -6.78 5.84 -1.76
N ALA B 232 -5.97 5.18 -0.93
CA ALA B 232 -4.54 5.55 -0.79
C ALA B 232 -3.83 5.61 -2.14
N GLU B 233 -3.95 4.54 -2.92
CA GLU B 233 -3.33 4.45 -4.25
C GLU B 233 -3.73 5.67 -5.07
N ARG B 234 -5.05 5.87 -5.19
CA ARG B 234 -5.63 6.97 -5.97
C ARG B 234 -5.04 8.34 -5.61
N LEU B 235 -4.90 8.60 -4.31
CA LEU B 235 -4.36 9.88 -3.81
C LEU B 235 -2.89 10.09 -4.17
N LEU B 236 -2.12 9.01 -4.13
CA LEU B 236 -0.70 9.04 -4.49
C LEU B 236 -0.51 9.18 -6.01
N GLU B 237 -1.50 8.76 -6.80
CA GLU B 237 -1.48 8.96 -8.25
C GLU B 237 -1.47 10.45 -8.58
N ARG B 238 -2.26 11.22 -7.83
CA ARG B 238 -2.46 12.64 -8.12
C ARG B 238 -1.50 13.55 -7.36
N GLY B 239 -0.54 12.96 -6.66
CA GLY B 239 0.50 13.72 -5.96
C GLY B 239 0.01 14.43 -4.70
N ALA B 240 -1.11 13.99 -4.15
CA ALA B 240 -1.58 14.49 -2.86
C ALA B 240 -0.58 14.13 -1.76
N THR B 241 -0.19 15.14 -0.97
CA THR B 241 0.73 14.95 0.15
C THR B 241 0.01 15.01 1.50
N SER B 242 -1.30 15.21 1.48
CA SER B 242 -2.12 15.22 2.70
C SER B 242 -3.60 15.05 2.39
N ALA B 243 -4.39 14.79 3.43
CA ALA B 243 -5.83 14.61 3.31
C ALA B 243 -6.60 15.11 4.54
N VAL B 244 -7.69 15.82 4.29
CA VAL B 244 -8.71 16.06 5.30
C VAL B 244 -9.84 15.06 5.04
N VAL B 245 -10.19 14.31 6.08
CA VAL B 245 -11.15 13.21 5.99
C VAL B 245 -12.30 13.42 6.97
N SER B 246 -13.53 13.40 6.49
CA SER B 246 -14.68 13.76 7.33
C SER B 246 -15.09 12.66 8.33
N HIS B 247 -14.97 11.40 7.94
CA HIS B 247 -15.34 10.27 8.80
C HIS B 247 -14.13 9.57 9.42
N ASP B 248 -14.14 9.43 10.74
CA ASP B 248 -13.05 8.78 11.48
C ASP B 248 -12.72 7.38 10.94
N THR B 249 -13.74 6.57 10.71
CA THR B 249 -13.56 5.21 10.18
C THR B 249 -12.75 5.23 8.87
N VAL B 250 -13.04 6.20 7.99
CA VAL B 250 -12.38 6.33 6.70
C VAL B 250 -10.90 6.77 6.85
N ALA B 251 -10.64 7.68 7.78
CA ALA B 251 -9.30 8.20 8.04
C ALA B 251 -8.38 7.10 8.59
N VAL B 252 -8.93 6.26 9.45
CA VAL B 252 -8.20 5.10 9.98
C VAL B 252 -7.79 4.14 8.86
N GLY B 253 -8.73 3.85 7.96
CA GLY B 253 -8.47 2.98 6.82
C GLY B 253 -7.40 3.53 5.90
N LEU B 254 -7.48 4.83 5.60
CA LEU B 254 -6.49 5.51 4.74
C LEU B 254 -5.08 5.50 5.37
N LEU B 255 -5.01 5.65 6.69
CA LEU B 255 -3.76 5.59 7.41
C LEU B 255 -3.14 4.18 7.32
N SER B 256 -3.94 3.16 7.64
CA SER B 256 -3.50 1.78 7.58
C SER B 256 -2.88 1.42 6.24
N ALA B 257 -3.52 1.87 5.16
CA ALA B 257 -3.06 1.58 3.80
C ALA B 257 -1.78 2.35 3.46
N MET B 258 -1.69 3.58 3.94
CA MET B 258 -0.52 4.42 3.72
C MET B 258 0.69 3.83 4.46
N MET B 259 0.45 3.33 5.67
CA MET B 259 1.50 2.68 6.46
C MET B 259 1.99 1.40 5.77
N ASP B 260 1.04 0.57 5.33
CA ASP B 260 1.34 -0.69 4.65
C ASP B 260 2.13 -0.51 3.36
N LYS B 261 1.95 0.62 2.69
CA LYS B 261 2.74 0.96 1.50
C LYS B 261 4.14 1.50 1.83
N GLY B 262 4.41 1.74 3.11
CA GLY B 262 5.70 2.24 3.55
C GLY B 262 5.81 3.76 3.44
N VAL B 263 4.66 4.42 3.26
CA VAL B 263 4.61 5.88 3.19
C VAL B 263 4.83 6.45 4.60
N LYS B 264 5.73 7.42 4.71
CA LYS B 264 6.08 8.03 5.99
C LYS B 264 5.05 9.08 6.42
N VAL B 265 4.45 8.87 7.60
CA VAL B 265 3.49 9.81 8.19
C VAL B 265 4.08 10.31 9.51
N PRO B 266 4.13 11.65 9.71
CA PRO B 266 3.64 12.75 8.88
C PRO B 266 4.64 13.30 7.87
N GLU B 267 5.82 12.68 7.75
CA GLU B 267 6.92 13.19 6.93
C GLU B 267 6.48 13.43 5.48
N ASP B 268 5.98 12.38 4.84
CA ASP B 268 5.61 12.40 3.41
C ASP B 268 4.10 12.54 3.16
N PHE B 269 3.28 12.16 4.13
CA PHE B 269 1.83 12.31 4.01
C PHE B 269 1.20 12.65 5.37
N GLU B 270 0.33 13.66 5.39
CA GLU B 270 -0.40 14.05 6.62
C GLU B 270 -1.90 13.78 6.50
N ILE B 271 -2.53 13.38 7.61
CA ILE B 271 -3.98 13.14 7.68
C ILE B 271 -4.60 13.84 8.89
N ILE B 272 -5.72 14.53 8.62
CA ILE B 272 -6.57 15.11 9.64
C ILE B 272 -7.97 14.47 9.52
N SER B 273 -8.46 13.91 10.62
CA SER B 273 -9.81 13.31 10.67
C SER B 273 -10.88 14.34 11.09
N GLY B 274 -12.15 14.01 10.89
CA GLY B 274 -13.25 14.98 11.07
C GLY B 274 -14.07 15.02 12.35
N ALA B 275 -13.91 14.10 13.29
CA ALA B 275 -14.76 14.10 14.50
C ALA B 275 -14.04 13.84 15.83
N ASN B 276 -13.02 12.99 15.81
CA ASN B 276 -12.40 12.47 17.02
C ASN B 276 -13.38 11.50 17.68
N SER B 277 -13.00 10.23 17.65
CA SER B 277 -13.75 9.15 18.27
C SER B 277 -12.68 8.23 18.80
N PRO B 278 -13.03 7.33 19.74
CA PRO B 278 -12.00 6.51 20.38
C PRO B 278 -10.99 5.88 19.39
N ILE B 279 -11.45 5.50 18.20
CA ILE B 279 -10.59 4.83 17.19
C ILE B 279 -9.45 5.72 16.63
N THR B 280 -9.68 7.04 16.56
CA THR B 280 -8.67 7.97 16.05
C THR B 280 -7.53 8.20 17.06
N GLN B 281 -7.83 7.96 18.34
CA GLN B 281 -6.84 8.17 19.39
C GLN B 281 -5.85 7.02 19.46
N TYR B 282 -6.19 5.87 18.86
CA TYR B 282 -5.47 4.62 19.12
C TYR B 282 -4.88 3.90 17.88
N THR B 283 -4.67 4.62 16.78
CA THR B 283 -3.85 4.12 15.68
C THR B 283 -2.40 4.55 15.88
N TYR B 284 -1.49 3.99 15.09
CA TYR B 284 -0.08 4.40 15.11
C TYR B 284 0.42 4.63 13.68
N PRO B 285 0.69 5.90 13.30
CA PRO B 285 0.66 7.10 14.15
C PRO B 285 -0.75 7.51 14.59
N THR B 286 -0.84 8.04 15.82
CA THR B 286 -2.11 8.57 16.34
C THR B 286 -2.63 9.68 15.42
N LEU B 287 -3.95 9.78 15.28
CA LEU B 287 -4.58 10.64 14.27
C LEU B 287 -4.96 12.04 14.75
N THR B 288 -4.35 13.06 14.15
CA THR B 288 -4.84 14.44 14.29
C THR B 288 -6.31 14.50 13.85
N SER B 289 -7.14 15.17 14.64
CA SER B 289 -8.57 15.16 14.39
C SER B 289 -9.25 16.46 14.81
N VAL B 290 -10.29 16.82 14.07
CA VAL B 290 -11.25 17.81 14.51
C VAL B 290 -12.05 17.21 15.66
N ASN B 291 -12.20 17.96 16.75
CA ASN B 291 -12.98 17.49 17.89
C ASN B 291 -14.39 18.09 17.92
N GLN B 292 -15.37 17.27 17.57
CA GLN B 292 -16.76 17.60 17.81
C GLN B 292 -17.13 17.16 19.22
N PRO B 293 -17.82 18.03 19.98
CA PRO B 293 -18.21 17.68 21.35
C PRO B 293 -19.49 16.83 21.34
N LEU B 294 -19.32 15.53 21.10
CA LEU B 294 -20.46 14.63 20.81
C LEU B 294 -21.45 14.56 21.98
N TYR B 295 -20.94 14.44 23.20
CA TYR B 295 -21.82 14.43 24.37
C TYR B 295 -22.66 15.72 24.42
N ASP B 296 -22.00 16.86 24.22
CA ASP B 296 -22.67 18.17 24.28
C ASP B 296 -23.65 18.40 23.12
N LEU B 297 -23.33 17.92 21.92
CA LEU B 297 -24.29 17.94 20.82
C LEU B 297 -25.62 17.27 21.25
N GLY B 298 -25.53 16.14 21.93
CA GLY B 298 -26.72 15.41 22.38
C GLY B 298 -27.47 16.14 23.49
N ALA B 299 -26.73 16.57 24.52
CA ALA B 299 -27.32 17.30 25.66
C ALA B 299 -28.03 18.60 25.24
N VAL B 300 -27.37 19.38 24.38
CA VAL B 300 -27.90 20.65 23.92
C VAL B 300 -29.18 20.45 23.09
N ALA B 301 -29.20 19.38 22.30
CA ALA B 301 -30.36 19.03 21.48
C ALA B 301 -31.56 18.62 22.33
N MET B 302 -31.30 17.87 23.40
CA MET B 302 -32.38 17.40 24.28
C MET B 302 -32.93 18.55 25.13
N ARG B 303 -32.07 19.47 25.53
CA ARG B 303 -32.50 20.67 26.27
C ARG B 303 -33.45 21.52 25.42
N LEU B 304 -33.14 21.63 24.12
CA LEU B 304 -33.98 22.35 23.16
C LEU B 304 -35.31 21.63 22.93
N LEU B 305 -35.26 20.31 22.79
CA LEU B 305 -36.46 19.51 22.61
C LEU B 305 -37.38 19.61 23.84
N THR B 306 -36.76 19.58 25.02
CA THR B 306 -37.48 19.80 26.28
C THR B 306 -38.30 21.10 26.25
N LYS B 307 -37.72 22.18 25.74
CA LYS B 307 -38.43 23.46 25.62
C LYS B 307 -39.59 23.38 24.65
N LEU B 308 -39.35 22.78 23.49
CA LEU B 308 -40.39 22.61 22.47
C LEU B 308 -41.57 21.79 22.99
N MET B 309 -41.27 20.69 23.67
CA MET B 309 -42.30 19.80 24.22
C MET B 309 -43.14 20.46 25.34
N LEU B 310 -42.58 21.49 25.96
CA LEU B 310 -43.32 22.30 26.94
C LEU B 310 -43.97 23.52 26.27
N LYS B 311 -43.95 23.56 24.94
CA LYS B 311 -44.49 24.69 24.16
C LYS B 311 -43.94 26.02 24.65
N GLU B 312 -42.62 26.08 24.78
CA GLU B 312 -41.93 27.31 25.15
C GLU B 312 -41.31 27.91 23.90
N ASP B 313 -41.20 29.24 23.88
CA ASP B 313 -40.66 29.96 22.73
C ASP B 313 -39.17 29.63 22.56
N VAL B 314 -38.76 29.51 21.30
CA VAL B 314 -37.37 29.22 20.96
C VAL B 314 -36.84 30.34 20.07
N GLU B 315 -36.12 31.27 20.68
CA GLU B 315 -35.49 32.39 19.96
C GLU B 315 -34.53 31.94 18.85
N GLN B 316 -33.89 30.79 19.04
CA GLN B 316 -32.98 30.23 18.04
C GLN B 316 -32.99 28.70 18.05
N ASN B 317 -33.44 28.11 16.94
CA ASN B 317 -33.55 26.67 16.80
C ASN B 317 -32.38 26.03 16.01
N GLN B 318 -31.53 26.86 15.40
CA GLN B 318 -30.36 26.38 14.66
C GLN B 318 -29.10 26.64 15.48
N LEU B 319 -28.73 25.68 16.32
CA LEU B 319 -27.60 25.85 17.25
C LEU B 319 -26.26 25.40 16.66
N VAL B 320 -25.19 26.08 17.04
CA VAL B 320 -23.83 25.75 16.57
C VAL B 320 -22.86 25.70 17.76
N LEU B 321 -22.30 24.52 18.02
CA LEU B 321 -21.34 24.35 19.12
C LEU B 321 -19.90 24.45 18.64
N ASP B 322 -19.02 24.87 19.55
CA ASP B 322 -17.62 25.08 19.24
C ASP B 322 -16.92 23.74 19.08
N HIS B 323 -15.90 23.72 18.25
CA HIS B 323 -15.08 22.54 18.06
C HIS B 323 -13.62 22.90 18.36
N GLU B 324 -12.74 21.91 18.30
CA GLU B 324 -11.30 22.14 18.43
C GLU B 324 -10.59 21.25 17.44
N ILE B 325 -9.27 21.38 17.35
CA ILE B 325 -8.44 20.47 16.57
C ILE B 325 -7.39 19.89 17.51
N PHE B 326 -7.43 18.58 17.69
CA PHE B 326 -6.46 17.89 18.51
C PHE B 326 -5.30 17.40 17.64
N SER B 327 -4.14 18.03 17.80
CA SER B 327 -2.97 17.71 16.99
C SER B 327 -2.26 16.52 17.58
N ARG B 328 -1.99 15.53 16.74
CA ARG B 328 -1.31 14.32 17.16
C ARG B 328 -0.26 13.94 16.11
N ARG B 329 0.12 12.67 16.06
CA ARG B 329 1.30 12.22 15.32
C ARG B 329 1.11 12.17 13.81
N SER B 330 -0.13 12.27 13.31
CA SER B 330 -0.39 12.25 11.86
C SER B 330 -0.28 13.61 11.12
N THR B 331 0.22 14.64 11.82
CA THR B 331 0.54 15.93 11.18
C THR B 331 1.88 16.46 11.66
N LYS B 332 2.44 17.44 10.95
CA LYS B 332 3.75 18.02 11.30
C LYS B 332 3.59 19.09 12.38
N THR C 63 -48.44 -6.56 26.85
CA THR C 63 -47.48 -6.18 25.78
C THR C 63 -46.06 -6.29 26.32
N THR C 64 -45.34 -7.31 25.86
CA THR C 64 -44.08 -7.69 26.48
C THR C 64 -43.02 -6.60 26.37
N THR C 65 -42.42 -6.26 27.52
CA THR C 65 -41.38 -5.25 27.60
C THR C 65 -40.13 -5.84 28.24
N VAL C 66 -39.02 -5.70 27.55
CA VAL C 66 -37.72 -6.19 28.02
C VAL C 66 -36.86 -5.02 28.48
N GLY C 67 -36.26 -5.17 29.65
CA GLY C 67 -35.27 -4.21 30.14
C GLY C 67 -33.87 -4.77 29.96
N VAL C 68 -32.98 -3.95 29.37
CA VAL C 68 -31.61 -4.36 29.10
C VAL C 68 -30.70 -3.45 29.91
N ILE C 69 -29.88 -4.05 30.77
CA ILE C 69 -28.89 -3.33 31.55
C ILE C 69 -27.48 -3.58 30.98
N LEU C 70 -26.78 -2.50 30.63
CA LEU C 70 -25.40 -2.57 30.20
C LEU C 70 -24.62 -1.37 30.75
N PRO C 71 -23.29 -1.47 30.86
CA PRO C 71 -22.50 -0.34 31.36
C PRO C 71 -22.69 0.98 30.57
N THR C 72 -22.46 0.92 29.26
CA THR C 72 -22.65 2.08 28.39
C THR C 72 -22.76 1.66 26.93
N ILE C 73 -23.59 2.36 26.17
CA ILE C 73 -23.73 2.09 24.72
C ILE C 73 -22.53 2.54 23.90
N THR C 74 -21.61 3.29 24.51
CA THR C 74 -20.35 3.69 23.87
C THR C 74 -19.29 2.57 23.87
N SER C 75 -19.50 1.51 24.66
CA SER C 75 -18.71 0.28 24.55
C SER C 75 -19.05 -0.46 23.27
N THR C 76 -18.11 -0.57 22.33
CA THR C 76 -18.38 -1.30 21.08
C THR C 76 -18.69 -2.78 21.35
N TYR C 77 -18.12 -3.34 22.42
CA TYR C 77 -18.37 -4.71 22.81
C TYR C 77 -19.84 -4.93 23.17
N PHE C 78 -20.33 -4.16 24.14
CA PHE C 78 -21.67 -4.33 24.67
C PHE C 78 -22.76 -3.83 23.70
N ALA C 79 -22.43 -2.83 22.90
CA ALA C 79 -23.36 -2.33 21.87
C ALA C 79 -23.56 -3.36 20.75
N ALA C 80 -22.53 -4.13 20.44
CA ALA C 80 -22.62 -5.20 19.43
C ALA C 80 -23.55 -6.32 19.88
N ILE C 81 -23.48 -6.66 21.17
CA ILE C 81 -24.38 -7.64 21.77
C ILE C 81 -25.83 -7.10 21.82
N THR C 82 -25.97 -5.87 22.31
CA THR C 82 -27.26 -5.19 22.40
C THR C 82 -28.01 -5.11 21.07
N ARG C 83 -27.28 -4.88 19.99
CA ARG C 83 -27.90 -4.83 18.65
C ARG C 83 -28.54 -6.17 18.28
N GLY C 84 -27.89 -7.26 18.70
CA GLY C 84 -28.42 -8.62 18.56
C GLY C 84 -29.68 -8.85 19.35
N VAL C 85 -29.68 -8.42 20.62
CA VAL C 85 -30.87 -8.52 21.49
C VAL C 85 -32.01 -7.70 20.91
N ASP C 86 -31.71 -6.47 20.50
CA ASP C 86 -32.68 -5.60 19.84
C ASP C 86 -33.38 -6.26 18.65
N ASP C 87 -32.59 -6.90 17.79
CA ASP C 87 -33.15 -7.50 16.56
C ASP C 87 -34.18 -8.60 16.85
N ILE C 88 -33.94 -9.41 17.88
CA ILE C 88 -34.87 -10.48 18.24
C ILE C 88 -36.09 -9.89 18.96
N ALA C 89 -35.90 -8.82 19.71
CA ALA C 89 -37.00 -8.10 20.35
C ALA C 89 -37.98 -7.56 19.30
N SER C 90 -37.43 -6.85 18.32
CA SER C 90 -38.21 -6.31 17.21
C SER C 90 -38.85 -7.39 16.34
N MET C 91 -38.28 -8.59 16.36
CA MET C 91 -38.87 -9.74 15.65
C MET C 91 -40.20 -10.13 16.29
N TYR C 92 -40.18 -10.33 17.60
CA TYR C 92 -41.35 -10.69 18.38
C TYR C 92 -42.21 -9.47 18.79
N LYS C 93 -41.85 -8.30 18.26
CA LYS C 93 -42.57 -7.05 18.50
C LYS C 93 -42.61 -6.63 19.99
N TYR C 94 -41.55 -6.92 20.74
CA TYR C 94 -41.46 -6.54 22.16
C TYR C 94 -40.88 -5.15 22.32
N ASN C 95 -41.30 -4.43 23.35
CA ASN C 95 -40.71 -3.13 23.66
C ASN C 95 -39.40 -3.29 24.43
N MET C 96 -38.53 -2.29 24.29
CA MET C 96 -37.18 -2.34 24.82
C MET C 96 -36.89 -1.11 25.65
N ILE C 97 -36.29 -1.32 26.82
CA ILE C 97 -35.85 -0.23 27.68
C ILE C 97 -34.36 -0.44 27.95
N LEU C 98 -33.55 0.53 27.53
CA LEU C 98 -32.10 0.44 27.63
C LEU C 98 -31.62 1.40 28.73
N ALA C 99 -30.89 0.87 29.70
CA ALA C 99 -30.33 1.67 30.78
C ALA C 99 -28.80 1.49 30.84
N ASN C 100 -28.08 2.60 31.01
CA ASN C 100 -26.62 2.61 31.12
C ASN C 100 -26.17 2.64 32.58
N SER C 101 -25.54 1.55 33.06
CA SER C 101 -25.18 1.40 34.48
C SER C 101 -23.85 2.02 34.89
N ASP C 102 -22.92 2.14 33.94
CA ASP C 102 -21.55 2.56 34.21
C ASP C 102 -20.86 1.66 35.25
N ASN C 103 -21.21 0.36 35.23
CA ASN C 103 -20.73 -0.63 36.22
C ASN C 103 -20.72 -0.13 37.66
N ASP C 104 -21.75 0.63 38.03
CA ASP C 104 -21.93 1.15 39.37
C ASP C 104 -23.05 0.32 40.00
N VAL C 105 -22.75 -0.42 41.06
CA VAL C 105 -23.74 -1.31 41.68
C VAL C 105 -24.92 -0.52 42.24
N GLU C 106 -24.64 0.66 42.79
CA GLU C 106 -25.68 1.56 43.32
C GLU C 106 -26.68 1.93 42.24
N LYS C 107 -26.17 2.32 41.07
CA LYS C 107 -27.00 2.68 39.93
C LYS C 107 -27.75 1.47 39.36
N GLU C 108 -27.11 0.30 39.40
CA GLU C 108 -27.71 -0.97 38.96
C GLU C 108 -28.93 -1.36 39.81
N GLU C 109 -28.80 -1.22 41.13
CA GLU C 109 -29.90 -1.46 42.07
C GLU C 109 -31.10 -0.57 41.73
N LYS C 110 -30.80 0.68 41.39
CA LYS C 110 -31.80 1.72 41.11
C LYS C 110 -32.52 1.47 39.78
N VAL C 111 -31.77 1.01 38.79
CA VAL C 111 -32.32 0.62 37.49
C VAL C 111 -33.24 -0.59 37.62
N LEU C 112 -32.82 -1.58 38.41
CA LEU C 112 -33.66 -2.74 38.68
C LEU C 112 -34.96 -2.35 39.39
N GLU C 113 -34.87 -1.37 40.30
CA GLU C 113 -36.06 -0.70 40.89
C GLU C 113 -36.96 -0.15 39.81
N THR C 114 -36.37 0.61 38.89
CA THR C 114 -37.10 1.26 37.80
C THR C 114 -37.77 0.24 36.91
N PHE C 115 -37.03 -0.81 36.55
CA PHE C 115 -37.58 -1.95 35.80
C PHE C 115 -38.76 -2.56 36.54
N LEU C 116 -38.62 -2.70 37.85
CA LEU C 116 -39.67 -3.27 38.71
C LEU C 116 -40.91 -2.37 38.74
N SER C 117 -40.70 -1.05 38.88
CA SER C 117 -41.80 -0.07 38.86
C SER C 117 -42.47 0.05 37.48
N LYS C 118 -41.72 -0.24 36.40
CA LYS C 118 -42.29 -0.28 35.05
C LYS C 118 -42.84 -1.66 34.69
N GLN C 119 -42.63 -2.64 35.57
CA GLN C 119 -43.02 -4.04 35.38
C GLN C 119 -42.59 -4.63 34.02
N VAL C 120 -41.30 -4.95 33.95
CA VAL C 120 -40.74 -5.65 32.80
C VAL C 120 -41.05 -7.14 32.90
N ASP C 121 -41.23 -7.77 31.74
CA ASP C 121 -41.53 -9.20 31.67
C ASP C 121 -40.24 -10.04 31.74
N GLY C 122 -39.13 -9.43 31.33
CA GLY C 122 -37.83 -10.10 31.34
C GLY C 122 -36.69 -9.09 31.36
N ILE C 123 -35.52 -9.55 31.81
CA ILE C 123 -34.32 -8.72 31.90
C ILE C 123 -33.13 -9.41 31.25
N VAL C 124 -32.35 -8.65 30.49
CA VAL C 124 -31.04 -9.09 29.98
C VAL C 124 -29.95 -8.26 30.67
N TYR C 125 -29.05 -8.93 31.38
CA TYR C 125 -27.99 -8.25 32.10
C TYR C 125 -26.61 -8.46 31.46
N MET C 126 -25.91 -7.34 31.25
CA MET C 126 -24.51 -7.35 30.81
C MET C 126 -23.69 -6.57 31.82
N GLY C 127 -22.49 -7.06 32.12
CA GLY C 127 -21.61 -6.41 33.07
C GLY C 127 -20.39 -7.28 33.34
N SER C 128 -19.36 -6.70 33.93
CA SER C 128 -18.11 -7.44 34.21
C SER C 128 -18.29 -8.56 35.25
N SER C 129 -19.20 -8.33 36.21
CA SER C 129 -19.54 -9.35 37.19
C SER C 129 -20.93 -9.11 37.73
N LEU C 130 -21.52 -10.13 38.33
CA LEU C 130 -22.83 -10.03 38.99
C LEU C 130 -22.65 -9.95 40.52
N ASP C 131 -22.98 -8.79 41.07
CA ASP C 131 -22.83 -8.53 42.50
C ASP C 131 -23.90 -9.28 43.32
N GLU C 132 -23.54 -9.63 44.55
CA GLU C 132 -24.45 -10.37 45.44
C GLU C 132 -25.78 -9.64 45.68
N LYS C 133 -25.74 -8.31 45.76
CA LYS C 133 -26.95 -7.51 45.98
C LYS C 133 -27.89 -7.66 44.79
N ILE C 134 -27.32 -7.68 43.59
CA ILE C 134 -28.09 -7.82 42.36
C ILE C 134 -28.69 -9.22 42.22
N ARG C 135 -27.95 -10.24 42.63
CA ARG C 135 -28.46 -11.62 42.56
C ARG C 135 -29.63 -11.85 43.53
N THR C 136 -29.49 -11.42 44.79
CA THR C 136 -30.59 -11.51 45.76
C THR C 136 -31.81 -10.69 45.27
N SER C 137 -31.53 -9.55 44.64
CA SER C 137 -32.57 -8.69 44.06
C SER C 137 -33.39 -9.46 43.03
N LEU C 138 -32.68 -10.05 42.07
CA LEU C 138 -33.27 -10.91 41.06
C LEU C 138 -33.99 -12.11 41.67
N LYS C 139 -33.40 -12.70 42.71
CA LYS C 139 -34.02 -13.81 43.45
C LYS C 139 -35.35 -13.43 44.10
N ASN C 140 -35.40 -12.24 44.72
CA ASN C 140 -36.61 -11.75 45.40
C ASN C 140 -37.65 -11.10 44.46
N SER C 141 -37.50 -11.28 43.16
CA SER C 141 -38.51 -10.85 42.18
C SER C 141 -39.13 -12.02 41.41
N ARG C 142 -38.34 -13.08 41.20
CA ARG C 142 -38.72 -14.23 40.38
C ARG C 142 -38.84 -13.89 38.87
N THR C 143 -38.29 -12.74 38.46
CA THR C 143 -38.36 -12.32 37.05
C THR C 143 -37.42 -13.17 36.21
N PRO C 144 -37.89 -13.63 35.03
CA PRO C 144 -36.96 -14.26 34.08
C PRO C 144 -35.77 -13.36 33.76
N VAL C 145 -34.56 -13.89 33.95
CA VAL C 145 -33.33 -13.14 33.68
C VAL C 145 -32.31 -14.00 32.92
N VAL C 146 -31.57 -13.36 32.01
CA VAL C 146 -30.44 -13.98 31.30
C VAL C 146 -29.22 -13.07 31.41
N LEU C 147 -28.07 -13.66 31.74
CA LEU C 147 -26.76 -12.97 31.75
C LEU C 147 -26.03 -13.18 30.41
N VAL C 148 -25.49 -12.11 29.83
CA VAL C 148 -24.67 -12.22 28.61
C VAL C 148 -23.27 -11.67 28.87
N GLY C 149 -22.25 -12.49 28.63
CA GLY C 149 -20.85 -12.07 28.81
C GLY C 149 -20.28 -12.33 30.20
N THR C 150 -21.15 -12.63 31.16
CA THR C 150 -20.70 -13.05 32.49
C THR C 150 -21.42 -14.32 32.96
N ILE C 151 -20.88 -14.91 34.01
CA ILE C 151 -21.35 -16.17 34.57
C ILE C 151 -21.66 -16.02 36.06
N ASP C 152 -22.75 -16.64 36.48
CA ASP C 152 -23.13 -16.67 37.88
C ASP C 152 -22.21 -17.64 38.64
N GLY C 153 -21.66 -17.18 39.77
CA GLY C 153 -20.77 -18.01 40.58
C GLY C 153 -21.44 -19.33 40.96
N ASP C 154 -22.71 -19.23 41.34
CA ASP C 154 -23.51 -20.38 41.75
C ASP C 154 -24.00 -21.21 40.56
N LYS C 155 -23.87 -20.63 39.37
CA LYS C 155 -24.13 -21.33 38.10
C LYS C 155 -25.58 -21.78 37.96
N GLU C 156 -26.50 -20.98 38.49
CA GLU C 156 -27.92 -21.29 38.42
C GLU C 156 -28.69 -20.32 37.53
N ILE C 157 -28.30 -19.05 37.50
CA ILE C 157 -28.95 -18.07 36.61
C ILE C 157 -28.57 -18.32 35.15
N PRO C 158 -29.56 -18.35 34.24
CA PRO C 158 -29.26 -18.55 32.80
C PRO C 158 -28.23 -17.56 32.24
N SER C 159 -27.38 -18.03 31.32
CA SER C 159 -26.28 -17.21 30.78
C SER C 159 -25.88 -17.61 29.36
N VAL C 160 -25.32 -16.66 28.61
CA VAL C 160 -24.76 -16.94 27.28
C VAL C 160 -23.31 -16.40 27.19
N ASN C 161 -22.37 -17.31 26.94
CA ASN C 161 -20.93 -17.00 26.94
C ASN C 161 -20.18 -17.87 25.93
N ILE C 162 -18.94 -17.49 25.60
CA ILE C 162 -18.01 -18.43 24.98
C ILE C 162 -17.37 -19.30 26.07
N ASP C 163 -16.64 -20.31 25.64
CA ASP C 163 -15.85 -21.16 26.54
C ASP C 163 -14.50 -20.45 26.84
N TYR C 164 -14.41 -19.81 28.00
CA TYR C 164 -13.26 -19.00 28.36
C TYR C 164 -12.03 -19.85 28.68
N HIS C 165 -12.23 -21.03 29.26
CA HIS C 165 -11.12 -21.96 29.45
C HIS C 165 -10.43 -22.28 28.11
N LEU C 166 -11.23 -22.63 27.10
CA LEU C 166 -10.73 -23.04 25.80
C LEU C 166 -10.01 -21.91 25.08
N ALA C 167 -10.63 -20.74 25.08
CA ALA C 167 -10.04 -19.55 24.47
C ALA C 167 -8.67 -19.22 25.09
N ALA C 168 -8.57 -19.31 26.43
CA ALA C 168 -7.31 -19.03 27.14
C ALA C 168 -6.20 -20.02 26.74
N TYR C 169 -6.55 -21.30 26.69
CA TYR C 169 -5.62 -22.36 26.29
C TYR C 169 -5.10 -22.16 24.86
N GLN C 170 -6.00 -21.90 23.91
CA GLN C 170 -5.59 -21.74 22.51
C GLN C 170 -4.74 -20.50 22.23
N SER C 171 -5.08 -19.40 22.89
CA SER C 171 -4.35 -18.15 22.79
C SER C 171 -2.93 -18.32 23.33
N THR C 172 -2.82 -18.95 24.49
CA THR C 172 -1.53 -19.17 25.14
C THR C 172 -0.69 -20.12 24.28
N LYS C 173 -1.32 -21.20 23.80
CA LYS C 173 -0.65 -22.16 22.91
C LYS C 173 -0.16 -21.50 21.60
N LYS C 174 -0.93 -20.56 21.05
CA LYS C 174 -0.48 -19.80 19.88
C LYS C 174 0.84 -19.05 20.14
N LEU C 175 0.91 -18.42 21.31
CA LEU C 175 2.11 -17.70 21.73
C LEU C 175 3.29 -18.63 22.04
N ILE C 176 3.02 -19.78 22.66
CA ILE C 176 4.07 -20.80 22.86
C ILE C 176 4.62 -21.29 21.51
N ASP C 177 3.72 -21.51 20.55
CA ASP C 177 4.11 -22.07 19.27
C ASP C 177 4.89 -21.08 18.43
N SER C 178 4.80 -19.79 18.74
CA SER C 178 5.64 -18.78 18.07
C SER C 178 6.97 -18.55 18.80
N GLY C 179 7.26 -19.37 19.83
CA GLY C 179 8.54 -19.35 20.51
C GLY C 179 8.64 -18.55 21.80
N ASN C 180 7.51 -18.10 22.35
CA ASN C 180 7.51 -17.32 23.59
C ASN C 180 7.63 -18.26 24.80
N LYS C 181 8.45 -17.84 25.76
CA LYS C 181 8.69 -18.59 26.99
C LYS C 181 8.17 -17.86 28.20
N LYS C 182 8.17 -16.52 28.16
CA LYS C 182 7.51 -15.71 29.18
C LYS C 182 6.28 -14.97 28.63
N ILE C 183 5.11 -15.51 28.94
CA ILE C 183 3.83 -15.06 28.40
C ILE C 183 3.00 -14.53 29.56
N ALA C 184 2.61 -13.26 29.48
CA ALA C 184 1.73 -12.65 30.49
C ALA C 184 0.26 -12.95 30.19
N TYR C 185 -0.56 -12.96 31.24
CA TYR C 185 -2.00 -12.96 31.05
C TYR C 185 -2.59 -11.77 31.82
N ILE C 186 -3.26 -10.89 31.08
CA ILE C 186 -3.93 -9.71 31.62
C ILE C 186 -5.45 -9.95 31.59
N MET C 187 -6.06 -9.92 32.77
CA MET C 187 -7.46 -10.28 32.94
C MET C 187 -8.17 -9.33 33.89
N GLY C 188 -9.47 -9.50 34.03
CA GLY C 188 -10.25 -8.78 35.02
C GLY C 188 -10.11 -9.49 36.36
N SER C 189 -11.10 -9.32 37.21
CA SER C 189 -11.07 -9.87 38.57
C SER C 189 -11.08 -11.39 38.57
N LEU C 190 -10.21 -11.96 39.39
CA LEU C 190 -10.07 -13.41 39.57
C LEU C 190 -11.10 -13.97 40.58
N LYS C 191 -11.99 -13.12 41.11
CA LYS C 191 -13.19 -13.57 41.83
C LYS C 191 -14.32 -14.02 40.87
N ASP C 192 -14.17 -13.76 39.57
CA ASP C 192 -15.21 -14.10 38.60
C ASP C 192 -14.84 -15.42 37.94
N VAL C 193 -15.86 -16.24 37.67
CA VAL C 193 -15.68 -17.57 37.09
C VAL C 193 -15.02 -17.47 35.72
N GLU C 194 -15.43 -16.48 34.92
CA GLU C 194 -14.82 -16.26 33.61
C GLU C 194 -13.29 -16.20 33.66
N ASN C 195 -12.77 -15.55 34.70
CA ASN C 195 -11.33 -15.32 34.83
C ASN C 195 -10.59 -16.49 35.49
N THR C 196 -11.23 -17.17 36.45
CA THR C 196 -10.64 -18.39 37.01
C THR C 196 -10.52 -19.47 35.92
N GLU C 197 -11.49 -19.47 35.00
CA GLU C 197 -11.46 -20.34 33.85
C GLU C 197 -10.31 -20.00 32.90
N ARG C 198 -10.05 -18.71 32.68
CA ARG C 198 -8.91 -18.27 31.85
C ARG C 198 -7.59 -18.74 32.47
N MET C 199 -7.46 -18.56 33.78
CA MET C 199 -6.29 -18.96 34.53
C MET C 199 -5.99 -20.45 34.34
N VAL C 200 -7.03 -21.28 34.45
CA VAL C 200 -6.89 -22.73 34.28
C VAL C 200 -6.37 -23.11 32.87
N GLY C 201 -6.94 -22.48 31.84
CA GLY C 201 -6.58 -22.76 30.45
C GLY C 201 -5.15 -22.32 30.14
N TYR C 202 -4.79 -21.14 30.63
CA TYR C 202 -3.42 -20.61 30.55
C TYR C 202 -2.40 -21.56 31.19
N GLN C 203 -2.70 -22.02 32.40
CA GLN C 203 -1.86 -22.98 33.13
C GLN C 203 -1.72 -24.31 32.38
N GLU C 204 -2.83 -24.82 31.86
CA GLU C 204 -2.85 -26.05 31.07
C GLU C 204 -1.88 -25.98 29.88
N ALA C 205 -1.89 -24.88 29.15
CA ALA C 205 -1.03 -24.72 27.97
C ALA C 205 0.46 -24.67 28.35
N LEU C 206 0.76 -23.95 29.42
CA LEU C 206 2.14 -23.84 29.91
C LEU C 206 2.65 -25.22 30.32
N LEU C 207 1.85 -25.96 31.09
CA LEU C 207 2.25 -27.29 31.59
C LEU C 207 2.57 -28.24 30.44
N GLU C 208 1.73 -28.19 29.41
CA GLU C 208 1.89 -28.99 28.20
C GLU C 208 3.22 -28.70 27.52
N ALA C 209 3.71 -27.47 27.66
CA ALA C 209 4.94 -27.01 27.04
C ALA C 209 6.17 -27.10 27.98
N ASN C 210 5.97 -27.62 29.18
CA ASN C 210 6.98 -27.66 30.22
C ASN C 210 7.53 -26.28 30.56
N ILE C 211 6.64 -25.30 30.62
CA ILE C 211 6.99 -23.95 31.05
C ILE C 211 6.44 -23.77 32.46
N GLU C 212 7.30 -23.41 33.42
CA GLU C 212 6.85 -23.27 34.80
C GLU C 212 5.91 -22.07 34.96
N PHE C 213 4.84 -22.25 35.71
CA PHE C 213 3.88 -21.20 35.99
C PHE C 213 4.51 -20.17 36.93
N ASP C 214 4.31 -18.89 36.60
CA ASP C 214 4.86 -17.78 37.38
C ASP C 214 3.72 -16.81 37.67
N GLU C 215 3.36 -16.73 38.95
CA GLU C 215 2.24 -15.88 39.37
C GLU C 215 2.49 -14.40 39.07
N ASN C 216 3.76 -14.01 39.00
CA ASN C 216 4.12 -12.64 38.66
C ASN C 216 3.85 -12.21 37.19
N LEU C 217 3.51 -13.15 36.31
CA LEU C 217 3.10 -12.81 34.93
C LEU C 217 1.57 -12.75 34.71
N VAL C 218 0.80 -12.96 35.77
CA VAL C 218 -0.64 -12.75 35.73
C VAL C 218 -1.04 -11.43 36.37
N PHE C 219 -1.72 -10.59 35.58
CA PHE C 219 -2.13 -9.26 36.00
C PHE C 219 -3.67 -9.14 35.98
N GLU C 220 -4.30 -9.12 37.16
CA GLU C 220 -5.76 -9.06 37.25
C GLU C 220 -6.33 -7.67 37.60
N GLY C 221 -7.66 -7.53 37.45
CA GLY C 221 -8.39 -6.28 37.76
C GLY C 221 -8.36 -5.22 36.65
N ASN C 222 -8.16 -5.67 35.42
CA ASN C 222 -7.83 -4.79 34.29
C ASN C 222 -8.92 -4.69 33.24
N TYR C 223 -9.41 -3.46 33.03
CA TYR C 223 -10.64 -3.21 32.27
C TYR C 223 -10.58 -2.06 31.26
N SER C 224 -9.69 -1.08 31.48
CA SER C 224 -9.72 0.18 30.73
C SER C 224 -8.53 0.36 29.77
N TYR C 225 -8.69 1.24 28.79
CA TYR C 225 -7.57 1.69 27.93
C TYR C 225 -6.34 2.11 28.76
N GLU C 226 -6.58 2.86 29.83
CA GLU C 226 -5.51 3.47 30.62
C GLU C 226 -4.77 2.43 31.45
N GLN C 227 -5.49 1.45 31.98
CA GLN C 227 -4.86 0.34 32.70
C GLN C 227 -3.92 -0.47 31.81
N GLY C 228 -4.33 -0.68 30.56
CA GLY C 228 -3.47 -1.33 29.56
C GLY C 228 -2.16 -0.57 29.30
N LYS C 229 -2.26 0.75 29.15
CA LYS C 229 -1.05 1.57 28.99
C LYS C 229 -0.07 1.43 30.16
N ALA C 230 -0.58 1.47 31.38
CA ALA C 230 0.28 1.47 32.57
C ALA C 230 0.96 0.12 32.81
N LEU C 231 0.42 -0.93 32.19
CA LEU C 231 0.95 -2.28 32.37
C LEU C 231 2.19 -2.53 31.52
N ALA C 232 2.42 -1.74 30.48
CA ALA C 232 3.53 -2.00 29.56
C ALA C 232 4.86 -2.13 30.32
N GLU C 233 5.10 -1.25 31.29
CA GLU C 233 6.35 -1.26 32.04
C GLU C 233 6.45 -2.47 32.98
N ARG C 234 5.31 -2.89 33.56
CA ARG C 234 5.30 -4.03 34.49
C ARG C 234 5.57 -5.32 33.75
N LEU C 235 5.11 -5.41 32.50
CA LEU C 235 5.40 -6.56 31.64
C LEU C 235 6.88 -6.57 31.20
N LEU C 236 7.34 -5.43 30.72
CA LEU C 236 8.70 -5.36 30.17
C LEU C 236 9.78 -5.57 31.26
N GLU C 237 9.59 -4.95 32.42
CA GLU C 237 10.53 -5.16 33.55
C GLU C 237 10.73 -6.62 33.97
N ARG C 238 9.69 -7.44 33.81
CA ARG C 238 9.76 -8.87 34.12
C ARG C 238 10.16 -9.73 32.91
N GLY C 239 10.45 -9.10 31.78
CA GLY C 239 10.88 -9.81 30.58
C GLY C 239 9.81 -10.58 29.84
N ALA C 240 8.54 -10.25 30.06
CA ALA C 240 7.49 -10.78 29.20
C ALA C 240 7.72 -10.38 27.74
N THR C 241 7.54 -11.34 26.82
CA THR C 241 7.66 -11.09 25.39
C THR C 241 6.29 -11.19 24.68
N SER C 242 5.25 -11.52 25.43
CA SER C 242 3.91 -11.60 24.86
C SER C 242 2.86 -11.51 25.95
N ALA C 243 1.61 -11.29 25.52
CA ALA C 243 0.49 -11.23 26.44
C ALA C 243 -0.80 -11.67 25.77
N VAL C 244 -1.59 -12.45 26.50
CA VAL C 244 -3.03 -12.61 26.23
C VAL C 244 -3.76 -11.61 27.12
N VAL C 245 -4.77 -10.96 26.55
CA VAL C 245 -5.48 -9.87 27.20
C VAL C 245 -6.98 -10.04 27.02
N SER C 246 -7.70 -10.14 28.13
CA SER C 246 -9.13 -10.47 28.10
C SER C 246 -10.03 -9.38 27.49
N HIS C 247 -9.74 -8.12 27.76
CA HIS C 247 -10.59 -7.01 27.32
C HIS C 247 -9.94 -6.24 26.18
N ASP C 248 -10.71 -5.98 25.12
CA ASP C 248 -10.18 -5.33 23.91
C ASP C 248 -9.63 -3.92 24.20
N THR C 249 -10.28 -3.16 25.08
CA THR C 249 -9.79 -1.83 25.44
C THR C 249 -8.40 -1.88 26.11
N VAL C 250 -8.19 -2.86 26.97
CA VAL C 250 -6.91 -3.06 27.66
C VAL C 250 -5.82 -3.43 26.62
N ALA C 251 -6.15 -4.32 25.67
CA ALA C 251 -5.22 -4.73 24.63
C ALA C 251 -4.82 -3.58 23.70
N VAL C 252 -5.79 -2.74 23.36
CA VAL C 252 -5.56 -1.58 22.49
C VAL C 252 -4.64 -0.57 23.21
N GLY C 253 -4.91 -0.34 24.50
CA GLY C 253 -4.05 0.52 25.30
C GLY C 253 -2.64 0.00 25.42
N LEU C 254 -2.50 -1.29 25.70
CA LEU C 254 -1.18 -1.94 25.78
C LEU C 254 -0.43 -1.84 24.46
N LEU C 255 -1.09 -2.16 23.35
CA LEU C 255 -0.47 -2.04 22.02
C LEU C 255 0.02 -0.63 21.72
N SER C 256 -0.82 0.36 21.99
CA SER C 256 -0.44 1.77 21.79
C SER C 256 0.78 2.18 22.58
N ALA C 257 0.86 1.72 23.83
CA ALA C 257 1.97 1.99 24.70
C ALA C 257 3.27 1.38 24.17
N MET C 258 3.17 0.13 23.68
CA MET C 258 4.34 -0.55 23.11
C MET C 258 4.85 0.19 21.87
N MET C 259 3.93 0.57 20.97
CA MET C 259 4.30 1.30 19.75
C MET C 259 4.89 2.67 20.11
N ASP C 260 4.26 3.33 21.08
CA ASP C 260 4.80 4.55 21.70
C ASP C 260 6.22 4.43 22.23
N LYS C 261 6.56 3.26 22.76
CA LYS C 261 7.88 3.01 23.35
C LYS C 261 8.96 2.58 22.35
N GLY C 262 8.59 2.30 21.10
CA GLY C 262 9.55 1.77 20.12
C GLY C 262 9.77 0.27 20.20
N VAL C 263 8.88 -0.45 20.86
CA VAL C 263 8.96 -1.92 20.91
C VAL C 263 8.41 -2.45 19.59
N LYS C 264 9.08 -3.44 19.01
CA LYS C 264 8.68 -3.98 17.70
C LYS C 264 7.57 -5.00 17.89
N VAL C 265 6.45 -4.78 17.20
CA VAL C 265 5.30 -5.69 17.23
C VAL C 265 5.05 -6.20 15.82
N PRO C 266 5.00 -7.53 15.62
CA PRO C 266 5.14 -8.66 16.54
C PRO C 266 6.54 -9.23 16.80
N GLU C 267 7.58 -8.65 16.20
CA GLU C 267 8.92 -9.22 16.27
C GLU C 267 9.44 -9.39 17.70
N ASP C 268 9.28 -8.35 18.51
CA ASP C 268 9.81 -8.38 19.88
C ASP C 268 8.74 -8.53 20.95
N PHE C 269 7.51 -8.14 20.64
CA PHE C 269 6.40 -8.34 21.56
C PHE C 269 5.13 -8.68 20.78
N GLU C 270 4.36 -9.64 21.30
CA GLU C 270 3.14 -10.15 20.66
C GLU C 270 1.93 -10.01 21.58
N ILE C 271 0.78 -9.68 21.00
CA ILE C 271 -0.45 -9.49 21.79
C ILE C 271 -1.62 -10.21 21.15
N ILE C 272 -2.42 -10.91 21.97
CA ILE C 272 -3.69 -11.49 21.55
C ILE C 272 -4.78 -10.91 22.43
N SER C 273 -5.78 -10.31 21.79
CA SER C 273 -6.92 -9.74 22.51
C SER C 273 -8.04 -10.76 22.71
N GLY C 274 -9.03 -10.37 23.52
CA GLY C 274 -9.99 -11.32 24.08
C GLY C 274 -11.37 -11.42 23.48
N ALA C 275 -11.79 -10.49 22.64
CA ALA C 275 -13.19 -10.52 22.12
C ALA C 275 -13.41 -10.20 20.62
N ASN C 276 -12.50 -9.43 20.03
CA ASN C 276 -12.66 -8.90 18.67
C ASN C 276 -13.91 -8.03 18.51
N SER C 277 -14.01 -6.96 19.29
CA SER C 277 -14.95 -5.87 19.01
C SER C 277 -14.34 -5.03 17.88
N PRO C 278 -15.11 -4.07 17.31
CA PRO C 278 -14.59 -3.19 16.25
C PRO C 278 -13.28 -2.45 16.54
N ILE C 279 -13.07 -2.01 17.77
CA ILE C 279 -11.86 -1.25 18.10
C ILE C 279 -10.54 -2.03 17.89
N THR C 280 -10.62 -3.37 17.92
CA THR C 280 -9.47 -4.21 17.58
C THR C 280 -9.18 -4.19 16.09
N GLN C 281 -10.23 -3.99 15.29
CA GLN C 281 -10.12 -3.95 13.83
C GLN C 281 -9.63 -2.60 13.31
N TYR C 282 -9.88 -1.53 14.06
CA TYR C 282 -9.43 -0.19 13.69
C TYR C 282 -8.03 0.16 14.17
N THR C 283 -7.39 -0.67 14.99
CA THR C 283 -6.03 -0.34 15.45
C THR C 283 -4.98 -0.67 14.37
N TYR C 284 -3.76 -0.18 14.60
CA TYR C 284 -2.64 -0.42 13.70
C TYR C 284 -1.32 -0.41 14.49
N PRO C 285 -0.55 -1.51 14.46
CA PRO C 285 -0.83 -2.83 13.85
C PRO C 285 -2.19 -3.41 14.24
N THR C 286 -2.78 -4.20 13.35
CA THR C 286 -4.06 -4.84 13.62
C THR C 286 -3.89 -5.90 14.71
N LEU C 287 -4.91 -6.04 15.55
CA LEU C 287 -4.84 -6.87 16.75
C LEU C 287 -5.39 -8.27 16.52
N THR C 288 -4.52 -9.27 16.59
CA THR C 288 -4.94 -10.67 16.67
C THR C 288 -5.85 -10.80 17.89
N SER C 289 -6.99 -11.48 17.71
CA SER C 289 -8.01 -11.56 18.75
C SER C 289 -8.87 -12.81 18.72
N VAL C 290 -9.30 -13.23 19.92
CA VAL C 290 -10.37 -14.20 20.06
C VAL C 290 -11.66 -13.55 19.55
N ASN C 291 -12.29 -14.18 18.58
CA ASN C 291 -13.60 -13.73 18.14
C ASN C 291 -14.72 -14.35 18.96
N GLN C 292 -15.28 -13.56 19.87
CA GLN C 292 -16.59 -13.83 20.46
C GLN C 292 -17.67 -13.41 19.45
N PRO C 293 -18.67 -14.28 19.20
CA PRO C 293 -19.75 -13.90 18.27
C PRO C 293 -20.74 -12.97 18.97
N LEU C 294 -20.39 -11.68 19.03
CA LEU C 294 -21.07 -10.71 19.88
C LEU C 294 -22.54 -10.57 19.54
N TYR C 295 -22.86 -10.46 18.25
CA TYR C 295 -24.26 -10.40 17.79
C TYR C 295 -25.06 -11.63 18.20
N ASP C 296 -24.48 -12.82 18.01
CA ASP C 296 -25.17 -14.07 18.31
C ASP C 296 -25.33 -14.31 19.81
N LEU C 297 -24.39 -13.83 20.62
CA LEU C 297 -24.57 -13.84 22.08
C LEU C 297 -25.89 -13.17 22.48
N GLY C 298 -26.17 -12.02 21.88
CA GLY C 298 -27.37 -11.23 22.19
C GLY C 298 -28.64 -11.89 21.70
N ALA C 299 -28.60 -12.35 20.45
CA ALA C 299 -29.69 -13.08 19.81
C ALA C 299 -30.05 -14.35 20.55
N VAL C 300 -29.04 -15.17 20.87
CA VAL C 300 -29.26 -16.42 21.61
C VAL C 300 -29.77 -16.13 23.04
N ALA C 301 -29.25 -15.07 23.66
CA ALA C 301 -29.75 -14.64 24.98
C ALA C 301 -31.22 -14.24 24.90
N MET C 302 -31.57 -13.44 23.91
CA MET C 302 -32.96 -12.96 23.75
C MET C 302 -33.93 -14.05 23.35
N ARG C 303 -33.47 -15.02 22.55
CA ARG C 303 -34.27 -16.19 22.20
C ARG C 303 -34.49 -17.09 23.43
N LEU C 304 -33.51 -17.13 24.33
CA LEU C 304 -33.61 -17.91 25.57
C LEU C 304 -34.57 -17.23 26.54
N LEU C 305 -34.49 -15.92 26.64
CA LEU C 305 -35.33 -15.17 27.59
C LEU C 305 -36.79 -15.27 27.18
N THR C 306 -37.05 -15.25 25.87
CA THR C 306 -38.40 -15.45 25.31
C THR C 306 -39.01 -16.79 25.77
N LYS C 307 -38.21 -17.86 25.74
CA LYS C 307 -38.64 -19.17 26.23
C LYS C 307 -39.04 -19.07 27.69
N LEU C 308 -38.16 -18.48 28.50
CA LEU C 308 -38.41 -18.34 29.93
C LEU C 308 -39.63 -17.45 30.19
N MET C 309 -39.74 -16.36 29.43
CA MET C 309 -40.90 -15.46 29.52
C MET C 309 -42.20 -16.13 29.09
N LEU C 310 -42.17 -16.88 28.00
CA LEU C 310 -43.36 -17.66 27.60
C LEU C 310 -43.59 -18.84 28.55
N LYS C 311 -42.70 -18.99 29.55
CA LYS C 311 -42.76 -20.07 30.53
C LYS C 311 -42.69 -21.43 29.85
N GLU C 312 -41.68 -21.57 28.99
CA GLU C 312 -41.34 -22.84 28.35
C GLU C 312 -40.13 -23.41 29.04
N ASP C 313 -40.08 -24.73 29.15
CA ASP C 313 -38.95 -25.42 29.76
C ASP C 313 -37.69 -25.27 28.94
N VAL C 314 -36.61 -24.91 29.62
CA VAL C 314 -35.27 -24.88 29.05
C VAL C 314 -34.43 -25.92 29.79
N GLU C 315 -34.02 -26.94 29.07
CA GLU C 315 -33.15 -28.00 29.59
C GLU C 315 -31.72 -27.53 29.96
N GLN C 316 -31.05 -26.77 29.08
CA GLN C 316 -29.71 -26.24 29.38
C GLN C 316 -29.81 -24.72 29.44
N ASN C 317 -29.57 -24.14 30.61
CA ASN C 317 -29.68 -22.70 30.79
C ASN C 317 -28.33 -21.97 30.74
N GLN C 318 -27.25 -22.73 30.78
CA GLN C 318 -25.87 -22.21 30.66
C GLN C 318 -25.36 -22.47 29.24
N LEU C 319 -25.61 -21.53 28.32
CA LEU C 319 -25.30 -21.74 26.90
C LEU C 319 -23.88 -21.26 26.55
N VAL C 320 -23.20 -22.02 25.70
CA VAL C 320 -21.80 -21.77 25.31
C VAL C 320 -21.71 -21.72 23.79
N LEU C 321 -21.33 -20.56 23.24
CA LEU C 321 -21.20 -20.39 21.80
C LEU C 321 -19.76 -20.59 21.36
N ASP C 322 -19.59 -21.02 20.11
CA ASP C 322 -18.28 -21.27 19.51
C ASP C 322 -17.50 -19.99 19.30
N HIS C 323 -16.17 -20.09 19.39
CA HIS C 323 -15.30 -18.95 19.12
C HIS C 323 -14.21 -19.36 18.12
N GLU C 324 -13.53 -18.35 17.58
CA GLU C 324 -12.36 -18.55 16.71
C GLU C 324 -11.28 -17.57 17.16
N ILE C 325 -10.05 -17.78 16.69
CA ILE C 325 -9.01 -16.76 16.84
C ILE C 325 -8.78 -16.20 15.44
N PHE C 326 -8.84 -14.88 15.30
CA PHE C 326 -8.48 -14.24 14.03
C PHE C 326 -7.05 -13.71 14.11
N SER C 327 -6.17 -14.31 13.32
CA SER C 327 -4.76 -13.87 13.26
C SER C 327 -4.59 -12.62 12.41
N ARG C 328 -3.98 -11.61 13.01
CA ARG C 328 -3.72 -10.34 12.36
C ARG C 328 -2.24 -9.97 12.60
N ARG C 329 -1.90 -8.68 12.60
CA ARG C 329 -0.50 -8.25 12.57
C ARG C 329 0.20 -8.15 13.94
N SER C 330 -0.53 -8.32 15.04
CA SER C 330 0.08 -8.27 16.37
C SER C 330 0.68 -9.60 16.84
N THR C 331 0.51 -10.67 16.07
CA THR C 331 1.21 -11.93 16.34
C THR C 331 2.01 -12.35 15.11
N LYS C 332 3.03 -13.16 15.34
CA LYS C 332 3.91 -13.64 14.26
C LYS C 332 3.20 -14.59 13.31
N LEU D 58 3.82 23.01 58.16
CA LEU D 58 4.40 24.06 57.26
C LEU D 58 5.75 23.64 56.69
N ALA D 59 5.73 22.65 55.79
CA ALA D 59 6.95 22.07 55.21
C ALA D 59 7.56 22.95 54.11
N SER D 60 8.87 22.81 53.91
CA SER D 60 9.58 23.57 52.88
C SER D 60 9.05 23.19 51.51
N LYS D 61 9.12 24.11 50.54
CA LYS D 61 8.77 23.75 49.18
C LYS D 61 9.71 22.66 48.68
N ARG D 62 9.18 21.82 47.79
CA ARG D 62 9.96 20.83 47.07
C ARG D 62 11.33 21.42 46.64
N THR D 63 12.39 20.62 46.74
CA THR D 63 13.68 21.05 46.19
C THR D 63 13.52 21.41 44.73
N THR D 64 14.09 22.54 44.34
CA THR D 64 14.05 22.97 42.94
C THR D 64 14.63 21.89 42.01
N THR D 65 13.94 21.69 40.89
CA THR D 65 14.24 20.58 39.98
C THR D 65 14.34 21.16 38.59
N VAL D 66 15.49 20.91 37.96
CA VAL D 66 15.80 21.31 36.61
C VAL D 66 15.77 20.12 35.62
N GLY D 67 14.93 20.28 34.60
CA GLY D 67 14.85 19.36 33.45
C GLY D 67 15.83 19.78 32.35
N VAL D 68 16.65 18.82 31.89
CA VAL D 68 17.61 19.09 30.80
C VAL D 68 17.39 18.10 29.67
N ILE D 69 17.11 18.63 28.49
CA ILE D 69 16.84 17.86 27.29
C ILE D 69 18.02 18.05 26.35
N LEU D 70 18.58 16.94 25.88
CA LEU D 70 19.68 16.99 24.90
C LEU D 70 19.49 15.82 23.94
N PRO D 71 19.98 15.95 22.70
CA PRO D 71 19.81 14.84 21.75
C PRO D 71 20.37 13.50 22.29
N THR D 72 21.61 13.51 22.73
CA THR D 72 22.20 12.30 23.32
C THR D 72 23.41 12.61 24.18
N ILE D 73 23.52 11.86 25.27
CA ILE D 73 24.66 11.88 26.15
C ILE D 73 25.99 11.44 25.49
N THR D 74 25.90 10.65 24.41
CA THR D 74 27.10 10.26 23.64
C THR D 74 27.64 11.32 22.67
N SER D 75 27.02 12.49 22.59
CA SER D 75 27.69 13.67 21.98
C SER D 75 28.55 14.36 23.03
N THR D 76 29.88 14.41 22.82
CA THR D 76 30.72 15.06 23.80
C THR D 76 30.50 16.57 23.82
N TYR D 77 30.01 17.13 22.71
CA TYR D 77 29.58 18.54 22.62
C TYR D 77 28.47 18.84 23.64
N PHE D 78 27.38 18.07 23.60
CA PHE D 78 26.27 18.26 24.55
C PHE D 78 26.65 17.84 25.98
N ALA D 79 27.41 16.77 26.11
CA ALA D 79 27.91 16.36 27.45
C ALA D 79 28.77 17.42 28.15
N ALA D 80 29.61 18.15 27.39
CA ALA D 80 30.45 19.17 27.98
C ALA D 80 29.64 20.36 28.47
N ILE D 81 28.65 20.77 27.71
CA ILE D 81 27.69 21.79 28.13
C ILE D 81 26.95 21.37 29.40
N THR D 82 26.52 20.13 29.42
CA THR D 82 25.72 19.56 30.50
C THR D 82 26.52 19.60 31.81
N ARG D 83 27.83 19.37 31.77
CA ARG D 83 28.64 19.46 33.00
C ARG D 83 28.66 20.89 33.60
N GLY D 84 28.60 21.90 32.74
CA GLY D 84 28.50 23.31 33.23
C GLY D 84 27.17 23.60 33.92
N VAL D 85 26.10 23.09 33.32
CA VAL D 85 24.76 23.14 33.93
C VAL D 85 24.74 22.43 35.29
N ASP D 86 25.22 21.18 35.32
CA ASP D 86 25.27 20.35 36.52
C ASP D 86 26.01 21.02 37.69
N ASP D 87 27.18 21.60 37.40
CA ASP D 87 27.98 22.23 38.42
C ASP D 87 27.26 23.40 39.12
N ILE D 88 26.57 24.23 38.33
CA ILE D 88 25.87 25.37 38.88
C ILE D 88 24.62 24.96 39.65
N ALA D 89 23.88 24.01 39.10
CA ALA D 89 22.69 23.49 39.77
C ALA D 89 23.05 22.76 41.10
N SER D 90 24.10 21.95 41.06
CA SER D 90 24.57 21.24 42.25
C SER D 90 25.09 22.15 43.39
N MET D 91 25.58 23.33 43.04
CA MET D 91 25.99 24.34 44.01
C MET D 91 24.83 24.74 44.93
N TYR D 92 23.62 24.78 44.36
CA TYR D 92 22.41 25.11 45.12
C TYR D 92 21.66 23.86 45.61
N LYS D 93 22.26 22.68 45.43
CA LYS D 93 21.65 21.39 45.70
C LYS D 93 20.28 21.16 45.01
N TYR D 94 20.15 21.66 43.79
CA TYR D 94 18.95 21.43 42.97
C TYR D 94 18.99 19.99 42.44
N ASN D 95 17.83 19.41 42.15
CA ASN D 95 17.78 18.12 41.45
C ASN D 95 17.94 18.34 39.96
N MET D 96 18.63 17.43 39.29
CA MET D 96 18.85 17.48 37.82
C MET D 96 18.23 16.22 37.19
N ILE D 97 17.44 16.39 36.14
CA ILE D 97 16.90 15.26 35.38
C ILE D 97 17.40 15.40 33.95
N LEU D 98 18.05 14.38 33.42
CA LEU D 98 18.54 14.45 32.06
C LEU D 98 17.70 13.54 31.16
N ALA D 99 17.34 14.03 29.97
CA ALA D 99 16.55 13.24 29.05
C ALA D 99 17.17 13.30 27.66
N ASN D 100 17.25 12.15 26.99
CA ASN D 100 17.76 12.06 25.63
C ASN D 100 16.60 12.14 24.64
N SER D 101 16.69 13.05 23.68
CA SER D 101 15.66 13.25 22.67
C SER D 101 15.98 12.65 21.30
N ASP D 102 17.26 12.33 21.05
CA ASP D 102 17.76 11.89 19.75
C ASP D 102 17.37 12.86 18.62
N ASN D 103 17.18 14.13 18.98
CA ASN D 103 16.65 15.14 18.04
C ASN D 103 15.35 14.78 17.30
N ASP D 104 14.50 13.97 17.94
CA ASP D 104 13.22 13.52 17.39
C ASP D 104 12.10 14.34 18.07
N VAL D 105 11.28 15.04 17.29
CA VAL D 105 10.27 15.95 17.83
C VAL D 105 9.17 15.25 18.63
N GLU D 106 8.82 14.02 18.24
CA GLU D 106 7.90 13.20 19.03
C GLU D 106 8.49 12.89 20.40
N LYS D 107 9.79 12.58 20.41
CA LYS D 107 10.50 12.25 21.63
C LYS D 107 10.63 13.51 22.51
N GLU D 108 10.91 14.64 21.88
CA GLU D 108 10.96 15.93 22.60
C GLU D 108 9.62 16.24 23.27
N GLU D 109 8.50 16.03 22.55
CA GLU D 109 7.17 16.30 23.11
C GLU D 109 6.85 15.41 24.31
N LYS D 110 7.19 14.13 24.21
CA LYS D 110 6.98 13.21 25.31
C LYS D 110 7.82 13.62 26.54
N VAL D 111 9.08 13.98 26.30
CA VAL D 111 9.99 14.42 27.39
C VAL D 111 9.39 15.61 28.15
N LEU D 112 8.95 16.64 27.44
CA LEU D 112 8.27 17.80 28.06
C LEU D 112 7.00 17.44 28.85
N GLU D 113 6.23 16.48 28.37
CA GLU D 113 5.07 16.01 29.12
C GLU D 113 5.50 15.46 30.46
N THR D 114 6.55 14.65 30.44
CA THR D 114 7.07 14.05 31.66
C THR D 114 7.61 15.14 32.59
N PHE D 115 8.33 16.12 32.04
CA PHE D 115 8.83 17.27 32.82
C PHE D 115 7.70 18.12 33.44
N LEU D 116 6.72 18.49 32.60
CA LEU D 116 5.59 19.34 33.03
C LEU D 116 4.72 18.61 34.05
N SER D 117 4.58 17.29 33.91
CA SER D 117 3.86 16.47 34.89
C SER D 117 4.62 16.29 36.19
N LYS D 118 5.95 16.15 36.12
CA LYS D 118 6.79 16.12 37.32
C LYS D 118 6.90 17.49 37.98
N GLN D 119 6.39 18.53 37.33
CA GLN D 119 6.45 19.90 37.86
C GLN D 119 7.91 20.34 38.06
N VAL D 120 8.75 20.11 37.06
CA VAL D 120 10.08 20.73 37.08
C VAL D 120 9.90 22.25 37.15
N ASP D 121 10.88 22.88 37.79
CA ASP D 121 10.87 24.30 38.06
C ASP D 121 11.49 25.12 36.92
N GLY D 122 12.28 24.47 36.08
CA GLY D 122 12.96 25.11 34.98
C GLY D 122 13.54 24.07 34.01
N ILE D 123 13.71 24.47 32.76
CA ILE D 123 14.18 23.61 31.66
C ILE D 123 15.37 24.23 30.93
N VAL D 124 16.41 23.43 30.71
CA VAL D 124 17.46 23.77 29.77
C VAL D 124 17.28 22.89 28.53
N TYR D 125 17.18 23.53 27.36
CA TYR D 125 17.00 22.83 26.09
C TYR D 125 18.23 22.93 25.21
N MET D 126 18.61 21.77 24.67
CA MET D 126 19.68 21.65 23.70
C MET D 126 19.14 20.77 22.58
N GLY D 127 19.51 21.07 21.34
CA GLY D 127 19.03 20.32 20.18
C GLY D 127 19.10 21.20 18.96
N SER D 128 18.79 20.65 17.78
CA SER D 128 19.03 21.38 16.54
C SER D 128 18.22 22.66 16.48
N SER D 129 16.97 22.61 16.94
CA SER D 129 16.18 23.83 17.15
C SER D 129 14.78 23.52 17.70
N LEU D 130 14.20 24.54 18.32
CA LEU D 130 12.92 24.44 19.00
C LEU D 130 11.73 24.42 18.02
N ASP D 131 11.07 23.27 17.91
CA ASP D 131 9.90 23.08 17.04
C ASP D 131 8.69 23.85 17.58
N GLU D 132 7.81 24.25 16.67
CA GLU D 132 6.63 25.05 17.03
C GLU D 132 5.69 24.30 17.98
N LYS D 133 5.60 22.98 17.82
CA LYS D 133 4.89 22.12 18.77
C LYS D 133 5.52 22.30 20.16
N ILE D 134 6.85 22.16 20.20
CA ILE D 134 7.64 22.28 21.44
C ILE D 134 7.52 23.72 22.01
N ARG D 135 7.74 24.73 21.16
CA ARG D 135 7.64 26.12 21.59
C ARG D 135 6.28 26.43 22.23
N THR D 136 5.20 25.92 21.64
CA THR D 136 3.86 26.15 22.19
C THR D 136 3.64 25.34 23.48
N SER D 137 4.11 24.09 23.48
CA SER D 137 4.13 23.27 24.70
C SER D 137 4.71 24.10 25.85
N LEU D 138 5.89 24.69 25.63
CA LEU D 138 6.57 25.50 26.65
C LEU D 138 5.83 26.79 27.01
N LYS D 139 5.14 27.37 26.03
CA LYS D 139 4.34 28.57 26.25
C LYS D 139 3.03 28.23 26.96
N ASN D 140 2.48 27.05 26.70
CA ASN D 140 1.32 26.53 27.45
C ASN D 140 1.73 26.00 28.83
N SER D 141 2.99 25.55 28.94
CA SER D 141 3.55 25.09 30.23
C SER D 141 3.89 26.23 31.17
N ARG D 142 4.30 27.37 30.63
CA ARG D 142 4.76 28.54 31.40
C ARG D 142 6.07 28.34 32.22
N THR D 143 6.76 27.23 32.00
CA THR D 143 8.00 26.91 32.72
C THR D 143 9.11 27.86 32.28
N PRO D 144 9.90 28.39 33.24
CA PRO D 144 11.15 29.02 32.82
C PRO D 144 12.05 28.06 31.98
N VAL D 145 12.56 28.57 30.87
CA VAL D 145 13.38 27.79 29.93
C VAL D 145 14.50 28.66 29.35
N VAL D 146 15.67 28.05 29.18
CA VAL D 146 16.81 28.69 28.50
C VAL D 146 17.30 27.70 27.41
N LEU D 147 17.56 28.22 26.22
CA LEU D 147 18.13 27.45 25.10
C LEU D 147 19.65 27.60 25.09
N VAL D 148 20.38 26.52 24.79
CA VAL D 148 21.83 26.54 24.64
C VAL D 148 22.24 25.92 23.31
N GLY D 149 22.99 26.67 22.48
CA GLY D 149 23.44 26.19 21.19
C GLY D 149 22.42 26.35 20.09
N THR D 150 21.27 26.95 20.42
CA THR D 150 20.27 27.29 19.41
C THR D 150 19.61 28.62 19.75
N ILE D 151 19.01 29.23 18.73
CA ILE D 151 18.44 30.56 18.81
C ILE D 151 16.98 30.52 18.37
N ASP D 152 16.09 31.11 19.19
CA ASP D 152 14.69 31.29 18.86
C ASP D 152 14.57 32.42 17.81
N GLY D 153 13.84 32.17 16.73
CA GLY D 153 13.60 33.15 15.66
C GLY D 153 12.97 34.45 16.11
N ASP D 154 11.99 34.36 17.01
CA ASP D 154 11.34 35.55 17.56
C ASP D 154 12.28 36.27 18.52
N LYS D 155 13.24 35.54 19.07
CA LYS D 155 14.22 36.08 20.03
C LYS D 155 13.56 36.54 21.32
N GLU D 156 12.50 35.86 21.75
CA GLU D 156 11.90 36.11 23.06
C GLU D 156 12.42 35.10 24.11
N ILE D 157 12.65 33.85 23.70
CA ILE D 157 13.06 32.80 24.62
C ILE D 157 14.55 33.03 24.97
N PRO D 158 14.89 33.04 26.27
CA PRO D 158 16.31 33.16 26.65
C PRO D 158 17.23 32.13 25.97
N SER D 159 18.45 32.56 25.62
CA SER D 159 19.42 31.68 24.95
C SER D 159 20.87 32.08 25.22
N VAL D 160 21.76 31.10 25.16
CA VAL D 160 23.19 31.30 25.27
C VAL D 160 23.90 30.59 24.10
N ASN D 161 24.72 31.36 23.37
CA ASN D 161 25.35 30.92 22.13
C ASN D 161 26.67 31.65 21.94
N ILE D 162 27.47 31.18 20.98
CA ILE D 162 28.53 32.02 20.35
C ILE D 162 27.91 32.83 19.21
N ASP D 163 28.71 33.73 18.62
CA ASP D 163 28.36 34.51 17.43
C ASP D 163 28.70 33.62 16.20
N TYR D 164 27.71 32.88 15.71
CA TYR D 164 27.94 31.93 14.59
C TYR D 164 28.33 32.62 13.27
N HIS D 165 27.78 33.80 13.05
CA HIS D 165 28.10 34.62 11.88
C HIS D 165 29.61 34.93 11.84
N LEU D 166 30.11 35.49 12.93
CA LEU D 166 31.52 35.86 13.02
C LEU D 166 32.43 34.63 12.91
N ALA D 167 32.11 33.55 13.62
CA ALA D 167 32.88 32.30 13.51
C ALA D 167 32.94 31.75 12.07
N ALA D 168 31.80 31.76 11.39
CA ALA D 168 31.72 31.28 9.99
C ALA D 168 32.49 32.24 9.04
N TYR D 169 32.43 33.55 9.27
CA TYR D 169 33.22 34.53 8.52
C TYR D 169 34.73 34.31 8.71
N GLN D 170 35.20 34.21 9.97
CA GLN D 170 36.63 34.03 10.27
C GLN D 170 37.15 32.68 9.72
N SER D 171 36.34 31.62 9.83
CA SER D 171 36.71 30.31 9.31
C SER D 171 36.89 30.32 7.79
N THR D 172 35.91 30.89 7.09
CA THR D 172 35.95 30.98 5.63
C THR D 172 37.15 31.83 5.17
N LYS D 173 37.36 32.99 5.82
CA LYS D 173 38.49 33.86 5.49
C LYS D 173 39.85 33.19 5.69
N LYS D 174 39.99 32.36 6.72
CA LYS D 174 41.21 31.62 6.94
C LYS D 174 41.54 30.70 5.75
N LEU D 175 40.52 30.05 5.19
CA LEU D 175 40.72 29.16 4.03
C LEU D 175 40.99 29.99 2.75
N ILE D 176 40.34 31.14 2.65
CA ILE D 176 40.62 32.07 1.53
C ILE D 176 42.08 32.50 1.59
N ASP D 177 42.56 32.82 2.78
CA ASP D 177 43.91 33.33 2.93
C ASP D 177 45.01 32.30 2.69
N SER D 178 44.68 31.00 2.75
CA SER D 178 45.61 29.94 2.36
C SER D 178 45.43 29.51 0.89
N GLY D 179 44.71 30.32 0.11
CA GLY D 179 44.61 30.12 -1.34
C GLY D 179 43.44 29.30 -1.86
N ASN D 180 42.50 28.92 -1.00
CA ASN D 180 41.35 28.13 -1.45
C ASN D 180 40.32 29.03 -2.17
N LYS D 181 39.82 28.54 -3.31
CA LYS D 181 38.79 29.24 -4.09
C LYS D 181 37.46 28.50 -4.12
N LYS D 182 37.50 27.17 -3.97
CA LYS D 182 36.29 26.35 -3.86
C LYS D 182 36.18 25.80 -2.44
N ILE D 183 35.35 26.47 -1.64
CA ILE D 183 35.23 26.21 -0.20
C ILE D 183 33.80 25.73 0.07
N ALA D 184 33.69 24.52 0.58
CA ALA D 184 32.40 23.97 1.02
C ALA D 184 32.04 24.44 2.43
N TYR D 185 30.75 24.59 2.67
CA TYR D 185 30.20 24.72 4.02
C TYR D 185 29.25 23.54 4.29
N ILE D 186 29.55 22.79 5.35
CA ILE D 186 28.75 21.62 5.72
C ILE D 186 27.98 21.98 7.04
N MET D 187 26.67 21.89 7.01
CA MET D 187 25.83 22.31 8.15
C MET D 187 24.67 21.36 8.38
N GLY D 188 23.89 21.68 9.42
CA GLY D 188 22.56 21.09 9.66
C GLY D 188 21.48 21.68 8.76
N SER D 189 20.30 21.93 9.31
CA SER D 189 19.19 22.52 8.52
C SER D 189 19.37 24.01 8.36
N LEU D 190 19.38 24.47 7.10
CA LEU D 190 19.56 25.90 6.84
C LEU D 190 18.44 26.75 7.43
N LYS D 191 17.26 26.17 7.62
CA LYS D 191 16.08 26.89 8.14
C LYS D 191 16.26 27.45 9.55
N ASP D 192 17.14 26.80 10.32
CA ASP D 192 17.46 27.20 11.68
C ASP D 192 18.30 28.49 11.73
N VAL D 193 18.00 29.35 12.70
CA VAL D 193 18.58 30.71 12.76
C VAL D 193 20.11 30.68 12.74
N GLU D 194 20.68 29.86 13.62
CA GLU D 194 22.13 29.68 13.73
C GLU D 194 22.82 29.32 12.39
N ASN D 195 22.13 28.54 11.58
CA ASN D 195 22.64 28.17 10.26
C ASN D 195 22.47 29.22 9.15
N THR D 196 21.39 29.98 9.20
CA THR D 196 21.26 31.20 8.38
C THR D 196 22.32 32.23 8.76
N GLU D 197 22.71 32.28 10.04
CA GLU D 197 23.80 33.16 10.50
C GLU D 197 25.18 32.69 9.98
N ARG D 198 25.43 31.37 10.03
CA ARG D 198 26.63 30.79 9.45
C ARG D 198 26.70 31.10 7.95
N MET D 199 25.58 30.92 7.26
CA MET D 199 25.49 31.26 5.82
C MET D 199 25.84 32.72 5.50
N VAL D 200 25.35 33.67 6.31
CA VAL D 200 25.64 35.06 6.07
C VAL D 200 27.13 35.29 6.22
N GLY D 201 27.74 34.74 7.26
CA GLY D 201 29.17 34.96 7.51
C GLY D 201 30.04 34.36 6.41
N TYR D 202 29.71 33.15 6.00
CA TYR D 202 30.36 32.46 4.87
C TYR D 202 30.33 33.28 3.56
N GLN D 203 29.14 33.74 3.21
CA GLN D 203 28.93 34.55 2.02
C GLN D 203 29.63 35.90 2.03
N GLU D 204 29.64 36.54 3.20
CA GLU D 204 30.39 37.78 3.44
C GLU D 204 31.88 37.60 3.14
N ALA D 205 32.47 36.51 3.64
CA ALA D 205 33.88 36.21 3.35
C ALA D 205 34.15 36.01 1.84
N LEU D 206 33.31 35.23 1.17
CA LEU D 206 33.47 34.98 -0.28
C LEU D 206 33.40 36.29 -1.10
N LEU D 207 32.36 37.06 -0.85
CA LEU D 207 32.16 38.39 -1.45
C LEU D 207 33.36 39.35 -1.38
N GLU D 208 33.97 39.41 -0.21
CA GLU D 208 35.10 40.31 -0.01
C GLU D 208 36.35 39.85 -0.76
N ALA D 209 36.43 38.55 -1.06
CA ALA D 209 37.50 37.97 -1.87
C ALA D 209 37.16 37.84 -3.36
N ASN D 210 36.01 38.38 -3.81
CA ASN D 210 35.54 38.26 -5.20
C ASN D 210 35.37 36.80 -5.64
N ILE D 211 34.87 35.96 -4.73
CA ILE D 211 34.50 34.59 -5.06
C ILE D 211 32.99 34.48 -5.18
N GLU D 212 32.50 33.94 -6.28
CA GLU D 212 31.05 33.74 -6.45
C GLU D 212 30.53 32.65 -5.55
N PHE D 213 29.36 32.91 -4.94
CA PHE D 213 28.65 31.94 -4.14
C PHE D 213 28.02 30.89 -5.02
N ASP D 214 28.10 29.64 -4.58
CA ASP D 214 27.57 28.52 -5.33
C ASP D 214 26.84 27.66 -4.33
N GLU D 215 25.50 27.59 -4.43
CA GLU D 215 24.71 26.80 -3.50
C GLU D 215 25.12 25.31 -3.54
N ASN D 216 25.76 24.88 -4.62
CA ASN D 216 26.17 23.48 -4.73
C ASN D 216 27.40 23.08 -3.89
N LEU D 217 28.03 24.07 -3.26
CA LEU D 217 29.08 23.79 -2.27
C LEU D 217 28.60 23.93 -0.81
N VAL D 218 27.28 24.00 -0.62
CA VAL D 218 26.67 23.98 0.69
C VAL D 218 25.92 22.65 0.84
N PHE D 219 26.24 21.99 1.93
CA PHE D 219 25.76 20.64 2.20
C PHE D 219 24.97 20.68 3.50
N GLU D 220 23.64 20.64 3.39
CA GLU D 220 22.73 20.67 4.54
C GLU D 220 22.33 19.30 5.13
N GLY D 221 21.91 19.32 6.37
CA GLY D 221 21.31 18.14 7.04
C GLY D 221 22.28 17.13 7.62
N ASN D 222 23.46 17.61 7.98
CA ASN D 222 24.58 16.75 8.39
C ASN D 222 24.88 16.88 9.85
N TYR D 223 24.75 15.76 10.57
CA TYR D 223 24.85 15.74 12.03
C TYR D 223 25.82 14.70 12.62
N SER D 224 26.09 13.63 11.88
CA SER D 224 26.82 12.47 12.37
C SER D 224 28.19 12.25 11.70
N TYR D 225 29.04 11.51 12.43
CA TYR D 225 30.32 11.02 11.91
C TYR D 225 30.16 10.25 10.58
N GLU D 226 29.18 9.37 10.50
CA GLU D 226 28.92 8.59 9.26
C GLU D 226 28.48 9.50 8.09
N GLN D 227 27.75 10.55 8.38
CA GLN D 227 27.36 11.48 7.33
C GLN D 227 28.58 12.22 6.79
N GLY D 228 29.47 12.64 7.70
CA GLY D 228 30.72 13.34 7.35
C GLY D 228 31.56 12.48 6.42
N LYS D 229 31.76 11.23 6.80
CA LYS D 229 32.51 10.27 5.97
C LYS D 229 31.97 10.13 4.56
N ALA D 230 30.65 10.06 4.44
CA ALA D 230 29.98 9.85 3.15
C ALA D 230 30.00 11.10 2.24
N LEU D 231 30.21 12.28 2.81
CA LEU D 231 30.31 13.50 2.04
C LEU D 231 31.63 13.67 1.29
N ALA D 232 32.69 13.02 1.75
CA ALA D 232 34.04 13.26 1.22
C ALA D 232 34.06 13.24 -0.32
N GLU D 233 33.58 12.16 -0.93
CA GLU D 233 33.68 12.04 -2.38
C GLU D 233 32.79 13.08 -3.09
N ARG D 234 31.70 13.51 -2.42
CA ARG D 234 30.79 14.51 -2.97
C ARG D 234 31.47 15.87 -3.11
N LEU D 235 32.29 16.22 -2.12
CA LEU D 235 33.07 17.44 -2.13
C LEU D 235 34.16 17.37 -3.21
N LEU D 236 34.89 16.25 -3.25
CA LEU D 236 35.98 16.06 -4.23
C LEU D 236 35.44 16.15 -5.66
N GLU D 237 34.26 15.54 -5.92
CA GLU D 237 33.72 15.51 -7.27
C GLU D 237 33.32 16.89 -7.78
N ARG D 238 32.93 17.75 -6.85
CA ARG D 238 32.67 19.14 -7.19
C ARG D 238 33.91 20.05 -7.20
N GLY D 239 35.10 19.49 -6.93
CA GLY D 239 36.35 20.26 -6.90
C GLY D 239 36.57 21.17 -5.70
N ALA D 240 35.84 20.95 -4.61
CA ALA D 240 36.09 21.64 -3.35
C ALA D 240 37.50 21.25 -2.88
N THR D 241 38.26 22.22 -2.37
CA THR D 241 39.59 21.97 -1.82
C THR D 241 39.69 22.22 -0.33
N SER D 242 38.57 22.59 0.29
CA SER D 242 38.50 22.82 1.72
C SER D 242 37.05 22.86 2.16
N ALA D 243 36.83 22.79 3.46
CA ALA D 243 35.51 22.88 4.04
C ALA D 243 35.53 23.47 5.45
N VAL D 244 34.49 24.25 5.73
CA VAL D 244 34.10 24.67 7.10
C VAL D 244 32.91 23.80 7.48
N VAL D 245 32.99 23.20 8.67
CA VAL D 245 32.03 22.20 9.10
C VAL D 245 31.46 22.59 10.49
N SER D 246 30.14 22.67 10.60
CA SER D 246 29.59 23.21 11.83
C SER D 246 29.68 22.24 13.03
N HIS D 247 29.58 20.93 12.80
CA HIS D 247 29.58 19.95 13.90
C HIS D 247 30.86 19.14 13.90
N ASP D 248 31.47 19.00 15.07
CA ASP D 248 32.73 18.28 15.20
C ASP D 248 32.66 16.83 14.73
N THR D 249 31.59 16.11 15.05
CA THR D 249 31.47 14.71 14.65
C THR D 249 31.49 14.56 13.12
N VAL D 250 30.81 15.47 12.44
CA VAL D 250 30.83 15.53 10.98
C VAL D 250 32.24 15.82 10.40
N ALA D 251 32.94 16.79 10.99
CA ALA D 251 34.29 17.17 10.58
C ALA D 251 35.27 16.04 10.73
N VAL D 252 35.17 15.33 11.86
CA VAL D 252 36.03 14.20 12.12
C VAL D 252 35.76 13.08 11.11
N GLY D 253 34.49 12.87 10.76
CA GLY D 253 34.12 11.96 9.67
C GLY D 253 34.68 12.30 8.31
N LEU D 254 34.59 13.58 7.94
CA LEU D 254 35.16 14.11 6.69
C LEU D 254 36.67 13.89 6.65
N LEU D 255 37.34 14.20 7.75
CA LEU D 255 38.80 13.99 7.86
C LEU D 255 39.18 12.52 7.74
N SER D 256 38.47 11.64 8.45
CA SER D 256 38.68 10.21 8.38
C SER D 256 38.63 9.71 6.94
N ALA D 257 37.61 10.15 6.24
CA ALA D 257 37.42 9.69 4.85
C ALA D 257 38.49 10.24 3.88
N MET D 258 38.86 11.52 4.00
CA MET D 258 39.97 12.09 3.23
C MET D 258 41.25 11.28 3.46
N MET D 259 41.57 11.01 4.73
CA MET D 259 42.75 10.18 5.04
C MET D 259 42.67 8.73 4.51
N ASP D 260 41.48 8.12 4.60
CA ASP D 260 41.23 6.74 4.09
C ASP D 260 41.49 6.63 2.55
N LYS D 261 41.22 7.71 1.85
CA LYS D 261 41.35 7.84 0.39
C LYS D 261 42.73 8.32 -0.09
N GLY D 262 43.63 8.64 0.86
CA GLY D 262 44.99 9.12 0.53
C GLY D 262 45.07 10.56 0.02
N VAL D 263 44.07 11.35 0.30
CA VAL D 263 44.05 12.76 -0.01
C VAL D 263 45.01 13.45 0.94
N LYS D 264 45.86 14.36 0.42
CA LYS D 264 46.84 14.99 1.27
C LYS D 264 46.25 16.11 2.08
N VAL D 265 46.33 15.99 3.41
CA VAL D 265 45.81 17.01 4.30
C VAL D 265 47.00 17.57 5.11
N PRO D 266 47.20 18.91 5.12
CA PRO D 266 46.40 19.98 4.53
C PRO D 266 46.82 20.44 3.12
N GLU D 267 47.74 19.73 2.49
CA GLU D 267 48.31 20.21 1.21
C GLU D 267 47.28 20.36 0.10
N ASP D 268 46.41 19.36 -0.06
CA ASP D 268 45.38 19.32 -1.10
C ASP D 268 43.95 19.50 -0.59
N PHE D 269 43.74 19.31 0.71
CA PHE D 269 42.41 19.48 1.31
C PHE D 269 42.54 19.95 2.76
N GLU D 270 41.79 20.99 3.11
CA GLU D 270 41.84 21.61 4.45
C GLU D 270 40.46 21.59 5.08
N ILE D 271 40.42 21.41 6.39
CA ILE D 271 39.17 21.29 7.15
C ILE D 271 39.24 22.18 8.43
N ILE D 272 38.16 22.90 8.69
CA ILE D 272 37.98 23.64 9.94
C ILE D 272 36.65 23.18 10.54
N SER D 273 36.69 22.69 11.77
CA SER D 273 35.52 22.25 12.51
C SER D 273 34.86 23.39 13.35
N GLY D 274 33.73 23.06 13.95
CA GLY D 274 32.83 24.04 14.51
C GLY D 274 32.87 24.35 16.01
N ALA D 275 33.37 23.46 16.86
CA ALA D 275 33.31 23.70 18.34
C ALA D 275 34.49 23.27 19.24
N ASN D 276 35.35 22.39 18.74
CA ASN D 276 36.46 21.84 19.52
C ASN D 276 35.97 21.09 20.77
N SER D 277 34.88 20.34 20.63
CA SER D 277 34.40 19.45 21.67
C SER D 277 35.47 18.40 22.05
N PRO D 278 35.29 17.72 23.19
CA PRO D 278 36.30 16.76 23.63
C PRO D 278 36.81 15.71 22.63
N ILE D 279 35.97 15.20 21.73
CA ILE D 279 36.47 14.22 20.74
C ILE D 279 37.57 14.73 19.80
N THR D 280 37.59 16.04 19.54
CA THR D 280 38.56 16.65 18.61
C THR D 280 40.02 16.46 19.08
N GLN D 281 40.25 16.29 20.39
CA GLN D 281 41.59 15.99 20.89
C GLN D 281 42.18 14.68 20.33
N TYR D 282 41.31 13.76 19.93
CA TYR D 282 41.71 12.41 19.59
C TYR D 282 41.82 12.19 18.08
N THR D 283 41.77 13.26 17.29
CA THR D 283 41.98 13.10 15.85
C THR D 283 43.47 12.99 15.50
N TYR D 284 43.77 12.24 14.47
CA TYR D 284 45.07 12.30 13.80
C TYR D 284 44.86 12.21 12.30
N PRO D 285 45.33 13.22 11.55
CA PRO D 285 45.95 14.49 11.97
C PRO D 285 45.09 15.35 12.89
N THR D 286 45.75 16.26 13.60
CA THR D 286 45.06 17.18 14.48
C THR D 286 44.16 18.15 13.71
N LEU D 287 43.01 18.41 14.32
CA LEU D 287 41.91 19.07 13.65
C LEU D 287 41.77 20.56 14.03
N THR D 288 41.97 21.44 13.04
CA THR D 288 41.70 22.87 13.23
C THR D 288 40.21 23.12 13.53
N SER D 289 39.91 23.98 14.49
CA SER D 289 38.51 24.19 14.90
C SER D 289 38.28 25.58 15.51
N VAL D 290 37.09 26.12 15.27
CA VAL D 290 36.50 27.12 16.17
C VAL D 290 36.39 26.46 17.56
N ASN D 291 36.91 27.15 18.59
CA ASN D 291 36.75 26.74 19.98
C ASN D 291 35.55 27.48 20.61
N GLN D 292 34.49 26.73 20.92
CA GLN D 292 33.36 27.26 21.68
C GLN D 292 33.61 26.94 23.15
N PRO D 293 33.24 27.87 24.04
CA PRO D 293 33.43 27.69 25.49
C PRO D 293 32.28 26.86 26.07
N LEU D 294 32.32 25.54 25.79
CA LEU D 294 31.18 24.66 26.06
C LEU D 294 30.75 24.58 27.54
N TYR D 295 31.69 24.38 28.44
CA TYR D 295 31.36 24.41 29.86
C TYR D 295 30.69 25.73 30.27
N ASP D 296 31.22 26.84 29.78
CA ASP D 296 30.69 28.18 30.09
C ASP D 296 29.30 28.42 29.51
N LEU D 297 29.03 27.85 28.33
CA LEU D 297 27.70 27.96 27.76
C LEU D 297 26.65 27.39 28.70
N GLY D 298 26.92 26.19 29.23
CA GLY D 298 26.08 25.54 30.26
C GLY D 298 25.99 26.30 31.60
N ALA D 299 27.14 26.71 32.13
CA ALA D 299 27.19 27.44 33.39
C ALA D 299 26.44 28.76 33.29
N VAL D 300 26.69 29.50 32.21
CA VAL D 300 26.05 30.80 31.99
C VAL D 300 24.54 30.62 31.86
N ALA D 301 24.12 29.57 31.13
CA ALA D 301 22.70 29.26 30.97
C ALA D 301 22.05 28.93 32.29
N MET D 302 22.72 28.13 33.12
CA MET D 302 22.13 27.70 34.39
C MET D 302 22.05 28.89 35.39
N ARG D 303 23.02 29.80 35.33
CA ARG D 303 22.99 31.05 36.12
C ARG D 303 21.76 31.90 35.78
N LEU D 304 21.47 31.99 34.47
CA LEU D 304 20.35 32.75 33.98
C LEU D 304 19.05 32.06 34.45
N LEU D 305 18.96 30.75 34.23
CA LEU D 305 17.77 30.00 34.64
C LEU D 305 17.49 30.13 36.16
N THR D 306 18.54 30.15 36.97
CA THR D 306 18.44 30.27 38.41
C THR D 306 17.69 31.55 38.76
N LYS D 307 17.97 32.63 38.03
CA LYS D 307 17.28 33.90 38.28
C LYS D 307 15.82 33.85 37.87
N LEU D 308 15.53 33.23 36.72
CA LEU D 308 14.17 33.10 36.23
C LEU D 308 13.32 32.31 37.21
N MET D 309 13.88 31.24 37.77
CA MET D 309 13.13 30.39 38.67
C MET D 309 12.87 31.06 40.02
N LEU D 310 13.72 32.02 40.40
CA LEU D 310 13.49 32.86 41.57
C LEU D 310 12.59 34.09 41.29
N LYS D 311 12.01 34.14 40.10
CA LYS D 311 11.14 35.22 39.63
C LYS D 311 11.87 36.54 39.49
N GLU D 312 13.19 36.46 39.32
CA GLU D 312 14.02 37.66 39.16
C GLU D 312 13.96 38.10 37.69
N ASP D 313 13.79 39.41 37.52
CA ASP D 313 13.79 40.03 36.20
C ASP D 313 15.19 40.02 35.64
N VAL D 314 15.32 39.58 34.40
CA VAL D 314 16.61 39.58 33.74
C VAL D 314 16.55 40.53 32.54
N GLU D 315 17.39 41.55 32.63
CA GLU D 315 17.72 42.47 31.56
C GLU D 315 18.01 41.78 30.20
N GLN D 316 19.17 41.14 30.12
CA GLN D 316 19.68 40.63 28.87
C GLN D 316 19.50 39.13 28.82
N ASN D 317 18.60 38.66 27.94
CA ASN D 317 18.34 37.21 27.85
C ASN D 317 18.85 36.51 26.57
N GLN D 318 19.43 37.27 25.64
CA GLN D 318 20.09 36.68 24.47
C GLN D 318 21.61 36.87 24.65
N LEU D 319 22.24 35.89 25.29
CA LEU D 319 23.65 36.01 25.69
C LEU D 319 24.59 35.39 24.67
N VAL D 320 25.70 36.05 24.39
CA VAL D 320 26.65 35.62 23.36
C VAL D 320 28.05 35.59 23.96
N LEU D 321 28.68 34.42 23.94
CA LEU D 321 30.00 34.24 24.55
C LEU D 321 31.08 34.28 23.47
N ASP D 322 32.28 34.74 23.82
CA ASP D 322 33.37 34.78 22.83
C ASP D 322 33.85 33.39 22.40
N HIS D 323 34.48 33.32 21.23
CA HIS D 323 35.11 32.08 20.73
C HIS D 323 36.51 32.44 20.19
N GLU D 324 37.29 31.43 19.86
CA GLU D 324 38.60 31.58 19.21
C GLU D 324 38.70 30.53 18.10
N ILE D 325 39.75 30.61 17.28
CA ILE D 325 40.10 29.53 16.32
C ILE D 325 41.44 28.98 16.76
N PHE D 326 41.49 27.66 16.94
CA PHE D 326 42.73 26.96 17.22
C PHE D 326 43.28 26.30 15.96
N SER D 327 44.44 26.75 15.50
CA SER D 327 45.04 26.25 14.25
C SER D 327 45.84 25.00 14.54
N ARG D 328 45.53 23.91 13.82
CA ARG D 328 46.19 22.63 14.02
C ARG D 328 46.63 22.09 12.64
N ARG D 329 46.74 20.77 12.47
CA ARG D 329 47.36 20.24 11.26
C ARG D 329 46.37 19.88 10.13
N SER D 330 45.10 20.26 10.23
CA SER D 330 44.17 20.10 9.10
C SER D 330 44.01 21.33 8.23
N THR D 331 44.77 22.39 8.57
CA THR D 331 44.89 23.61 7.77
C THR D 331 46.38 23.95 7.55
N LYS D 332 46.63 24.73 6.51
CA LYS D 332 47.99 25.12 6.13
C LYS D 332 48.58 26.16 7.05
N ARG E 62 -5.25 1.02 -32.71
CA ARG E 62 -3.82 1.39 -32.70
C ARG E 62 -3.43 2.36 -31.56
N THR E 63 -2.90 1.77 -30.50
CA THR E 63 -2.16 2.49 -29.48
C THR E 63 -0.93 3.11 -30.19
N THR E 64 -0.51 4.27 -29.73
CA THR E 64 0.72 4.88 -30.23
C THR E 64 1.88 3.91 -29.99
N THR E 65 2.74 3.78 -31.02
CA THR E 65 3.90 2.90 -30.99
C THR E 65 5.19 3.63 -31.41
N VAL E 66 6.23 3.45 -30.59
CA VAL E 66 7.52 4.10 -30.77
C VAL E 66 8.59 3.06 -31.04
N GLY E 67 9.32 3.27 -32.13
CA GLY E 67 10.48 2.45 -32.43
C GLY E 67 11.76 3.12 -31.93
N VAL E 68 12.62 2.35 -31.26
CA VAL E 68 13.86 2.84 -30.71
C VAL E 68 15.01 2.03 -31.31
N ILE E 69 15.96 2.75 -31.93
CA ILE E 69 17.13 2.15 -32.56
C ILE E 69 18.36 2.62 -31.78
N LEU E 70 19.21 1.67 -31.38
CA LEU E 70 20.50 1.95 -30.70
C LEU E 70 21.52 0.90 -31.06
N PRO E 71 22.84 1.20 -30.91
CA PRO E 71 23.84 0.18 -31.24
C PRO E 71 23.70 -1.16 -30.48
N THR E 72 23.65 -1.09 -29.15
CA THR E 72 23.46 -2.25 -28.33
C THR E 72 22.94 -1.89 -26.96
N ILE E 73 21.95 -2.66 -26.48
CA ILE E 73 21.49 -2.56 -25.10
C ILE E 73 22.51 -2.96 -24.04
N THR E 74 23.63 -3.58 -24.43
CA THR E 74 24.72 -3.90 -23.49
C THR E 74 25.69 -2.71 -23.23
N SER E 75 25.50 -1.61 -23.95
CA SER E 75 26.25 -0.36 -23.72
C SER E 75 25.69 0.37 -22.50
N THR E 76 26.55 0.68 -21.53
CA THR E 76 26.06 1.46 -20.40
C THR E 76 25.65 2.90 -20.77
N TYR E 77 26.24 3.43 -21.82
CA TYR E 77 25.86 4.78 -22.31
C TYR E 77 24.45 4.75 -22.93
N PHE E 78 24.27 3.92 -23.94
CA PHE E 78 22.99 3.85 -24.63
C PHE E 78 21.84 3.29 -23.78
N ALA E 79 22.14 2.33 -22.91
CA ALA E 79 21.11 1.76 -22.09
C ALA E 79 20.53 2.77 -21.10
N ALA E 80 21.37 3.64 -20.55
CA ALA E 80 20.97 4.70 -19.63
C ALA E 80 19.99 5.70 -20.27
N ILE E 81 20.31 6.12 -21.49
CA ILE E 81 19.41 6.95 -22.32
C ILE E 81 18.08 6.22 -22.59
N THR E 82 18.18 4.97 -23.03
CA THR E 82 16.99 4.18 -23.35
C THR E 82 16.02 4.01 -22.18
N ARG E 83 16.56 3.87 -20.95
CA ARG E 83 15.72 3.76 -19.77
C ARG E 83 14.85 5.04 -19.59
N GLY E 84 15.44 6.20 -19.85
CA GLY E 84 14.70 7.46 -19.83
C GLY E 84 13.61 7.50 -20.89
N VAL E 85 13.92 7.03 -22.11
CA VAL E 85 12.91 6.92 -23.17
C VAL E 85 11.76 5.98 -22.70
N ASP E 86 12.15 4.81 -22.17
CA ASP E 86 11.23 3.76 -21.67
C ASP E 86 10.26 4.30 -20.64
N ASP E 87 10.79 5.04 -19.67
CA ASP E 87 9.99 5.51 -18.55
C ASP E 87 8.90 6.48 -19.01
N ILE E 88 9.23 7.38 -19.94
CA ILE E 88 8.23 8.35 -20.46
C ILE E 88 7.19 7.65 -21.35
N ALA E 89 7.63 6.79 -22.26
CA ALA E 89 6.69 5.98 -23.06
C ALA E 89 5.72 5.19 -22.16
N SER E 90 6.27 4.57 -21.12
CA SER E 90 5.48 3.84 -20.15
C SER E 90 4.44 4.70 -19.44
N MET E 91 4.86 5.89 -19.03
CA MET E 91 3.97 6.87 -18.41
C MET E 91 2.84 7.25 -19.37
N TYR E 92 3.13 7.34 -20.66
CA TYR E 92 2.09 7.64 -21.65
C TYR E 92 1.33 6.42 -22.20
N LYS E 93 1.66 5.22 -21.73
CA LYS E 93 1.07 3.97 -22.19
C LYS E 93 1.29 3.70 -23.71
N TYR E 94 2.45 4.10 -24.23
CA TYR E 94 2.82 3.79 -25.60
C TYR E 94 3.45 2.38 -25.71
N ASN E 95 3.30 1.72 -26.85
CA ASN E 95 4.05 0.50 -27.13
C ASN E 95 5.45 0.93 -27.55
N MET E 96 6.45 0.10 -27.25
CA MET E 96 7.83 0.39 -27.65
C MET E 96 8.35 -0.83 -28.38
N ILE E 97 9.08 -0.61 -29.47
CA ILE E 97 9.81 -1.64 -30.15
C ILE E 97 11.27 -1.20 -30.16
N LEU E 98 12.12 -2.03 -29.56
CA LEU E 98 13.56 -1.74 -29.51
C LEU E 98 14.33 -2.63 -30.49
N ALA E 99 15.31 -2.04 -31.20
CA ALA E 99 16.15 -2.77 -32.11
C ALA E 99 17.62 -2.38 -31.94
N ASN E 100 18.48 -3.41 -31.90
CA ASN E 100 19.92 -3.22 -31.82
C ASN E 100 20.51 -3.18 -33.21
N SER E 101 21.22 -2.10 -33.57
CA SER E 101 21.82 -1.92 -34.92
C SER E 101 23.26 -2.43 -35.05
N ASP E 102 23.98 -2.53 -33.93
CA ASP E 102 25.42 -2.77 -33.89
C ASP E 102 26.20 -1.81 -34.80
N ASN E 103 25.65 -0.60 -34.98
CA ASN E 103 26.16 0.44 -35.88
C ASN E 103 26.37 0.01 -37.34
N ASP E 104 25.61 -0.99 -37.76
CA ASP E 104 25.68 -1.56 -39.11
C ASP E 104 24.57 -0.86 -39.93
N VAL E 105 24.98 -0.03 -40.89
CA VAL E 105 24.02 0.74 -41.71
C VAL E 105 23.02 -0.17 -42.44
N GLU E 106 23.50 -1.31 -42.94
CA GLU E 106 22.63 -2.29 -43.61
C GLU E 106 21.56 -2.79 -42.66
N LYS E 107 21.95 -3.10 -41.42
CA LYS E 107 20.97 -3.50 -40.38
C LYS E 107 19.97 -2.37 -40.05
N GLU E 108 20.47 -1.14 -39.93
CA GLU E 108 19.63 0.05 -39.72
C GLU E 108 18.57 0.23 -40.81
N GLU E 109 18.95 0.02 -42.07
CA GLU E 109 18.00 0.12 -43.18
C GLU E 109 16.86 -0.92 -43.04
N LYS E 110 17.24 -2.14 -42.71
CA LYS E 110 16.26 -3.22 -42.52
C LYS E 110 15.34 -2.97 -41.34
N VAL E 111 15.89 -2.48 -40.23
CA VAL E 111 15.08 -2.11 -39.07
C VAL E 111 14.05 -1.06 -39.47
N LEU E 112 14.46 -0.04 -40.21
CA LEU E 112 13.50 1.00 -40.63
C LEU E 112 12.39 0.46 -41.55
N GLU E 113 12.73 -0.50 -42.41
CA GLU E 113 11.75 -1.21 -43.22
C GLU E 113 10.72 -1.94 -42.35
N THR E 114 11.23 -2.60 -41.31
CA THR E 114 10.38 -3.27 -40.33
C THR E 114 9.49 -2.32 -39.54
N PHE E 115 10.06 -1.20 -39.09
CA PHE E 115 9.28 -0.16 -38.41
C PHE E 115 8.12 0.34 -39.28
N LEU E 116 8.39 0.55 -40.57
CA LEU E 116 7.36 1.00 -41.50
C LEU E 116 6.25 -0.06 -41.67
N SER E 117 6.62 -1.34 -41.78
CA SER E 117 5.61 -2.39 -41.91
C SER E 117 4.81 -2.54 -40.61
N LYS E 118 5.43 -2.23 -39.47
CA LYS E 118 4.71 -2.24 -38.17
C LYS E 118 3.92 -0.96 -37.89
N GLN E 119 3.98 0.00 -38.81
CA GLN E 119 3.28 1.28 -38.71
C GLN E 119 3.61 2.04 -37.41
N VAL E 120 4.89 2.14 -37.07
CA VAL E 120 5.28 2.89 -35.88
C VAL E 120 4.88 4.35 -36.12
N ASP E 121 4.63 5.03 -35.03
CA ASP E 121 4.16 6.41 -35.05
C ASP E 121 5.29 7.44 -34.89
N GLY E 122 6.44 7.00 -34.38
CA GLY E 122 7.58 7.84 -34.11
C GLY E 122 8.82 7.02 -33.82
N ILE E 123 9.97 7.62 -34.08
CA ILE E 123 11.26 6.95 -33.91
C ILE E 123 12.24 7.77 -33.02
N VAL E 124 12.88 7.07 -32.07
CA VAL E 124 14.05 7.58 -31.39
C VAL E 124 15.31 6.88 -31.96
N TYR E 125 16.24 7.69 -32.45
CA TYR E 125 17.50 7.21 -33.03
C TYR E 125 18.73 7.55 -32.17
N MET E 126 19.50 6.53 -31.83
CA MET E 126 20.84 6.66 -31.21
C MET E 126 21.90 5.94 -32.04
N GLY E 127 23.09 6.53 -32.13
CA GLY E 127 24.24 5.87 -32.79
C GLY E 127 25.42 6.81 -32.99
N SER E 128 26.49 6.34 -33.64
CA SER E 128 27.70 7.19 -33.81
C SER E 128 27.39 8.39 -34.70
N SER E 129 26.67 8.15 -35.80
CA SER E 129 26.16 9.25 -36.61
C SER E 129 25.02 8.76 -37.47
N LEU E 130 24.27 9.72 -37.98
CA LEU E 130 23.20 9.45 -38.91
C LEU E 130 23.77 9.36 -40.33
N ASP E 131 23.83 8.15 -40.88
CA ASP E 131 24.28 7.94 -42.26
C ASP E 131 23.30 8.52 -43.26
N GLU E 132 23.80 8.97 -44.42
CA GLU E 132 22.89 9.57 -45.42
C GLU E 132 21.76 8.58 -45.85
N LYS E 133 22.06 7.29 -45.95
CA LYS E 133 21.03 6.29 -46.26
C LYS E 133 19.88 6.28 -45.26
N ILE E 134 20.22 6.46 -44.00
CA ILE E 134 19.25 6.44 -42.91
C ILE E 134 18.44 7.76 -42.90
N ARG E 135 19.12 8.88 -43.07
CA ARG E 135 18.43 10.16 -43.35
C ARG E 135 17.42 10.09 -44.50
N THR E 136 17.83 9.54 -45.64
CA THR E 136 16.92 9.38 -46.78
C THR E 136 15.70 8.50 -46.45
N SER E 137 15.94 7.38 -45.76
CA SER E 137 14.85 6.47 -45.39
C SER E 137 13.80 7.21 -44.55
N LEU E 138 14.29 7.98 -43.58
CA LEU E 138 13.44 8.78 -42.70
C LEU E 138 12.67 9.88 -43.44
N LYS E 139 13.36 10.59 -44.33
CA LYS E 139 12.72 11.60 -45.19
C LYS E 139 11.59 10.90 -45.95
N ASN E 140 11.92 9.78 -46.55
CA ASN E 140 11.00 9.05 -47.40
C ASN E 140 9.72 8.63 -46.68
N SER E 141 9.86 8.15 -45.46
CA SER E 141 8.73 7.63 -44.69
C SER E 141 7.88 8.72 -44.00
N ARG E 142 8.47 9.90 -43.80
CA ARG E 142 7.81 11.00 -43.09
C ARG E 142 7.47 10.65 -41.64
N THR E 143 8.20 9.72 -41.05
CA THR E 143 7.93 9.34 -39.67
C THR E 143 8.58 10.36 -38.75
N PRO E 144 7.82 10.93 -37.76
CA PRO E 144 8.48 11.77 -36.76
C PRO E 144 9.67 11.08 -36.08
N VAL E 145 10.80 11.78 -35.99
CA VAL E 145 12.05 11.20 -35.47
C VAL E 145 12.79 12.23 -34.60
N VAL E 146 13.40 11.74 -33.52
CA VAL E 146 14.30 12.55 -32.68
C VAL E 146 15.65 11.77 -32.57
N LEU E 147 16.76 12.48 -32.78
CA LEU E 147 18.13 11.96 -32.61
C LEU E 147 18.53 12.21 -31.16
N VAL E 148 19.15 11.23 -30.52
CA VAL E 148 19.65 11.45 -29.15
C VAL E 148 21.14 11.10 -29.08
N GLY E 149 21.95 12.08 -28.67
CA GLY E 149 23.40 11.97 -28.61
C GLY E 149 24.16 12.12 -29.92
N THR E 150 23.46 12.53 -30.97
CA THR E 150 24.07 12.86 -32.21
C THR E 150 23.28 14.01 -32.83
N ILE E 151 23.91 14.65 -33.80
CA ILE E 151 23.38 15.87 -34.44
C ILE E 151 23.33 15.62 -35.94
N ASP E 152 22.22 15.99 -36.54
CA ASP E 152 22.07 15.97 -38.01
C ASP E 152 23.11 16.91 -38.64
N GLY E 153 23.86 16.38 -39.59
CA GLY E 153 24.80 17.16 -40.38
C GLY E 153 24.14 18.36 -41.05
N ASP E 154 22.92 18.15 -41.57
CA ASP E 154 22.14 19.25 -42.15
C ASP E 154 21.47 20.10 -41.09
N LYS E 155 21.57 19.66 -39.84
CA LYS E 155 21.09 20.37 -38.66
C LYS E 155 19.59 20.73 -38.67
N GLU E 156 18.74 19.82 -39.14
CA GLU E 156 17.29 20.07 -39.11
C GLU E 156 16.41 18.99 -38.49
N ILE E 157 16.87 17.74 -38.45
CA ILE E 157 16.14 16.72 -37.74
C ILE E 157 16.22 17.10 -36.26
N PRO E 158 15.09 17.06 -35.53
CA PRO E 158 15.14 17.30 -34.09
C PRO E 158 16.12 16.41 -33.30
N SER E 159 16.73 17.00 -32.28
CA SER E 159 17.72 16.29 -31.50
C SER E 159 17.87 16.79 -30.06
N VAL E 160 18.42 15.89 -29.24
CA VAL E 160 18.75 16.21 -27.85
C VAL E 160 20.21 15.79 -27.54
N ASN E 161 20.96 16.78 -27.07
CA ASN E 161 22.43 16.66 -26.82
C ASN E 161 22.85 17.60 -25.71
N ILE E 162 24.07 17.40 -25.21
CA ILE E 162 24.81 18.47 -24.50
C ILE E 162 25.54 19.41 -25.48
N ASP E 163 26.08 20.50 -24.92
CA ASP E 163 26.92 21.44 -25.67
C ASP E 163 28.36 20.93 -25.72
N TYR E 164 28.68 20.28 -26.84
CA TYR E 164 29.96 19.60 -27.03
C TYR E 164 31.11 20.56 -27.11
N HIS E 165 30.89 21.73 -27.71
CA HIS E 165 31.92 22.79 -27.76
C HIS E 165 32.33 23.25 -26.35
N LEU E 166 31.34 23.58 -25.55
CA LEU E 166 31.56 24.05 -24.18
C LEU E 166 32.25 22.99 -23.34
N ALA E 167 31.78 21.74 -23.45
CA ALA E 167 32.37 20.65 -22.69
C ALA E 167 33.88 20.38 -23.07
N ALA E 168 34.23 20.45 -24.36
CA ALA E 168 35.62 20.36 -24.88
C ALA E 168 36.49 21.54 -24.36
N TYR E 169 35.94 22.74 -24.39
CA TYR E 169 36.64 23.93 -23.88
C TYR E 169 36.98 23.76 -22.39
N GLN E 170 35.97 23.45 -21.60
CA GLN E 170 36.09 23.25 -20.15
C GLN E 170 37.06 22.17 -19.74
N SER E 171 36.99 21.05 -20.45
CA SER E 171 37.88 19.92 -20.20
C SER E 171 39.34 20.27 -20.55
N THR E 172 39.55 20.90 -21.70
CA THR E 172 40.90 21.27 -22.14
C THR E 172 41.50 22.32 -21.17
N LYS E 173 40.71 23.30 -20.79
CA LYS E 173 41.12 24.32 -19.80
C LYS E 173 41.48 23.74 -18.42
N LYS E 174 40.76 22.73 -17.96
CA LYS E 174 41.11 22.05 -16.69
C LYS E 174 42.52 21.48 -16.75
N LEU E 175 42.83 20.83 -17.89
CA LEU E 175 44.17 20.28 -18.13
C LEU E 175 45.25 21.37 -18.28
N ILE E 176 44.92 22.47 -18.94
CA ILE E 176 45.82 23.62 -19.01
C ILE E 176 46.10 24.14 -17.61
N ASP E 177 45.04 24.23 -16.81
CA ASP E 177 45.18 24.78 -15.49
C ASP E 177 45.99 23.93 -14.50
N SER E 178 46.09 22.63 -14.74
CA SER E 178 47.02 21.79 -13.93
C SER E 178 48.44 21.69 -14.51
N GLY E 179 48.76 22.52 -15.50
CA GLY E 179 50.12 22.70 -15.99
C GLY E 179 50.48 21.94 -17.26
N ASN E 180 49.51 21.33 -17.93
CA ASN E 180 49.78 20.59 -19.15
C ASN E 180 49.97 21.55 -20.32
N LYS E 181 50.99 21.28 -21.14
CA LYS E 181 51.26 22.04 -22.37
C LYS E 181 50.98 21.26 -23.64
N LYS E 182 51.16 19.93 -23.59
CA LYS E 182 50.89 19.04 -24.72
C LYS E 182 49.69 18.17 -24.31
N ILE E 183 48.53 18.59 -24.82
CA ILE E 183 47.21 18.01 -24.48
C ILE E 183 46.61 17.37 -25.73
N ALA E 184 46.34 16.06 -25.67
CA ALA E 184 45.72 15.33 -26.78
C ALA E 184 44.18 15.42 -26.66
N TYR E 185 43.49 15.38 -27.80
CA TYR E 185 42.07 15.14 -27.84
C TYR E 185 41.80 13.88 -28.67
N ILE E 186 41.17 12.87 -28.03
CA ILE E 186 40.75 11.65 -28.68
C ILE E 186 39.22 11.70 -28.90
N MET E 187 38.79 11.57 -30.15
CA MET E 187 37.41 11.73 -30.47
C MET E 187 37.00 10.72 -31.53
N GLY E 188 35.69 10.69 -31.78
CA GLY E 188 35.10 9.92 -32.87
C GLY E 188 35.39 10.58 -34.21
N SER E 189 34.63 10.20 -35.24
CA SER E 189 34.78 10.77 -36.59
C SER E 189 34.59 12.29 -36.69
N LEU E 190 35.59 12.94 -37.29
CA LEU E 190 35.50 14.40 -37.61
C LEU E 190 34.54 14.79 -38.74
N LYS E 191 33.89 13.81 -39.36
CA LYS E 191 32.81 14.10 -40.27
C LYS E 191 31.54 14.48 -39.50
N ASP E 192 31.47 14.17 -38.19
CA ASP E 192 30.27 14.38 -37.38
C ASP E 192 30.36 15.72 -36.63
N VAL E 193 29.23 16.41 -36.52
CA VAL E 193 29.16 17.77 -36.00
C VAL E 193 29.59 17.80 -34.53
N GLU E 194 29.21 16.79 -33.77
CA GLU E 194 29.64 16.71 -32.38
C GLU E 194 31.18 16.80 -32.23
N ASN E 195 31.93 16.21 -33.17
CA ASN E 195 33.39 16.19 -33.07
C ASN E 195 34.03 17.43 -33.64
N THR E 196 33.41 18.03 -34.66
CA THR E 196 33.89 19.33 -35.15
C THR E 196 33.65 20.41 -34.07
N GLU E 197 32.55 20.28 -33.31
CA GLU E 197 32.33 21.17 -32.17
C GLU E 197 33.37 20.99 -31.07
N ARG E 198 33.72 19.74 -30.77
CA ARG E 198 34.78 19.44 -29.81
C ARG E 198 36.11 20.05 -30.24
N MET E 199 36.43 19.95 -31.53
CA MET E 199 37.70 20.53 -32.05
C MET E 199 37.78 22.07 -31.84
N VAL E 200 36.69 22.76 -32.11
CA VAL E 200 36.57 24.21 -31.93
C VAL E 200 36.80 24.60 -30.44
N GLY E 201 36.12 23.90 -29.53
CA GLY E 201 36.25 24.14 -28.10
C GLY E 201 37.67 23.92 -27.57
N TYR E 202 38.27 22.78 -27.98
CA TYR E 202 39.68 22.47 -27.74
C TYR E 202 40.62 23.58 -28.26
N GLN E 203 40.46 23.96 -29.53
CA GLN E 203 41.24 25.06 -30.11
C GLN E 203 41.08 26.42 -29.34
N GLU E 204 39.86 26.73 -28.92
CA GLU E 204 39.55 27.98 -28.17
C GLU E 204 40.31 28.03 -26.85
N ALA E 205 40.34 26.90 -26.15
CA ALA E 205 41.07 26.81 -24.89
C ALA E 205 42.61 26.94 -25.07
N LEU E 206 43.17 26.28 -26.09
CA LEU E 206 44.61 26.38 -26.37
C LEU E 206 45.00 27.81 -26.73
N LEU E 207 44.23 28.42 -27.62
CA LEU E 207 44.50 29.81 -28.07
C LEU E 207 44.49 30.79 -26.88
N GLU E 208 43.50 30.66 -26.00
CA GLU E 208 43.40 31.50 -24.79
C GLU E 208 44.65 31.37 -23.89
N ALA E 209 45.26 30.19 -23.89
CA ALA E 209 46.50 29.92 -23.12
C ALA E 209 47.80 30.15 -23.86
N ASN E 210 47.72 30.65 -25.09
CA ASN E 210 48.86 30.86 -25.98
C ASN E 210 49.65 29.57 -26.25
N ILE E 211 48.93 28.45 -26.38
CA ILE E 211 49.53 27.18 -26.73
C ILE E 211 49.20 26.97 -28.21
N GLU E 212 50.20 26.73 -29.04
CA GLU E 212 49.94 26.56 -30.47
C GLU E 212 49.22 25.25 -30.73
N PHE E 213 48.29 25.29 -31.68
CA PHE E 213 47.52 24.11 -32.03
C PHE E 213 48.43 23.20 -32.83
N ASP E 214 48.38 21.90 -32.53
CA ASP E 214 49.14 20.86 -33.25
C ASP E 214 48.20 19.72 -33.64
N GLU E 215 48.01 19.58 -34.96
CA GLU E 215 47.12 18.59 -35.50
C GLU E 215 47.53 17.19 -35.13
N ASN E 216 48.82 16.96 -34.85
CA ASN E 216 49.31 15.62 -34.54
C ASN E 216 48.87 15.09 -33.15
N LEU E 217 48.28 15.96 -32.33
CA LEU E 217 47.77 15.59 -31.01
C LEU E 217 46.24 15.39 -30.99
N VAL E 218 45.61 15.43 -32.17
CA VAL E 218 44.18 15.11 -32.28
C VAL E 218 44.06 13.75 -32.97
N PHE E 219 43.38 12.82 -32.30
CA PHE E 219 43.24 11.40 -32.71
C PHE E 219 41.74 11.09 -32.94
N GLU E 220 41.35 10.99 -34.20
CA GLU E 220 39.94 10.84 -34.53
C GLU E 220 39.59 9.42 -34.95
N GLY E 221 38.30 9.11 -34.92
CA GLY E 221 37.81 7.82 -35.36
C GLY E 221 37.75 6.77 -34.26
N ASN E 222 37.82 7.20 -33.00
CA ASN E 222 37.93 6.30 -31.87
C ASN E 222 36.67 6.12 -31.04
N TYR E 223 36.26 4.84 -30.91
CA TYR E 223 34.98 4.40 -30.27
C TYR E 223 35.12 3.27 -29.23
N SER E 224 36.14 2.43 -29.38
CA SER E 224 36.24 1.19 -28.56
C SER E 224 37.32 1.20 -27.51
N TYR E 225 37.12 0.33 -26.54
CA TYR E 225 38.14 -0.01 -25.54
C TYR E 225 39.49 -0.32 -26.20
N GLU E 226 39.49 -1.23 -27.18
CA GLU E 226 40.71 -1.63 -27.88
C GLU E 226 41.44 -0.47 -28.58
N GLN E 227 40.66 0.45 -29.17
CA GLN E 227 41.24 1.63 -29.82
C GLN E 227 41.93 2.53 -28.81
N GLY E 228 41.28 2.70 -27.64
CA GLY E 228 41.85 3.39 -26.48
C GLY E 228 43.19 2.81 -26.03
N LYS E 229 43.27 1.47 -25.88
CA LYS E 229 44.52 0.81 -25.48
C LYS E 229 45.65 1.02 -26.46
N ALA E 230 45.30 0.89 -27.73
CA ALA E 230 46.29 1.01 -28.82
C ALA E 230 46.82 2.44 -29.02
N LEU E 231 46.08 3.43 -28.57
CA LEU E 231 46.53 4.82 -28.66
C LEU E 231 47.59 5.26 -27.66
N ALA E 232 47.80 4.50 -26.58
CA ALA E 232 48.71 4.94 -25.52
C ALA E 232 50.12 5.25 -26.08
N GLU E 233 50.62 4.37 -26.94
CA GLU E 233 51.95 4.58 -27.55
C GLU E 233 52.01 5.78 -28.49
N ARG E 234 50.91 6.04 -29.19
CA ARG E 234 50.85 7.17 -30.14
C ARG E 234 50.84 8.51 -29.42
N LEU E 235 50.21 8.56 -28.24
CA LEU E 235 50.23 9.78 -27.38
C LEU E 235 51.63 10.00 -26.75
N LEU E 236 52.20 8.94 -26.22
CA LEU E 236 53.46 9.03 -25.48
C LEU E 236 54.61 9.36 -26.42
N GLU E 237 54.62 8.79 -27.64
CA GLU E 237 55.73 9.05 -28.56
C GLU E 237 55.76 10.53 -28.99
N ARG E 238 54.61 11.21 -28.91
CA ARG E 238 54.48 12.63 -29.26
C ARG E 238 54.70 13.57 -28.06
N GLY E 239 54.93 13.01 -26.88
CA GLY E 239 55.14 13.79 -25.67
C GLY E 239 53.87 14.32 -25.02
N ALA E 240 52.70 13.77 -25.38
CA ALA E 240 51.47 14.23 -24.72
C ALA E 240 51.52 13.83 -23.23
N THR E 241 51.15 14.75 -22.34
CA THR E 241 51.11 14.46 -20.90
C THR E 241 49.66 14.35 -20.34
N SER E 242 48.70 14.51 -21.23
CA SER E 242 47.28 14.38 -20.88
C SER E 242 46.39 14.20 -22.11
N ALA E 243 45.12 13.88 -21.88
CA ALA E 243 44.15 13.70 -22.95
C ALA E 243 42.74 13.95 -22.48
N VAL E 244 41.99 14.65 -23.33
CA VAL E 244 40.52 14.65 -23.25
C VAL E 244 40.02 13.55 -24.20
N VAL E 245 39.04 12.75 -23.76
CA VAL E 245 38.56 11.59 -24.51
C VAL E 245 37.01 11.66 -24.62
N SER E 246 36.47 11.63 -25.83
CA SER E 246 35.02 11.76 -25.99
C SER E 246 34.19 10.57 -25.48
N HIS E 247 34.71 9.35 -25.57
CA HIS E 247 33.98 8.13 -25.24
C HIS E 247 34.58 7.47 -24.02
N ASP E 248 33.73 7.15 -23.07
CA ASP E 248 34.14 6.52 -21.81
C ASP E 248 34.83 5.16 -22.06
N THR E 249 34.33 4.40 -23.02
CA THR E 249 34.93 3.11 -23.39
C THR E 249 36.43 3.27 -23.79
N VAL E 250 36.71 4.30 -24.60
CA VAL E 250 38.03 4.61 -25.08
C VAL E 250 38.92 5.10 -23.94
N ALA E 251 38.35 5.94 -23.08
CA ALA E 251 39.04 6.47 -21.92
C ALA E 251 39.52 5.36 -20.97
N VAL E 252 38.64 4.39 -20.73
CA VAL E 252 39.00 3.21 -19.92
C VAL E 252 40.14 2.38 -20.53
N GLY E 253 40.08 2.12 -21.83
CA GLY E 253 41.18 1.41 -22.53
C GLY E 253 42.51 2.13 -22.47
N LEU E 254 42.48 3.46 -22.66
CA LEU E 254 43.66 4.30 -22.51
C LEU E 254 44.25 4.24 -21.13
N LEU E 255 43.39 4.48 -20.15
CA LEU E 255 43.81 4.46 -18.73
C LEU E 255 44.44 3.09 -18.37
N SER E 256 43.77 2.01 -18.76
CA SER E 256 44.25 0.64 -18.46
C SER E 256 45.62 0.38 -19.07
N ALA E 257 45.82 0.88 -20.28
CA ALA E 257 47.10 0.76 -21.01
C ALA E 257 48.19 1.56 -20.33
N MET E 258 47.88 2.80 -19.93
CA MET E 258 48.83 3.66 -19.19
C MET E 258 49.28 3.01 -17.91
N MET E 259 48.32 2.49 -17.15
CA MET E 259 48.61 1.81 -15.87
C MET E 259 49.50 0.56 -16.05
N ASP E 260 49.15 -0.25 -17.04
CA ASP E 260 49.90 -1.45 -17.40
C ASP E 260 51.35 -1.15 -17.83
N LYS E 261 51.58 0.02 -18.42
CA LYS E 261 52.93 0.48 -18.81
C LYS E 261 53.76 1.12 -17.68
N GLY E 262 53.18 1.27 -16.51
CA GLY E 262 53.86 1.84 -15.36
C GLY E 262 53.83 3.36 -15.37
N VAL E 263 53.00 3.95 -16.22
CA VAL E 263 52.82 5.40 -16.23
C VAL E 263 51.99 5.85 -15.02
N LYS E 264 52.42 6.90 -14.33
CA LYS E 264 51.74 7.38 -13.10
C LYS E 264 50.61 8.33 -13.50
N VAL E 265 49.38 7.94 -13.12
CA VAL E 265 48.18 8.72 -13.31
C VAL E 265 47.64 9.09 -11.91
N PRO E 266 47.47 10.38 -11.63
CA PRO E 266 47.57 11.56 -12.46
C PRO E 266 48.94 12.30 -12.44
N GLU E 267 49.93 11.79 -11.72
CA GLU E 267 51.18 12.55 -11.58
C GLU E 267 51.84 12.92 -12.90
N ASP E 268 51.97 11.93 -13.80
CA ASP E 268 52.67 12.13 -15.08
C ASP E 268 51.77 12.12 -16.31
N PHE E 269 50.53 11.64 -16.17
CA PHE E 269 49.58 11.61 -17.27
C PHE E 269 48.16 11.78 -16.69
N GLU E 270 47.41 12.74 -17.20
CA GLU E 270 46.01 12.95 -16.81
C GLU E 270 44.99 12.63 -17.91
N ILE E 271 43.79 12.20 -17.51
CA ILE E 271 42.69 11.85 -18.44
C ILE E 271 41.34 12.41 -17.95
N ILE E 272 40.59 13.03 -18.87
CA ILE E 272 39.23 13.43 -18.71
C ILE E 272 38.39 12.71 -19.75
N SER E 273 37.34 12.02 -19.27
CA SER E 273 36.43 11.30 -20.12
C SER E 273 35.19 12.16 -20.53
N GLY E 274 34.34 11.60 -21.41
CA GLY E 274 33.31 12.39 -22.10
C GLY E 274 31.84 12.38 -21.67
N ALA E 275 31.43 11.42 -20.87
CA ALA E 275 29.96 11.20 -20.58
C ALA E 275 29.57 10.88 -19.12
N ASN E 276 30.49 10.31 -18.35
CA ASN E 276 30.16 9.81 -17.00
C ASN E 276 29.13 8.69 -17.00
N SER E 277 29.26 7.76 -17.96
CA SER E 277 28.50 6.54 -17.91
C SER E 277 29.12 5.73 -16.71
N PRO E 278 28.40 4.72 -16.21
CA PRO E 278 28.83 4.02 -14.98
C PRO E 278 30.26 3.49 -15.00
N ILE E 279 30.72 3.07 -16.18
CA ILE E 279 32.05 2.51 -16.30
C ILE E 279 33.22 3.46 -15.90
N THR E 280 32.99 4.77 -15.90
CA THR E 280 34.02 5.70 -15.46
C THR E 280 34.40 5.56 -13.97
N GLN E 281 33.54 4.90 -13.18
CA GLN E 281 33.83 4.64 -11.78
C GLN E 281 34.50 3.26 -11.54
N TYR E 282 34.62 2.46 -12.59
CA TYR E 282 35.01 1.06 -12.43
C TYR E 282 36.54 0.85 -12.52
N THR E 283 37.26 1.88 -12.91
CA THR E 283 38.74 1.85 -12.90
C THR E 283 39.28 2.51 -11.64
N TYR E 284 40.49 2.11 -11.25
CA TYR E 284 41.29 2.86 -10.28
C TYR E 284 42.66 3.11 -10.93
N PRO E 285 43.05 4.39 -11.09
CA PRO E 285 42.23 5.55 -10.66
C PRO E 285 40.93 5.75 -11.38
N THR E 286 39.96 6.30 -10.65
CA THR E 286 38.64 6.63 -11.21
C THR E 286 38.76 7.80 -12.17
N LEU E 287 37.94 7.78 -13.21
CA LEU E 287 38.05 8.74 -14.32
C LEU E 287 37.27 10.03 -14.08
N THR E 288 38.00 11.14 -14.04
CA THR E 288 37.43 12.48 -14.16
C THR E 288 36.63 12.50 -15.49
N SER E 289 35.43 13.06 -15.45
CA SER E 289 34.53 13.01 -16.62
C SER E 289 33.59 14.21 -16.70
N VAL E 290 33.33 14.66 -17.93
CA VAL E 290 32.14 15.43 -18.23
C VAL E 290 30.92 14.58 -17.90
N ASN E 291 29.97 15.14 -17.20
CA ASN E 291 28.72 14.45 -16.88
C ASN E 291 27.62 14.81 -17.86
N GLN E 292 27.33 13.91 -18.80
CA GLN E 292 26.12 13.99 -19.61
C GLN E 292 24.91 13.43 -18.82
N PRO E 293 23.76 14.13 -18.84
CA PRO E 293 22.58 13.69 -18.11
C PRO E 293 21.86 12.61 -18.93
N LEU E 294 22.36 11.39 -18.84
CA LEU E 294 21.96 10.36 -19.82
C LEU E 294 20.47 10.02 -19.75
N TYR E 295 19.95 9.78 -18.54
CA TYR E 295 18.56 9.48 -18.34
C TYR E 295 17.68 10.61 -18.91
N ASP E 296 18.05 11.85 -18.58
CA ASP E 296 17.34 13.03 -19.02
C ASP E 296 17.38 13.25 -20.53
N LEU E 297 18.52 12.91 -21.18
CA LEU E 297 18.61 12.92 -22.66
C LEU E 297 17.50 12.11 -23.29
N GLY E 298 17.27 10.90 -22.76
CA GLY E 298 16.25 9.99 -23.23
C GLY E 298 14.84 10.46 -22.91
N ALA E 299 14.61 10.88 -21.67
CA ALA E 299 13.30 11.40 -21.25
C ALA E 299 12.89 12.65 -22.05
N VAL E 300 13.81 13.59 -22.20
CA VAL E 300 13.55 14.84 -22.93
C VAL E 300 13.25 14.52 -24.41
N ALA E 301 13.99 13.58 -24.98
CA ALA E 301 13.77 13.15 -26.36
C ALA E 301 12.40 12.56 -26.60
N MET E 302 11.95 11.70 -25.67
CA MET E 302 10.58 11.09 -25.76
C MET E 302 9.47 12.14 -25.58
N ARG E 303 9.64 13.08 -24.65
CA ARG E 303 8.66 14.15 -24.51
C ARG E 303 8.57 15.01 -25.79
N LEU E 304 9.72 15.28 -26.41
CA LEU E 304 9.75 16.00 -27.68
C LEU E 304 9.10 15.18 -28.79
N LEU E 305 9.43 13.89 -28.89
CA LEU E 305 8.79 13.06 -29.91
C LEU E 305 7.25 13.01 -29.75
N THR E 306 6.80 12.95 -28.50
CA THR E 306 5.36 12.93 -28.19
C THR E 306 4.67 14.18 -28.77
N LYS E 307 5.28 15.34 -28.60
CA LYS E 307 4.77 16.58 -29.21
C LYS E 307 4.71 16.51 -30.73
N LEU E 308 5.77 16.01 -31.37
CA LEU E 308 5.80 15.79 -32.82
C LEU E 308 4.68 14.86 -33.32
N MET E 309 4.49 13.73 -32.62
CA MET E 309 3.46 12.75 -32.97
C MET E 309 2.02 13.30 -32.77
N LEU E 310 1.85 14.17 -31.78
CA LEU E 310 0.56 14.83 -31.52
C LEU E 310 0.32 16.04 -32.41
N LYS E 311 1.32 16.35 -33.24
CA LYS E 311 1.30 17.51 -34.13
C LYS E 311 1.16 18.79 -33.34
N GLU E 312 1.84 18.87 -32.20
CA GLU E 312 1.91 20.10 -31.41
C GLU E 312 3.04 20.94 -31.96
N ASP E 313 2.89 22.26 -31.93
CA ASP E 313 3.92 23.14 -32.48
C ASP E 313 5.17 23.09 -31.60
N VAL E 314 6.34 22.98 -32.23
CA VAL E 314 7.60 23.01 -31.50
C VAL E 314 8.45 24.18 -31.99
N GLU E 315 8.62 25.15 -31.11
CA GLU E 315 9.56 26.27 -31.26
C GLU E 315 11.03 25.85 -31.50
N GLN E 316 11.64 25.13 -30.55
CA GLN E 316 13.07 24.80 -30.65
C GLN E 316 13.23 23.30 -30.69
N ASN E 317 13.74 22.79 -31.80
CA ASN E 317 13.83 21.35 -31.94
C ASN E 317 15.26 20.80 -31.83
N GLN E 318 16.24 21.71 -31.68
CA GLN E 318 17.60 21.35 -31.27
C GLN E 318 17.77 21.67 -29.79
N LEU E 319 17.49 20.69 -28.95
CA LEU E 319 17.54 20.85 -27.50
C LEU E 319 18.91 20.55 -26.91
N VAL E 320 19.32 21.38 -25.95
CA VAL E 320 20.65 21.27 -25.31
C VAL E 320 20.47 21.21 -23.81
N LEU E 321 20.96 20.13 -23.20
CA LEU E 321 20.90 19.90 -21.78
C LEU E 321 22.23 20.30 -21.15
N ASP E 322 22.15 20.82 -19.92
CA ASP E 322 23.35 21.21 -19.16
C ASP E 322 24.26 20.01 -18.81
N HIS E 323 25.57 20.24 -18.67
CA HIS E 323 26.50 19.27 -18.16
C HIS E 323 27.34 19.87 -17.03
N GLU E 324 28.08 19.03 -16.34
CA GLU E 324 29.10 19.42 -15.36
C GLU E 324 30.38 18.59 -15.57
N ILE E 325 31.46 18.93 -14.87
CA ILE E 325 32.63 18.05 -14.79
C ILE E 325 32.66 17.46 -13.39
N PHE E 326 32.79 16.15 -13.32
CA PHE E 326 33.03 15.43 -12.04
C PHE E 326 34.52 15.13 -11.90
N SER E 327 35.15 15.75 -10.89
CA SER E 327 36.59 15.56 -10.66
C SER E 327 36.82 14.27 -9.86
N ARG E 328 37.65 13.38 -10.39
CA ARG E 328 38.00 12.12 -9.71
C ARG E 328 39.54 11.93 -9.71
N ARG E 329 40.02 10.69 -9.63
CA ARG E 329 41.49 10.47 -9.41
C ARG E 329 42.39 10.62 -10.61
N SER E 330 41.85 10.67 -11.83
CA SER E 330 42.68 10.68 -13.04
C SER E 330 43.13 12.08 -13.46
N THR E 331 42.74 13.09 -12.70
CA THR E 331 43.29 14.43 -12.85
C THR E 331 43.86 14.86 -11.50
N LYS E 332 44.79 15.81 -11.54
CA LYS E 332 45.45 16.32 -10.34
C LYS E 332 44.49 17.24 -9.61
N LYS F 61 -2.76 -17.47 -37.84
CA LYS F 61 -2.88 -16.11 -38.46
C LYS F 61 -1.95 -15.10 -37.78
N ARG F 62 -2.33 -14.64 -36.58
CA ARG F 62 -1.67 -13.51 -35.87
C ARG F 62 -0.20 -13.79 -35.53
N THR F 63 0.65 -12.76 -35.58
CA THR F 63 2.09 -12.99 -35.34
C THR F 63 2.41 -13.30 -33.88
N THR F 64 3.25 -14.32 -33.67
CA THR F 64 3.69 -14.68 -32.32
C THR F 64 4.40 -13.51 -31.61
N THR F 65 4.01 -13.30 -30.36
CA THR F 65 4.50 -12.20 -29.52
C THR F 65 5.08 -12.76 -28.22
N VAL F 66 6.35 -12.43 -27.98
CA VAL F 66 7.09 -12.80 -26.78
C VAL F 66 7.22 -11.57 -25.89
N GLY F 67 6.77 -11.70 -24.64
CA GLY F 67 7.04 -10.70 -23.58
C GLY F 67 8.23 -11.09 -22.73
N VAL F 68 9.15 -10.16 -22.53
CA VAL F 68 10.32 -10.36 -21.71
C VAL F 68 10.25 -9.41 -20.50
N ILE F 69 10.33 -9.97 -19.30
CA ILE F 69 10.34 -9.22 -18.05
C ILE F 69 11.74 -9.30 -17.50
N LEU F 70 12.33 -8.12 -17.28
CA LEU F 70 13.64 -8.00 -16.60
C LEU F 70 13.60 -6.81 -15.63
N PRO F 71 14.42 -6.87 -14.56
CA PRO F 71 14.49 -5.77 -13.61
C PRO F 71 14.75 -4.37 -14.24
N THR F 72 15.83 -4.27 -15.00
CA THR F 72 16.14 -3.07 -15.73
C THR F 72 17.07 -3.32 -16.93
N ILE F 73 16.78 -2.65 -18.03
CA ILE F 73 17.69 -2.58 -19.17
C ILE F 73 19.12 -2.13 -18.86
N THR F 74 19.30 -1.38 -17.76
CA THR F 74 20.63 -0.84 -17.39
C THR F 74 21.50 -1.88 -16.67
N SER F 75 20.99 -3.11 -16.46
CA SER F 75 21.84 -4.22 -16.03
C SER F 75 22.46 -4.90 -17.23
N THR F 76 23.79 -4.85 -17.39
CA THR F 76 24.38 -5.48 -18.59
C THR F 76 24.28 -6.99 -18.55
N TYR F 77 24.15 -7.55 -17.34
CA TYR F 77 23.80 -8.95 -17.15
C TYR F 77 22.50 -9.33 -17.86
N PHE F 78 21.42 -8.67 -17.48
CA PHE F 78 20.12 -8.98 -18.09
C PHE F 78 20.04 -8.55 -19.58
N ALA F 79 20.64 -7.41 -19.91
CA ALA F 79 20.75 -6.96 -21.34
C ALA F 79 21.43 -7.99 -22.24
N ALA F 80 22.49 -8.65 -21.76
CA ALA F 80 23.23 -9.62 -22.58
C ALA F 80 22.41 -10.87 -22.84
N ILE F 81 21.66 -11.30 -21.83
CA ILE F 81 20.71 -12.43 -21.93
C ILE F 81 19.60 -12.09 -22.93
N THR F 82 19.05 -10.89 -22.80
CA THR F 82 17.98 -10.41 -23.66
C THR F 82 18.39 -10.38 -25.13
N ARG F 83 19.65 -9.99 -25.45
CA ARG F 83 20.10 -10.10 -26.85
C ARG F 83 20.10 -11.53 -27.45
N GLY F 84 20.36 -12.54 -26.64
CA GLY F 84 20.20 -13.94 -27.07
C GLY F 84 18.73 -14.31 -27.35
N VAL F 85 17.83 -13.84 -26.48
CA VAL F 85 16.37 -14.02 -26.66
C VAL F 85 15.94 -13.37 -27.97
N ASP F 86 16.33 -12.09 -28.14
CA ASP F 86 15.99 -11.27 -29.29
C ASP F 86 16.41 -11.94 -30.61
N ASP F 87 17.63 -12.44 -30.67
CA ASP F 87 18.14 -13.05 -31.89
C ASP F 87 17.31 -14.25 -32.33
N ILE F 88 16.96 -15.12 -31.39
CA ILE F 88 16.18 -16.32 -31.73
C ILE F 88 14.73 -15.97 -32.11
N ALA F 89 14.11 -15.10 -31.33
CA ALA F 89 12.74 -14.65 -31.64
C ALA F 89 12.67 -13.93 -33.02
N SER F 90 13.67 -13.10 -33.31
CA SER F 90 13.74 -12.38 -34.59
C SER F 90 13.94 -13.28 -35.81
N MET F 91 14.68 -14.37 -35.61
CA MET F 91 14.86 -15.40 -36.64
C MET F 91 13.54 -16.00 -37.18
N TYR F 92 12.53 -16.05 -36.32
CA TYR F 92 11.18 -16.55 -36.66
C TYR F 92 10.19 -15.40 -36.89
N LYS F 93 10.72 -14.19 -36.94
CA LYS F 93 9.96 -12.93 -37.12
C LYS F 93 8.86 -12.73 -36.04
N TYR F 94 9.16 -13.15 -34.81
CA TYR F 94 8.24 -12.97 -33.68
C TYR F 94 8.38 -11.52 -33.22
N ASN F 95 7.31 -10.96 -32.67
CA ASN F 95 7.35 -9.63 -32.02
C ASN F 95 7.93 -9.80 -30.63
N MET F 96 8.67 -8.80 -30.16
CA MET F 96 9.24 -8.82 -28.82
C MET F 96 8.85 -7.56 -28.08
N ILE F 97 8.37 -7.74 -26.85
CA ILE F 97 8.03 -6.64 -25.93
C ILE F 97 8.93 -6.78 -24.70
N LEU F 98 9.62 -5.72 -24.35
CA LEU F 98 10.49 -5.70 -23.16
C LEU F 98 9.79 -4.87 -22.07
N ALA F 99 9.81 -5.34 -20.82
CA ALA F 99 9.26 -4.56 -19.72
C ALA F 99 10.24 -4.52 -18.56
N ASN F 100 10.48 -3.35 -17.98
CA ASN F 100 11.29 -3.24 -16.77
C ASN F 100 10.43 -3.44 -15.52
N SER F 101 10.80 -4.36 -14.64
CA SER F 101 10.06 -4.60 -13.39
C SER F 101 10.59 -3.83 -12.17
N ASP F 102 11.85 -3.43 -12.24
CA ASP F 102 12.59 -2.96 -11.07
C ASP F 102 12.52 -3.87 -9.84
N ASN F 103 12.33 -5.17 -10.07
CA ASN F 103 12.18 -6.18 -9.02
C ASN F 103 11.04 -5.83 -8.03
N ASP F 104 9.98 -5.22 -8.53
CA ASP F 104 8.86 -4.74 -7.72
C ASP F 104 7.69 -5.66 -8.06
N VAL F 105 7.20 -6.41 -7.07
CA VAL F 105 6.13 -7.41 -7.31
C VAL F 105 4.82 -6.77 -7.84
N GLU F 106 4.50 -5.58 -7.38
CA GLU F 106 3.34 -4.82 -7.84
C GLU F 106 3.47 -4.45 -9.33
N LYS F 107 4.67 -3.98 -9.67
CA LYS F 107 5.06 -3.62 -11.03
C LYS F 107 4.98 -4.88 -11.93
N GLU F 108 5.49 -6.00 -11.43
CA GLU F 108 5.42 -7.28 -12.12
C GLU F 108 3.99 -7.73 -12.41
N GLU F 109 3.10 -7.58 -11.41
CA GLU F 109 1.68 -7.92 -11.58
C GLU F 109 1.06 -7.09 -12.68
N LYS F 110 1.33 -5.78 -12.67
CA LYS F 110 0.85 -4.88 -13.72
C LYS F 110 1.39 -5.28 -15.11
N VAL F 111 2.67 -5.63 -15.21
CA VAL F 111 3.24 -6.10 -16.50
C VAL F 111 2.49 -7.32 -17.07
N LEU F 112 2.20 -8.29 -16.22
CA LEU F 112 1.44 -9.45 -16.67
C LEU F 112 0.02 -9.08 -17.14
N GLU F 113 -0.64 -8.13 -16.49
CA GLU F 113 -1.92 -7.63 -17.00
C GLU F 113 -1.77 -7.03 -18.40
N THR F 114 -0.68 -6.28 -18.59
CA THR F 114 -0.43 -5.59 -19.84
C THR F 114 -0.16 -6.63 -20.93
N PHE F 115 0.66 -7.63 -20.60
CA PHE F 115 0.99 -8.75 -21.50
C PHE F 115 -0.30 -9.47 -21.94
N LEU F 116 -1.24 -9.62 -21.01
CA LEU F 116 -2.53 -10.21 -21.32
C LEU F 116 -3.32 -9.39 -22.34
N SER F 117 -3.46 -8.09 -22.11
CA SER F 117 -4.16 -7.22 -23.06
C SER F 117 -3.46 -7.17 -24.42
N LYS F 118 -2.13 -7.31 -24.44
CA LYS F 118 -1.38 -7.31 -25.69
C LYS F 118 -1.32 -8.71 -26.39
N GLN F 119 -1.97 -9.71 -25.81
CA GLN F 119 -2.06 -11.06 -26.37
C GLN F 119 -0.73 -11.79 -26.55
N VAL F 120 0.16 -11.68 -25.55
CA VAL F 120 1.47 -12.35 -25.64
C VAL F 120 1.29 -13.87 -25.60
N ASP F 121 2.12 -14.55 -26.37
CA ASP F 121 2.03 -15.99 -26.56
C ASP F 121 2.99 -16.77 -25.64
N GLY F 122 3.97 -16.07 -25.08
CA GLY F 122 5.03 -16.71 -24.29
C GLY F 122 5.83 -15.64 -23.57
N ILE F 123 6.34 -16.01 -22.39
CA ILE F 123 7.08 -15.09 -21.53
C ILE F 123 8.46 -15.63 -21.17
N VAL F 124 9.45 -14.76 -21.27
CA VAL F 124 10.73 -14.99 -20.68
C VAL F 124 10.82 -14.09 -19.43
N TYR F 125 11.02 -14.76 -18.29
CA TYR F 125 11.15 -14.09 -17.01
C TYR F 125 12.57 -14.05 -16.45
N MET F 126 13.02 -12.84 -16.13
CA MET F 126 14.27 -12.60 -15.41
C MET F 126 13.99 -11.78 -14.16
N GLY F 127 14.68 -12.10 -13.07
CA GLY F 127 14.58 -11.31 -11.85
C GLY F 127 15.11 -12.07 -10.67
N SER F 128 15.00 -11.50 -9.49
CA SER F 128 15.65 -12.10 -8.31
C SER F 128 15.12 -13.48 -8.06
N SER F 129 13.79 -13.59 -8.07
CA SER F 129 13.13 -14.86 -7.95
C SER F 129 11.66 -14.64 -8.24
N LEU F 130 10.95 -15.73 -8.51
CA LEU F 130 9.53 -15.69 -8.81
C LEU F 130 8.72 -15.68 -7.51
N ASP F 131 8.00 -14.57 -7.29
CA ASP F 131 7.13 -14.40 -6.11
C ASP F 131 5.90 -15.29 -6.25
N GLU F 132 5.28 -15.68 -5.13
CA GLU F 132 4.07 -16.51 -5.18
C GLU F 132 2.92 -15.85 -5.96
N LYS F 133 2.78 -14.52 -5.83
CA LYS F 133 1.73 -13.79 -6.55
C LYS F 133 1.91 -13.88 -8.07
N ILE F 134 3.17 -13.89 -8.49
CA ILE F 134 3.52 -13.93 -9.91
C ILE F 134 3.41 -15.37 -10.43
N ARG F 135 3.87 -16.34 -9.64
CA ARG F 135 3.59 -17.76 -9.93
C ARG F 135 2.07 -17.99 -10.14
N THR F 136 1.25 -17.45 -9.23
CA THR F 136 -0.21 -17.60 -9.36
C THR F 136 -0.81 -16.98 -10.64
N SER F 137 -0.39 -15.76 -10.96
CA SER F 137 -0.84 -15.09 -12.18
C SER F 137 -0.53 -15.93 -13.44
N LEU F 138 0.67 -16.46 -13.51
CA LEU F 138 1.10 -17.31 -14.61
C LEU F 138 0.30 -18.62 -14.75
N LYS F 139 0.05 -19.30 -13.62
CA LYS F 139 -0.81 -20.49 -13.60
C LYS F 139 -2.17 -20.18 -14.22
N ASN F 140 -2.83 -19.14 -13.70
CA ASN F 140 -4.15 -18.70 -14.15
C ASN F 140 -4.20 -18.44 -15.65
N SER F 141 -3.24 -17.64 -16.14
CA SER F 141 -3.18 -17.27 -17.55
C SER F 141 -2.88 -18.46 -18.47
N ARG F 142 -2.12 -19.43 -17.97
CA ARG F 142 -1.68 -20.57 -18.78
C ARG F 142 -0.69 -20.17 -19.88
N THR F 143 -0.10 -18.99 -19.75
CA THR F 143 0.87 -18.51 -20.72
C THR F 143 2.19 -19.29 -20.56
N PRO F 144 2.70 -19.90 -21.66
CA PRO F 144 4.00 -20.57 -21.60
C PRO F 144 5.10 -19.62 -21.10
N VAL F 145 5.96 -20.12 -20.20
CA VAL F 145 6.94 -19.29 -19.53
C VAL F 145 8.24 -20.07 -19.30
N VAL F 146 9.37 -19.40 -19.52
CA VAL F 146 10.70 -19.89 -19.13
C VAL F 146 11.39 -18.84 -18.25
N LEU F 147 11.95 -19.30 -17.14
CA LEU F 147 12.78 -18.49 -16.25
C LEU F 147 14.24 -18.59 -16.70
N VAL F 148 14.93 -17.46 -16.66
CA VAL F 148 16.38 -17.38 -16.97
C VAL F 148 17.12 -16.65 -15.84
N GLY F 149 18.10 -17.33 -15.24
CA GLY F 149 18.85 -16.77 -14.14
C GLY F 149 18.23 -16.94 -12.77
N THR F 150 17.09 -17.63 -12.70
CA THR F 150 16.46 -17.98 -11.46
C THR F 150 15.87 -19.39 -11.58
N ILE F 151 15.63 -20.00 -10.43
CA ILE F 151 15.17 -21.39 -10.32
C ILE F 151 13.89 -21.43 -9.49
N ASP F 152 12.85 -22.08 -10.02
CA ASP F 152 11.59 -22.34 -9.31
C ASP F 152 11.88 -23.39 -8.24
N GLY F 153 11.55 -23.08 -7.00
CA GLY F 153 11.75 -24.03 -5.89
C GLY F 153 11.01 -25.35 -6.06
N ASP F 154 9.82 -25.27 -6.66
CA ASP F 154 9.03 -26.47 -6.91
C ASP F 154 9.52 -27.25 -8.11
N LYS F 155 10.36 -26.63 -8.94
CA LYS F 155 11.03 -27.29 -10.08
C LYS F 155 10.06 -27.78 -11.14
N GLU F 156 8.97 -27.02 -11.31
CA GLU F 156 7.97 -27.30 -12.33
C GLU F 156 8.08 -26.30 -13.51
N ILE F 157 8.45 -25.07 -13.23
CA ILE F 157 8.47 -24.06 -14.27
C ILE F 157 9.78 -24.23 -15.02
N PRO F 158 9.73 -24.33 -16.37
CA PRO F 158 10.98 -24.39 -17.14
C PRO F 158 11.98 -23.26 -16.78
N SER F 159 13.27 -23.59 -16.73
CA SER F 159 14.30 -22.56 -16.50
C SER F 159 15.62 -22.92 -17.15
N VAL F 160 16.47 -21.91 -17.27
CA VAL F 160 17.79 -22.08 -17.88
C VAL F 160 18.75 -21.34 -16.98
N ASN F 161 19.77 -22.04 -16.48
CA ASN F 161 20.75 -21.50 -15.48
C ASN F 161 22.10 -22.16 -15.64
N ILE F 162 23.13 -21.59 -15.01
CA ILE F 162 24.35 -22.37 -14.73
C ILE F 162 24.15 -23.21 -13.46
N ASP F 163 25.14 -24.00 -13.11
CA ASP F 163 25.18 -24.74 -11.84
C ASP F 163 25.84 -23.82 -10.77
N TYR F 164 24.99 -23.11 -10.03
CA TYR F 164 25.46 -22.15 -9.02
C TYR F 164 26.22 -22.82 -7.90
N HIS F 165 25.79 -24.02 -7.52
CA HIS F 165 26.45 -24.81 -6.46
C HIS F 165 27.91 -25.11 -6.86
N LEU F 166 28.09 -25.66 -8.06
CA LEU F 166 29.45 -25.95 -8.58
C LEU F 166 30.35 -24.70 -8.74
N ALA F 167 29.81 -23.61 -9.29
CA ALA F 167 30.55 -22.38 -9.46
C ALA F 167 31.01 -21.80 -8.11
N ALA F 168 30.14 -21.83 -7.12
CA ALA F 168 30.43 -21.33 -5.77
C ALA F 168 31.50 -22.23 -5.10
N TYR F 169 31.38 -23.55 -5.26
CA TYR F 169 32.42 -24.49 -4.80
C TYR F 169 33.80 -24.22 -5.45
N GLN F 170 33.86 -24.12 -6.77
CA GLN F 170 35.13 -23.87 -7.50
C GLN F 170 35.77 -22.50 -7.12
N SER F 171 34.92 -21.49 -6.99
CA SER F 171 35.35 -20.15 -6.64
C SER F 171 35.98 -20.12 -5.25
N THR F 172 35.28 -20.73 -4.30
CA THR F 172 35.77 -20.82 -2.89
C THR F 172 37.05 -21.63 -2.84
N LYS F 173 37.08 -22.75 -3.57
CA LYS F 173 38.26 -23.60 -3.60
C LYS F 173 39.46 -22.89 -4.19
N LYS F 174 39.25 -22.05 -5.21
CA LYS F 174 40.37 -21.28 -5.78
C LYS F 174 41.02 -20.35 -4.74
N LEU F 175 40.20 -19.71 -3.91
CA LEU F 175 40.74 -18.81 -2.88
C LEU F 175 41.37 -19.58 -1.72
N ILE F 176 40.82 -20.73 -1.38
CA ILE F 176 41.46 -21.62 -0.41
C ILE F 176 42.85 -22.06 -0.90
N ASP F 177 42.94 -22.45 -2.17
CA ASP F 177 44.19 -22.93 -2.76
C ASP F 177 45.27 -21.85 -2.90
N SER F 178 44.92 -20.56 -2.93
CA SER F 178 45.94 -19.48 -2.85
C SER F 178 46.19 -18.95 -1.42
N GLY F 179 45.76 -19.68 -0.39
CA GLY F 179 46.18 -19.40 0.98
C GLY F 179 45.22 -18.68 1.90
N ASN F 180 44.02 -18.38 1.42
CA ASN F 180 42.96 -17.75 2.23
C ASN F 180 42.23 -18.67 3.21
N LYS F 181 42.05 -18.20 4.43
CA LYS F 181 41.38 -18.94 5.51
C LYS F 181 40.07 -18.29 5.96
N LYS F 182 40.00 -16.95 5.82
CA LYS F 182 38.80 -16.18 6.09
C LYS F 182 38.28 -15.64 4.75
N ILE F 183 37.27 -16.32 4.22
CA ILE F 183 36.70 -16.06 2.89
C ILE F 183 35.24 -15.66 3.04
N ALA F 184 34.93 -14.44 2.60
CA ALA F 184 33.55 -13.96 2.60
C ALA F 184 32.75 -14.44 1.40
N TYR F 185 31.44 -14.60 1.60
CA TYR F 185 30.53 -14.79 0.48
C TYR F 185 29.48 -13.69 0.53
N ILE F 186 29.45 -12.90 -0.56
CA ILE F 186 28.50 -11.80 -0.70
C ILE F 186 27.44 -12.19 -1.74
N MET F 187 26.16 -12.12 -1.35
CA MET F 187 25.01 -12.55 -2.17
C MET F 187 23.80 -11.64 -2.03
N GLY F 188 22.80 -11.91 -2.87
CA GLY F 188 21.46 -11.35 -2.73
C GLY F 188 20.68 -12.10 -1.65
N SER F 189 19.37 -12.29 -1.82
CA SER F 189 18.53 -12.93 -0.76
C SER F 189 18.80 -14.40 -0.61
N LEU F 190 19.14 -14.81 0.61
CA LEU F 190 19.43 -16.22 0.89
C LEU F 190 18.22 -17.14 0.69
N LYS F 191 17.03 -16.57 0.55
CA LYS F 191 15.81 -17.36 0.40
C LYS F 191 15.71 -17.97 -1.00
N ASP F 192 16.18 -17.21 -1.99
CA ASP F 192 16.17 -17.64 -3.38
C ASP F 192 17.00 -18.90 -3.57
N VAL F 193 16.46 -19.85 -4.31
CA VAL F 193 17.10 -21.16 -4.52
C VAL F 193 18.55 -21.06 -4.99
N GLU F 194 18.79 -20.18 -5.94
CA GLU F 194 20.14 -19.96 -6.49
C GLU F 194 21.17 -19.62 -5.40
N ASN F 195 20.75 -18.83 -4.42
CA ASN F 195 21.63 -18.41 -3.29
C ASN F 195 21.78 -19.51 -2.22
N THR F 196 20.73 -20.28 -2.02
CA THR F 196 20.85 -21.49 -1.18
C THR F 196 21.81 -22.47 -1.84
N GLU F 197 21.77 -22.59 -3.18
CA GLU F 197 22.71 -23.44 -3.93
C GLU F 197 24.16 -22.92 -3.83
N ARG F 198 24.35 -21.60 -3.97
CA ARG F 198 25.69 -21.01 -3.75
C ARG F 198 26.24 -21.32 -2.32
N MET F 199 25.36 -21.24 -1.33
CA MET F 199 25.72 -21.52 0.07
C MET F 199 26.20 -22.94 0.26
N VAL F 200 25.56 -23.90 -0.42
CA VAL F 200 25.93 -25.33 -0.32
C VAL F 200 27.36 -25.54 -0.87
N GLY F 201 27.66 -24.91 -2.00
CA GLY F 201 28.97 -24.97 -2.61
C GLY F 201 30.09 -24.34 -1.81
N TYR F 202 29.83 -23.12 -1.33
CA TYR F 202 30.73 -22.44 -0.41
C TYR F 202 31.02 -23.33 0.81
N GLN F 203 29.96 -23.84 1.43
CA GLN F 203 30.11 -24.63 2.65
C GLN F 203 30.81 -25.98 2.37
N GLU F 204 30.58 -26.54 1.17
CA GLU F 204 31.28 -27.78 0.72
C GLU F 204 32.80 -27.56 0.65
N ALA F 205 33.21 -26.44 0.05
CA ALA F 205 34.64 -26.11 -0.09
C ALA F 205 35.31 -25.90 1.27
N LEU F 206 34.62 -25.21 2.16
CA LEU F 206 35.15 -24.97 3.51
C LEU F 206 35.28 -26.30 4.26
N LEU F 207 34.26 -27.15 4.16
CA LEU F 207 34.27 -28.45 4.89
C LEU F 207 35.47 -29.30 4.43
N GLU F 208 35.65 -29.38 3.12
CA GLU F 208 36.76 -30.12 2.51
C GLU F 208 38.16 -29.67 3.01
N ALA F 209 38.29 -28.37 3.24
CA ALA F 209 39.52 -27.72 3.74
C ALA F 209 39.66 -27.70 5.25
N ASN F 210 38.66 -28.22 5.97
CA ASN F 210 38.57 -28.10 7.44
C ASN F 210 38.61 -26.65 7.95
N ILE F 211 37.93 -25.76 7.24
CA ILE F 211 37.72 -24.38 7.69
C ILE F 211 36.32 -24.32 8.28
N GLU F 212 36.21 -23.86 9.52
CA GLU F 212 34.89 -23.77 10.18
C GLU F 212 33.99 -22.74 9.49
N PHE F 213 32.73 -23.10 9.25
CA PHE F 213 31.79 -22.17 8.68
C PHE F 213 31.44 -21.07 9.68
N ASP F 214 31.42 -19.82 9.23
CA ASP F 214 31.09 -18.69 10.08
C ASP F 214 30.05 -17.82 9.37
N GLU F 215 28.81 -17.80 9.86
CA GLU F 215 27.76 -16.97 9.27
C GLU F 215 28.11 -15.46 9.23
N ASN F 216 29.04 -15.01 10.07
CA ASN F 216 29.45 -13.59 10.10
C ASN F 216 30.31 -13.13 8.89
N LEU F 217 30.71 -14.11 8.08
CA LEU F 217 31.40 -13.88 6.81
C LEU F 217 30.45 -14.07 5.61
N VAL F 218 29.16 -14.21 5.88
CA VAL F 218 28.18 -14.23 4.83
C VAL F 218 27.43 -12.93 4.87
N PHE F 219 27.34 -12.29 3.70
CA PHE F 219 26.73 -10.96 3.61
C PHE F 219 25.59 -11.00 2.61
N GLU F 220 24.37 -11.06 3.12
CA GLU F 220 23.24 -11.15 2.21
C GLU F 220 22.52 -9.83 1.92
N GLY F 221 21.72 -9.86 0.86
CA GLY F 221 20.93 -8.70 0.45
C GLY F 221 21.66 -7.67 -0.42
N ASN F 222 22.67 -8.09 -1.18
CA ASN F 222 23.56 -7.15 -1.87
C ASN F 222 23.39 -7.25 -3.36
N TYR F 223 22.94 -6.15 -3.98
CA TYR F 223 22.64 -6.14 -5.41
C TYR F 223 23.32 -5.02 -6.22
N SER F 224 23.76 -3.95 -5.57
CA SER F 224 24.23 -2.76 -6.30
C SER F 224 25.72 -2.48 -6.13
N TYR F 225 26.26 -1.73 -7.10
CA TYR F 225 27.62 -1.14 -7.01
C TYR F 225 27.91 -0.39 -5.67
N GLU F 226 26.99 0.45 -5.25
CA GLU F 226 27.14 1.18 -3.99
C GLU F 226 27.13 0.31 -2.73
N GLN F 227 26.33 -0.76 -2.74
CA GLN F 227 26.30 -1.74 -1.66
C GLN F 227 27.64 -2.45 -1.54
N GLY F 228 28.19 -2.83 -2.69
CA GLY F 228 29.55 -3.37 -2.81
C GLY F 228 30.62 -2.49 -2.21
N LYS F 229 30.64 -1.21 -2.59
CA LYS F 229 31.58 -0.27 -2.01
C LYS F 229 31.48 -0.20 -0.49
N ALA F 230 30.24 -0.14 0.01
CA ALA F 230 30.01 0.00 1.44
C ALA F 230 30.37 -1.21 2.28
N LEU F 231 30.43 -2.40 1.66
CA LEU F 231 30.85 -3.60 2.34
C LEU F 231 32.34 -3.71 2.64
N ALA F 232 33.17 -2.97 1.91
CA ALA F 232 34.64 -3.19 2.00
C ALA F 232 35.18 -3.17 3.45
N GLU F 233 34.84 -2.13 4.19
CA GLU F 233 35.41 -2.02 5.55
C GLU F 233 34.83 -3.06 6.50
N ARG F 234 33.60 -3.50 6.24
CA ARG F 234 32.98 -4.59 7.01
C ARG F 234 33.73 -5.91 6.88
N LEU F 235 34.18 -6.23 5.66
CA LEU F 235 35.01 -7.39 5.40
C LEU F 235 36.39 -7.26 6.07
N LEU F 236 37.01 -6.09 5.93
CA LEU F 236 38.33 -5.85 6.50
C LEU F 236 38.31 -5.94 8.01
N GLU F 237 37.32 -5.34 8.68
CA GLU F 237 37.24 -5.38 10.15
C GLU F 237 37.06 -6.78 10.75
N ARG F 238 36.39 -7.65 9.98
CA ARG F 238 36.27 -9.06 10.34
C ARG F 238 37.48 -9.92 9.98
N GLY F 239 38.50 -9.36 9.33
CA GLY F 239 39.68 -10.12 8.93
C GLY F 239 39.61 -10.93 7.67
N ALA F 240 38.54 -10.78 6.90
CA ALA F 240 38.43 -11.43 5.60
C ALA F 240 39.58 -10.98 4.72
N THR F 241 40.15 -11.92 3.97
CA THR F 241 41.21 -11.61 3.03
C THR F 241 40.80 -11.88 1.57
N SER F 242 39.54 -12.30 1.36
CA SER F 242 39.03 -12.54 0.05
C SER F 242 37.51 -12.65 0.10
N ALA F 243 36.88 -12.64 -1.07
CA ALA F 243 35.42 -12.68 -1.18
C ALA F 243 35.03 -13.32 -2.51
N VAL F 244 34.00 -14.18 -2.43
CA VAL F 244 33.26 -14.66 -3.63
C VAL F 244 32.01 -13.80 -3.64
N VAL F 245 31.67 -13.24 -4.81
CA VAL F 245 30.58 -12.28 -4.93
C VAL F 245 29.62 -12.75 -6.02
N SER F 246 28.32 -12.82 -5.72
CA SER F 246 27.35 -13.34 -6.69
C SER F 246 27.12 -12.43 -7.91
N HIS F 247 27.05 -11.11 -7.69
CA HIS F 247 26.66 -10.16 -8.73
C HIS F 247 27.85 -9.30 -9.11
N ASP F 248 28.04 -9.13 -10.42
CA ASP F 248 29.20 -8.37 -10.97
C ASP F 248 29.21 -6.91 -10.48
N THR F 249 28.07 -6.22 -10.44
CA THR F 249 28.05 -4.79 -10.01
C THR F 249 28.55 -4.63 -8.54
N VAL F 250 28.18 -5.62 -7.72
CA VAL F 250 28.58 -5.67 -6.33
C VAL F 250 30.11 -5.91 -6.24
N ALA F 251 30.62 -6.86 -7.03
CA ALA F 251 32.06 -7.20 -7.03
C ALA F 251 32.88 -5.99 -7.47
N VAL F 252 32.42 -5.32 -8.51
CA VAL F 252 33.11 -4.15 -9.03
C VAL F 252 33.13 -3.04 -7.97
N GLY F 253 32.05 -2.88 -7.23
CA GLY F 253 32.02 -1.92 -6.12
C GLY F 253 33.01 -2.26 -5.01
N LEU F 254 33.08 -3.54 -4.63
CA LEU F 254 33.99 -4.00 -3.60
C LEU F 254 35.44 -3.72 -3.99
N LEU F 255 35.76 -4.02 -5.25
CA LEU F 255 37.09 -3.75 -5.84
C LEU F 255 37.39 -2.24 -5.81
N SER F 256 36.44 -1.42 -6.29
CA SER F 256 36.57 0.03 -6.25
C SER F 256 36.94 0.55 -4.86
N ALA F 257 36.24 0.07 -3.84
CA ALA F 257 36.45 0.50 -2.45
C ALA F 257 37.82 0.06 -1.92
N MET F 258 38.23 -1.17 -2.24
CA MET F 258 39.56 -1.67 -1.86
C MET F 258 40.66 -0.83 -2.45
N MET F 259 40.55 -0.53 -3.74
CA MET F 259 41.51 0.29 -4.42
C MET F 259 41.52 1.73 -3.85
N ASP F 260 40.33 2.27 -3.55
CA ASP F 260 40.18 3.64 -2.97
C ASP F 260 40.91 3.76 -1.60
N LYS F 261 40.91 2.67 -0.82
CA LYS F 261 41.51 2.57 0.51
C LYS F 261 43.00 2.19 0.49
N GLY F 262 43.54 1.88 -0.69
CA GLY F 262 44.95 1.47 -0.83
C GLY F 262 45.26 0.06 -0.39
N VAL F 263 44.24 -0.78 -0.33
CA VAL F 263 44.42 -2.20 -0.07
C VAL F 263 45.05 -2.86 -1.29
N LYS F 264 46.06 -3.69 -1.04
CA LYS F 264 46.82 -4.30 -2.13
C LYS F 264 46.04 -5.49 -2.72
N VAL F 265 45.73 -5.41 -4.01
CA VAL F 265 45.01 -6.45 -4.75
C VAL F 265 45.89 -6.96 -5.88
N PRO F 266 46.13 -8.29 -5.95
CA PRO F 266 45.58 -9.38 -5.17
C PRO F 266 46.45 -9.83 -3.97
N GLU F 267 47.53 -9.12 -3.68
CA GLU F 267 48.45 -9.56 -2.63
C GLU F 267 47.80 -9.69 -1.26
N ASP F 268 47.00 -8.70 -0.86
CA ASP F 268 46.40 -8.69 0.48
C ASP F 268 44.87 -8.88 0.49
N PHE F 269 44.22 -8.71 -0.66
CA PHE F 269 42.78 -9.00 -0.78
C PHE F 269 42.50 -9.51 -2.22
N GLU F 270 41.73 -10.61 -2.31
CA GLU F 270 41.33 -11.24 -3.57
C GLU F 270 39.80 -11.24 -3.74
N ILE F 271 39.33 -11.08 -4.98
CA ILE F 271 37.90 -11.04 -5.30
C ILE F 271 37.63 -11.91 -6.54
N ILE F 272 36.57 -12.73 -6.44
CA ILE F 272 36.04 -13.48 -7.60
C ILE F 272 34.57 -13.10 -7.80
N SER F 273 34.23 -12.62 -9.00
CA SER F 273 32.87 -12.20 -9.33
C SER F 273 32.02 -13.37 -9.88
N GLY F 274 30.74 -13.10 -10.16
CA GLY F 274 29.79 -14.17 -10.38
C GLY F 274 29.32 -14.43 -11.79
N ALA F 275 29.51 -13.47 -12.72
CA ALA F 275 28.98 -13.68 -14.10
C ALA F 275 29.85 -13.32 -15.31
N ASN F 276 30.80 -12.39 -15.12
CA ASN F 276 31.58 -11.85 -16.22
C ASN F 276 30.73 -11.15 -17.30
N SER F 277 29.78 -10.35 -16.83
CA SER F 277 28.91 -9.57 -17.70
C SER F 277 29.73 -8.43 -18.38
N PRO F 278 29.13 -7.80 -19.40
CA PRO F 278 29.90 -6.82 -20.17
C PRO F 278 30.66 -5.75 -19.40
N ILE F 279 30.10 -5.24 -18.31
CA ILE F 279 30.83 -4.24 -17.50
C ILE F 279 32.20 -4.64 -16.98
N THR F 280 32.42 -5.93 -16.76
CA THR F 280 33.65 -6.40 -16.14
C THR F 280 34.85 -6.18 -17.06
N GLN F 281 34.63 -6.00 -18.37
CA GLN F 281 35.68 -5.60 -19.31
C GLN F 281 36.35 -4.29 -18.91
N TYR F 282 35.58 -3.43 -18.23
CA TYR F 282 35.99 -2.07 -17.97
C TYR F 282 36.55 -1.84 -16.58
N THR F 283 36.82 -2.89 -15.83
CA THR F 283 37.37 -2.70 -14.49
C THR F 283 38.90 -2.55 -14.58
N TYR F 284 39.48 -1.81 -13.66
CA TYR F 284 40.95 -1.84 -13.50
C TYR F 284 41.21 -1.71 -12.00
N PRO F 285 41.95 -2.66 -11.41
CA PRO F 285 42.50 -3.88 -12.01
C PRO F 285 41.45 -4.82 -12.64
N THR F 286 41.91 -5.71 -13.51
CA THR F 286 41.00 -6.67 -14.14
C THR F 286 40.44 -7.73 -13.14
N LEU F 287 39.17 -8.06 -13.32
CA LEU F 287 38.39 -8.79 -12.33
C LEU F 287 38.23 -10.27 -12.68
N THR F 288 38.78 -11.12 -11.82
CA THR F 288 38.57 -12.56 -11.92
C THR F 288 37.07 -12.83 -11.71
N SER F 289 36.51 -13.73 -12.52
CA SER F 289 35.08 -13.96 -12.48
C SER F 289 34.70 -15.34 -12.98
N VAL F 290 33.63 -15.90 -12.41
CA VAL F 290 32.92 -16.99 -13.07
C VAL F 290 32.37 -16.40 -14.39
N ASN F 291 32.53 -17.13 -15.49
CA ASN F 291 31.96 -16.71 -16.75
C ASN F 291 30.64 -17.47 -16.99
N GLN F 292 29.52 -16.75 -16.88
CA GLN F 292 28.22 -17.30 -17.31
C GLN F 292 28.02 -16.99 -18.80
N PRO F 293 27.56 -17.98 -19.60
CA PRO F 293 27.31 -17.78 -21.07
C PRO F 293 26.01 -17.04 -21.28
N LEU F 294 26.05 -15.72 -21.03
CA LEU F 294 24.83 -14.92 -20.96
C LEU F 294 23.99 -14.93 -22.24
N TYR F 295 24.63 -14.68 -23.37
CA TYR F 295 23.92 -14.79 -24.66
C TYR F 295 23.28 -16.18 -24.84
N ASP F 296 24.03 -17.25 -24.56
CA ASP F 296 23.50 -18.61 -24.66
C ASP F 296 22.34 -18.93 -23.71
N LEU F 297 22.38 -18.43 -22.47
CA LEU F 297 21.26 -18.58 -21.55
C LEU F 297 19.96 -18.06 -22.18
N GLY F 298 20.05 -16.90 -22.81
CA GLY F 298 18.89 -16.30 -23.49
C GLY F 298 18.47 -17.07 -24.72
N ALA F 299 19.43 -17.46 -25.52
CA ALA F 299 19.13 -18.20 -26.77
C ALA F 299 18.51 -19.58 -26.45
N VAL F 300 19.11 -20.29 -25.49
CA VAL F 300 18.60 -21.59 -25.04
C VAL F 300 17.18 -21.50 -24.49
N ALA F 301 16.93 -20.49 -23.66
CA ALA F 301 15.60 -20.19 -23.13
C ALA F 301 14.57 -19.92 -24.24
N MET F 302 14.95 -19.13 -25.25
CA MET F 302 14.03 -18.76 -26.30
C MET F 302 13.76 -19.97 -27.23
N ARG F 303 14.75 -20.82 -27.42
CA ARG F 303 14.55 -22.09 -28.19
C ARG F 303 13.54 -23.02 -27.49
N LEU F 304 13.65 -23.14 -26.17
CA LEU F 304 12.68 -23.87 -25.35
C LEU F 304 11.28 -23.26 -25.42
N LEU F 305 11.19 -21.93 -25.22
CA LEU F 305 9.92 -21.22 -25.30
C LEU F 305 9.22 -21.43 -26.65
N THR F 306 10.01 -21.45 -27.71
CA THR F 306 9.54 -21.69 -29.08
C THR F 306 8.80 -23.05 -29.17
N LYS F 307 9.41 -24.09 -28.62
CA LYS F 307 8.79 -25.43 -28.54
C LYS F 307 7.48 -25.37 -27.74
N LEU F 308 7.53 -24.80 -26.55
CA LEU F 308 6.31 -24.66 -25.75
C LEU F 308 5.16 -23.92 -26.44
N MET F 309 5.47 -22.83 -27.15
CA MET F 309 4.42 -22.10 -27.87
C MET F 309 3.88 -22.86 -29.07
N LEU F 310 4.70 -23.73 -29.67
CA LEU F 310 4.25 -24.65 -30.73
C LEU F 310 3.57 -25.93 -30.20
N LYS F 311 3.51 -26.06 -28.87
CA LYS F 311 2.92 -27.22 -28.21
C LYS F 311 3.72 -28.49 -28.52
N GLU F 312 5.03 -28.34 -28.69
CA GLU F 312 5.94 -29.47 -28.90
C GLU F 312 6.36 -30.05 -27.56
N ASP F 313 6.59 -31.36 -27.55
CA ASP F 313 6.95 -32.08 -26.31
C ASP F 313 8.37 -31.65 -25.91
N VAL F 314 8.57 -31.39 -24.62
CA VAL F 314 9.89 -31.04 -24.14
C VAL F 314 10.38 -32.08 -23.13
N GLU F 315 11.35 -32.87 -23.59
CA GLU F 315 12.29 -33.64 -22.79
C GLU F 315 12.63 -33.05 -21.40
N GLN F 316 13.69 -32.24 -21.35
CA GLN F 316 14.20 -31.71 -20.11
C GLN F 316 13.84 -30.22 -20.09
N ASN F 317 13.16 -29.76 -19.05
CA ASN F 317 12.87 -28.31 -18.97
C ASN F 317 13.62 -27.54 -17.86
N GLN F 318 14.48 -28.23 -17.11
CA GLN F 318 15.39 -27.59 -16.18
C GLN F 318 16.79 -27.67 -16.79
N LEU F 319 17.12 -26.72 -17.66
CA LEU F 319 18.39 -26.75 -18.40
C LEU F 319 19.52 -26.06 -17.68
N VAL F 320 20.70 -26.68 -17.72
CA VAL F 320 21.90 -26.18 -17.04
C VAL F 320 23.02 -26.07 -18.04
N LEU F 321 23.56 -24.85 -18.21
CA LEU F 321 24.64 -24.61 -19.16
C LEU F 321 25.98 -24.56 -18.43
N ASP F 322 27.02 -24.96 -19.12
CA ASP F 322 28.39 -24.96 -18.58
C ASP F 322 28.88 -23.55 -18.27
N HIS F 323 29.79 -23.47 -17.31
CA HIS F 323 30.48 -22.22 -17.01
C HIS F 323 32.00 -22.50 -16.93
N GLU F 324 32.77 -21.43 -16.79
CA GLU F 324 34.21 -21.48 -16.51
C GLU F 324 34.60 -20.35 -15.57
N ILE F 325 35.85 -20.34 -15.08
CA ILE F 325 36.39 -19.21 -14.30
C ILE F 325 37.53 -18.60 -15.13
N PHE F 326 37.43 -17.31 -15.40
CA PHE F 326 38.51 -16.55 -16.01
C PHE F 326 39.36 -15.90 -14.93
N SER F 327 40.64 -16.29 -14.85
CA SER F 327 41.54 -15.70 -13.86
C SER F 327 42.16 -14.42 -14.41
N ARG F 328 42.04 -13.32 -13.67
CA ARG F 328 42.61 -12.05 -14.05
C ARG F 328 43.34 -11.46 -12.83
N ARG F 329 43.41 -10.15 -12.68
CA ARG F 329 44.37 -9.54 -11.76
C ARG F 329 43.88 -9.37 -10.33
N SER F 330 42.59 -9.67 -10.07
CA SER F 330 42.07 -9.59 -8.71
C SER F 330 42.20 -10.88 -7.89
N THR F 331 42.79 -11.94 -8.47
CA THR F 331 43.22 -13.12 -7.71
C THR F 331 44.71 -13.36 -7.97
N LYS F 332 45.35 -14.10 -7.06
CA LYS F 332 46.78 -14.39 -7.14
C LYS F 332 47.07 -15.40 -8.24
N ARG G 62 -64.32 -7.30 -47.73
CA ARG G 62 -63.45 -8.24 -46.92
C ARG G 62 -62.73 -7.52 -45.78
N THR G 63 -62.35 -8.30 -44.77
CA THR G 63 -61.78 -7.76 -43.55
C THR G 63 -60.37 -7.20 -43.79
N THR G 64 -60.07 -6.06 -43.16
CA THR G 64 -58.73 -5.49 -43.19
C THR G 64 -57.64 -6.41 -42.60
N THR G 65 -56.54 -6.53 -43.33
CA THR G 65 -55.40 -7.37 -42.97
C THR G 65 -54.09 -6.54 -42.88
N VAL G 66 -53.40 -6.72 -41.77
CA VAL G 66 -52.17 -5.99 -41.47
C VAL G 66 -51.00 -6.96 -41.41
N GLY G 67 -49.90 -6.60 -42.10
CA GLY G 67 -48.65 -7.36 -42.08
C GLY G 67 -47.66 -6.68 -41.13
N VAL G 68 -47.11 -7.47 -40.22
CA VAL G 68 -46.15 -6.98 -39.24
C VAL G 68 -44.80 -7.69 -39.44
N ILE G 69 -43.75 -6.91 -39.69
CA ILE G 69 -42.38 -7.43 -39.81
C ILE G 69 -41.57 -7.02 -38.60
N LEU G 70 -40.90 -7.98 -37.97
CA LEU G 70 -39.97 -7.70 -36.89
C LEU G 70 -38.83 -8.72 -36.94
N PRO G 71 -37.68 -8.39 -36.32
CA PRO G 71 -36.58 -9.35 -36.27
C PRO G 71 -36.96 -10.72 -35.68
N THR G 72 -37.47 -10.71 -34.46
CA THR G 72 -37.88 -11.95 -33.80
C THR G 72 -38.83 -11.67 -32.65
N ILE G 73 -39.89 -12.46 -32.59
CA ILE G 73 -40.82 -12.41 -31.47
C ILE G 73 -40.20 -12.78 -30.10
N THR G 74 -39.00 -13.39 -30.06
CA THR G 74 -38.36 -13.71 -28.78
C THR G 74 -37.62 -12.47 -28.17
N SER G 75 -37.57 -11.37 -28.90
CA SER G 75 -37.00 -10.11 -28.40
C SER G 75 -37.98 -9.45 -27.44
N THR G 76 -37.55 -9.15 -26.22
CA THR G 76 -38.46 -8.45 -25.29
C THR G 76 -38.73 -7.02 -25.72
N TYR G 77 -37.81 -6.42 -26.46
CA TYR G 77 -38.03 -5.08 -27.07
C TYR G 77 -39.16 -5.11 -28.10
N PHE G 78 -38.98 -5.95 -29.12
CA PHE G 78 -39.88 -5.97 -30.27
C PHE G 78 -41.22 -6.64 -29.93
N ALA G 79 -41.23 -7.63 -29.03
CA ALA G 79 -42.52 -8.30 -28.66
C ALA G 79 -43.42 -7.33 -27.89
N ALA G 80 -42.81 -6.46 -27.10
CA ALA G 80 -43.59 -5.47 -26.33
C ALA G 80 -44.26 -4.48 -27.28
N ILE G 81 -43.53 -4.05 -28.31
CA ILE G 81 -44.13 -3.16 -29.31
C ILE G 81 -45.27 -3.90 -30.03
N THR G 82 -44.97 -5.12 -30.46
CA THR G 82 -45.92 -5.97 -31.21
C THR G 82 -47.21 -6.22 -30.43
N ARG G 83 -47.13 -6.35 -29.11
CA ARG G 83 -48.37 -6.53 -28.32
C ARG G 83 -49.31 -5.31 -28.39
N GLY G 84 -48.73 -4.10 -28.38
CA GLY G 84 -49.45 -2.86 -28.62
C GLY G 84 -50.17 -2.82 -29.97
N VAL G 85 -49.45 -3.19 -31.02
CA VAL G 85 -50.02 -3.35 -32.40
C VAL G 85 -51.19 -4.32 -32.40
N ASP G 86 -50.99 -5.49 -31.81
CA ASP G 86 -52.00 -6.53 -31.83
C ASP G 86 -53.26 -6.15 -31.08
N ASP G 87 -53.09 -5.52 -29.92
CA ASP G 87 -54.22 -5.09 -29.15
C ASP G 87 -55.15 -4.16 -29.94
N ILE G 88 -54.57 -3.18 -30.64
CA ILE G 88 -55.37 -2.22 -31.46
C ILE G 88 -56.03 -2.95 -32.62
N ALA G 89 -55.24 -3.77 -33.31
CA ALA G 89 -55.77 -4.56 -34.43
C ALA G 89 -56.94 -5.47 -33.98
N SER G 90 -56.85 -6.05 -32.79
CA SER G 90 -57.91 -6.92 -32.31
C SER G 90 -59.15 -6.15 -31.94
N MET G 91 -58.95 -4.95 -31.40
CA MET G 91 -60.06 -4.05 -31.08
C MET G 91 -60.90 -3.71 -32.35
N TYR G 92 -60.24 -3.62 -33.51
CA TYR G 92 -60.91 -3.28 -34.77
C TYR G 92 -61.21 -4.52 -35.61
N LYS G 93 -60.93 -5.70 -35.05
CA LYS G 93 -61.04 -6.99 -35.72
C LYS G 93 -60.33 -7.08 -37.08
N TYR G 94 -59.14 -6.49 -37.14
CA TYR G 94 -58.27 -6.65 -38.30
C TYR G 94 -57.53 -8.00 -38.22
N ASN G 95 -57.32 -8.64 -39.36
CA ASN G 95 -56.44 -9.80 -39.45
C ASN G 95 -54.99 -9.37 -39.29
N MET G 96 -54.19 -10.20 -38.64
CA MET G 96 -52.78 -9.89 -38.41
C MET G 96 -51.94 -11.04 -38.94
N ILE G 97 -50.90 -10.70 -39.71
CA ILE G 97 -49.86 -11.64 -40.15
C ILE G 97 -48.54 -11.15 -39.63
N LEU G 98 -47.89 -11.98 -38.81
CA LEU G 98 -46.63 -11.66 -38.19
C LEU G 98 -45.52 -12.44 -38.91
N ALA G 99 -44.42 -11.76 -39.24
CA ALA G 99 -43.28 -12.41 -39.89
C ALA G 99 -42.00 -12.03 -39.18
N ASN G 100 -41.21 -13.04 -38.84
CA ASN G 100 -39.89 -12.85 -38.22
C ASN G 100 -38.83 -12.74 -39.30
N SER G 101 -38.09 -11.64 -39.31
CA SER G 101 -37.10 -11.38 -40.34
C SER G 101 -35.69 -11.77 -39.94
N ASP G 102 -35.42 -11.84 -38.63
CA ASP G 102 -34.04 -12.07 -38.14
C ASP G 102 -33.04 -11.07 -38.71
N ASN G 103 -33.51 -9.86 -39.01
CA ASN G 103 -32.67 -8.78 -39.59
C ASN G 103 -31.91 -9.18 -40.87
N ASP G 104 -32.53 -10.06 -41.65
CA ASP G 104 -31.95 -10.58 -42.91
C ASP G 104 -32.71 -9.94 -44.05
N VAL G 105 -32.02 -9.15 -44.88
CA VAL G 105 -32.68 -8.35 -45.91
C VAL G 105 -33.26 -9.19 -47.06
N GLU G 106 -32.63 -10.32 -47.36
CA GLU G 106 -33.21 -11.26 -48.32
C GLU G 106 -34.51 -11.87 -47.79
N LYS G 107 -34.53 -12.18 -46.50
CA LYS G 107 -35.76 -12.65 -45.85
C LYS G 107 -36.87 -11.60 -45.83
N GLU G 108 -36.52 -10.34 -45.56
CA GLU G 108 -37.49 -9.25 -45.58
C GLU G 108 -38.12 -9.06 -46.97
N GLU G 109 -37.29 -9.05 -48.01
CA GLU G 109 -37.77 -8.96 -49.40
C GLU G 109 -38.79 -10.04 -49.71
N LYS G 110 -38.48 -11.28 -49.30
CA LYS G 110 -39.38 -12.41 -49.52
C LYS G 110 -40.67 -12.24 -48.71
N VAL G 111 -40.57 -11.76 -47.47
CA VAL G 111 -41.76 -11.48 -46.66
C VAL G 111 -42.71 -10.48 -47.37
N LEU G 112 -42.15 -9.39 -47.87
CA LEU G 112 -42.94 -8.38 -48.60
C LEU G 112 -43.63 -8.95 -49.85
N GLU G 113 -42.97 -9.86 -50.57
CA GLU G 113 -43.59 -10.56 -51.69
C GLU G 113 -44.82 -11.35 -51.22
N THR G 114 -44.68 -12.04 -50.08
CA THR G 114 -45.78 -12.83 -49.52
C THR G 114 -46.95 -11.96 -49.07
N PHE G 115 -46.62 -10.85 -48.39
CA PHE G 115 -47.60 -9.84 -48.00
C PHE G 115 -48.40 -9.31 -49.20
N LEU G 116 -47.72 -9.09 -50.33
CA LEU G 116 -48.40 -8.64 -51.54
C LEU G 116 -49.32 -9.72 -52.09
N SER G 117 -48.84 -10.96 -52.15
CA SER G 117 -49.69 -12.07 -52.62
C SER G 117 -50.87 -12.35 -51.67
N LYS G 118 -50.71 -12.04 -50.38
CA LYS G 118 -51.80 -12.18 -49.43
C LYS G 118 -52.73 -10.97 -49.36
N GLN G 119 -52.50 -9.97 -50.20
CA GLN G 119 -53.30 -8.75 -50.26
C GLN G 119 -53.43 -7.97 -48.93
N VAL G 120 -52.31 -7.77 -48.24
CA VAL G 120 -52.35 -6.98 -47.01
C VAL G 120 -52.66 -5.51 -47.37
N ASP G 121 -53.36 -4.85 -46.46
CA ASP G 121 -53.87 -3.51 -46.64
C ASP G 121 -52.94 -2.47 -46.00
N GLY G 122 -52.08 -2.92 -45.10
CA GLY G 122 -51.12 -2.06 -44.43
C GLY G 122 -50.01 -2.86 -43.77
N ILE G 123 -48.85 -2.22 -43.59
CA ILE G 123 -47.70 -2.86 -42.99
C ILE G 123 -47.10 -2.07 -41.81
N VAL G 124 -46.80 -2.76 -40.72
CA VAL G 124 -45.96 -2.21 -39.65
C VAL G 124 -44.58 -2.85 -39.75
N TYR G 125 -43.55 -1.99 -39.84
CA TYR G 125 -42.16 -2.41 -39.95
C TYR G 125 -41.35 -2.05 -38.70
N MET G 126 -40.66 -3.06 -38.15
CA MET G 126 -39.71 -2.93 -37.06
C MET G 126 -38.41 -3.55 -37.50
N GLY G 127 -37.29 -2.98 -37.08
CA GLY G 127 -35.97 -3.53 -37.40
C GLY G 127 -34.84 -2.62 -36.91
N SER G 128 -33.60 -3.09 -36.97
CA SER G 128 -32.43 -2.23 -36.67
C SER G 128 -32.31 -1.06 -37.66
N SER G 129 -32.57 -1.32 -38.93
CA SER G 129 -32.66 -0.24 -39.92
C SER G 129 -33.50 -0.62 -41.12
N LEU G 130 -33.91 0.38 -41.89
CA LEU G 130 -34.56 0.14 -43.16
C LEU G 130 -33.48 0.09 -44.25
N ASP G 131 -33.47 -0.99 -45.04
CA ASP G 131 -32.51 -1.13 -46.12
C ASP G 131 -33.08 -0.47 -47.37
N GLU G 132 -32.22 0.01 -48.27
CA GLU G 132 -32.71 0.70 -49.47
C GLU G 132 -33.56 -0.23 -50.35
N LYS G 133 -33.23 -1.51 -50.37
CA LYS G 133 -34.01 -2.52 -51.09
C LYS G 133 -35.43 -2.66 -50.52
N ILE G 134 -35.57 -2.53 -49.20
CA ILE G 134 -36.87 -2.71 -48.54
C ILE G 134 -37.73 -1.47 -48.78
N ARG G 135 -37.16 -0.30 -48.52
CA ARG G 135 -37.83 0.96 -48.89
C ARG G 135 -38.38 0.96 -50.33
N THR G 136 -37.57 0.49 -51.27
CA THR G 136 -38.00 0.46 -52.67
C THR G 136 -39.17 -0.51 -52.92
N SER G 137 -39.13 -1.65 -52.26
CA SER G 137 -40.22 -2.64 -52.37
C SER G 137 -41.54 -2.01 -51.98
N LEU G 138 -41.51 -1.26 -50.88
CA LEU G 138 -42.68 -0.57 -50.31
C LEU G 138 -43.21 0.49 -51.27
N LYS G 139 -42.28 1.26 -51.85
CA LYS G 139 -42.62 2.26 -52.86
C LYS G 139 -43.40 1.64 -54.02
N ASN G 140 -42.87 0.56 -54.59
CA ASN G 140 -43.48 -0.10 -55.76
C ASN G 140 -44.85 -0.73 -55.47
N SER G 141 -45.12 -1.07 -54.21
CA SER G 141 -46.38 -1.70 -53.82
C SER G 141 -47.48 -0.67 -53.50
N ARG G 142 -47.08 0.51 -53.02
CA ARG G 142 -48.01 1.57 -52.63
C ARG G 142 -48.84 1.25 -51.36
N THR G 143 -48.51 0.17 -50.67
CA THR G 143 -49.19 -0.26 -49.46
C THR G 143 -48.86 0.73 -48.34
N PRO G 144 -49.88 1.22 -47.60
CA PRO G 144 -49.60 2.04 -46.39
C PRO G 144 -48.64 1.31 -45.44
N VAL G 145 -47.64 2.04 -44.95
CA VAL G 145 -46.61 1.52 -44.03
C VAL G 145 -46.30 2.53 -42.92
N VAL G 146 -46.09 2.00 -41.72
CA VAL G 146 -45.58 2.80 -40.59
C VAL G 146 -44.36 2.06 -40.02
N LEU G 147 -43.25 2.79 -39.82
CA LEU G 147 -42.06 2.27 -39.16
C LEU G 147 -42.19 2.52 -37.65
N VAL G 148 -41.74 1.56 -36.84
CA VAL G 148 -41.77 1.73 -35.38
C VAL G 148 -40.40 1.43 -34.83
N GLY G 149 -39.81 2.41 -34.15
CA GLY G 149 -38.48 2.28 -33.59
C GLY G 149 -37.34 2.51 -34.56
N THR G 150 -37.67 2.96 -35.77
CA THR G 150 -36.67 3.30 -36.74
C THR G 150 -37.20 4.48 -37.55
N ILE G 151 -36.26 5.17 -38.20
CA ILE G 151 -36.56 6.41 -38.90
C ILE G 151 -36.08 6.34 -40.35
N ASP G 152 -36.94 6.75 -41.29
CA ASP G 152 -36.56 6.88 -42.71
C ASP G 152 -35.52 8.00 -42.84
N GLY G 153 -34.41 7.70 -43.50
CA GLY G 153 -33.40 8.73 -43.79
C GLY G 153 -34.02 9.94 -44.51
N ASP G 154 -34.89 9.66 -45.48
CA ASP G 154 -35.56 10.70 -46.25
C ASP G 154 -36.71 11.36 -45.47
N LYS G 155 -37.08 10.71 -44.36
CA LYS G 155 -38.08 11.24 -43.42
C LYS G 155 -39.43 11.50 -44.06
N GLU G 156 -39.79 10.65 -45.03
CA GLU G 156 -41.13 10.67 -45.60
C GLU G 156 -41.97 9.40 -45.36
N ILE G 157 -41.38 8.26 -45.02
CA ILE G 157 -42.21 7.12 -44.57
C ILE G 157 -42.70 7.43 -43.16
N PRO G 158 -44.04 7.33 -42.90
CA PRO G 158 -44.51 7.51 -41.54
C PRO G 158 -43.78 6.65 -40.50
N SER G 159 -43.62 7.20 -39.30
CA SER G 159 -42.88 6.51 -38.23
C SER G 159 -43.27 6.97 -36.83
N VAL G 160 -43.05 6.08 -35.85
CA VAL G 160 -43.29 6.37 -34.43
C VAL G 160 -42.03 5.98 -33.63
N ASN G 161 -41.49 6.95 -32.89
CA ASN G 161 -40.21 6.83 -32.16
C ASN G 161 -40.22 7.71 -30.93
N ILE G 162 -39.25 7.49 -30.03
CA ILE G 162 -38.91 8.51 -29.05
C ILE G 162 -37.98 9.57 -29.69
N ASP G 163 -37.65 10.61 -28.93
CA ASP G 163 -36.69 11.63 -29.35
C ASP G 163 -35.28 11.16 -28.92
N TYR G 164 -34.58 10.54 -29.86
CA TYR G 164 -33.27 9.91 -29.60
C TYR G 164 -32.19 10.92 -29.23
N HIS G 165 -32.21 12.07 -29.89
CA HIS G 165 -31.32 13.22 -29.59
C HIS G 165 -31.47 13.63 -28.12
N LEU G 166 -32.70 13.91 -27.71
CA LEU G 166 -33.01 14.35 -26.34
C LEU G 166 -32.69 13.30 -25.28
N ALA G 167 -32.97 12.04 -25.58
CA ALA G 167 -32.63 10.94 -24.67
C ALA G 167 -31.10 10.81 -24.47
N ALA G 168 -30.33 10.92 -25.55
CA ALA G 168 -28.87 10.86 -25.47
C ALA G 168 -28.28 12.07 -24.72
N TYR G 169 -28.78 13.27 -25.01
CA TYR G 169 -28.41 14.45 -24.24
C TYR G 169 -28.67 14.28 -22.73
N GLN G 170 -29.88 13.86 -22.36
CA GLN G 170 -30.24 13.73 -20.93
C GLN G 170 -29.43 12.65 -20.21
N SER G 171 -29.23 11.53 -20.88
CA SER G 171 -28.43 10.42 -20.35
C SER G 171 -26.96 10.83 -20.12
N THR G 172 -26.39 11.51 -21.11
CA THR G 172 -25.03 12.02 -20.98
C THR G 172 -24.94 13.09 -19.87
N LYS G 173 -25.90 14.02 -19.84
CA LYS G 173 -25.95 15.05 -18.80
C LYS G 173 -26.05 14.44 -17.38
N LYS G 174 -26.80 13.34 -17.25
CA LYS G 174 -26.94 12.63 -15.97
C LYS G 174 -25.58 12.12 -15.45
N LEU G 175 -24.77 11.58 -16.36
CA LEU G 175 -23.43 11.09 -16.02
C LEU G 175 -22.42 12.25 -15.78
N ILE G 176 -22.60 13.35 -16.50
CA ILE G 176 -21.77 14.54 -16.28
C ILE G 176 -22.01 15.10 -14.88
N ASP G 177 -23.30 15.20 -14.53
CA ASP G 177 -23.69 15.74 -13.24
C ASP G 177 -23.33 14.84 -12.04
N SER G 178 -23.05 13.56 -12.28
CA SER G 178 -22.53 12.68 -11.21
C SER G 178 -20.98 12.64 -11.16
N GLY G 179 -20.34 13.54 -11.92
CA GLY G 179 -18.90 13.73 -11.85
C GLY G 179 -18.08 13.04 -12.92
N ASN G 180 -18.70 12.39 -13.89
CA ASN G 180 -17.96 11.70 -14.94
C ASN G 180 -17.42 12.68 -16.00
N LYS G 181 -16.17 12.45 -16.42
CA LYS G 181 -15.48 13.29 -17.42
C LYS G 181 -15.21 12.51 -18.70
N LYS G 182 -14.95 11.22 -18.57
CA LYS G 182 -14.78 10.30 -19.72
C LYS G 182 -16.00 9.34 -19.81
N ILE G 183 -16.90 9.67 -20.72
CA ILE G 183 -18.18 8.99 -20.87
C ILE G 183 -18.19 8.28 -22.21
N ALA G 184 -18.37 6.97 -22.19
CA ALA G 184 -18.52 6.23 -23.44
C ALA G 184 -19.99 6.25 -23.92
N TYR G 185 -20.15 6.14 -25.23
CA TYR G 185 -21.45 5.93 -25.85
C TYR G 185 -21.37 4.69 -26.72
N ILE G 186 -22.15 3.68 -26.35
CA ILE G 186 -22.19 2.42 -27.08
C ILE G 186 -23.51 2.34 -27.85
N MET G 187 -23.43 2.26 -29.17
CA MET G 187 -24.63 2.36 -29.99
C MET G 187 -24.64 1.34 -31.10
N GLY G 188 -25.74 1.31 -31.85
CA GLY G 188 -25.81 0.56 -33.10
C GLY G 188 -25.07 1.33 -34.20
N SER G 189 -25.37 0.99 -35.44
CA SER G 189 -24.68 1.53 -36.60
C SER G 189 -24.94 3.01 -36.82
N LEU G 190 -23.87 3.74 -37.10
CA LEU G 190 -23.94 5.16 -37.36
C LEU G 190 -24.55 5.50 -38.74
N LYS G 191 -24.87 4.49 -39.53
CA LYS G 191 -25.59 4.71 -40.79
C LYS G 191 -27.06 5.05 -40.56
N ASP G 192 -27.56 4.70 -39.38
CA ASP G 192 -28.98 4.87 -39.04
C ASP G 192 -29.27 6.20 -38.34
N VAL G 193 -30.33 6.87 -38.75
CA VAL G 193 -30.70 8.17 -38.22
C VAL G 193 -30.81 8.18 -36.70
N GLU G 194 -31.42 7.13 -36.15
CA GLU G 194 -31.50 6.97 -34.69
C GLU G 194 -30.14 7.20 -34.00
N ASN G 195 -29.07 6.67 -34.58
CA ASN G 195 -27.75 6.74 -33.96
C ASN G 195 -26.96 8.01 -34.26
N THR G 196 -27.13 8.58 -35.45
CA THR G 196 -26.58 9.91 -35.74
C THR G 196 -27.22 10.97 -34.81
N GLU G 197 -28.50 10.77 -34.48
CA GLU G 197 -29.21 11.63 -33.51
C GLU G 197 -28.68 11.49 -32.09
N ARG G 198 -28.40 10.25 -31.68
CA ARG G 198 -27.74 10.02 -30.38
C ARG G 198 -26.37 10.69 -30.31
N MET G 199 -25.60 10.60 -31.40
CA MET G 199 -24.28 11.26 -31.46
C MET G 199 -24.39 12.78 -31.25
N VAL G 200 -25.38 13.41 -31.89
CA VAL G 200 -25.59 14.86 -31.77
C VAL G 200 -25.92 15.27 -30.31
N GLY G 201 -26.80 14.50 -29.66
CA GLY G 201 -27.19 14.75 -28.26
C GLY G 201 -26.05 14.57 -27.27
N TYR G 202 -25.30 13.46 -27.41
CA TYR G 202 -24.07 13.20 -26.67
C TYR G 202 -23.06 14.38 -26.81
N GLN G 203 -22.80 14.77 -28.05
CA GLN G 203 -21.90 15.88 -28.34
C GLN G 203 -22.38 17.22 -27.74
N GLU G 204 -23.69 17.46 -27.76
CA GLU G 204 -24.32 18.65 -27.18
C GLU G 204 -24.04 18.69 -25.67
N ALA G 205 -24.24 17.56 -25.01
CA ALA G 205 -24.01 17.46 -23.56
C ALA G 205 -22.55 17.74 -23.18
N LEU G 206 -21.62 17.17 -23.94
CA LEU G 206 -20.19 17.35 -23.67
C LEU G 206 -19.79 18.82 -23.84
N LEU G 207 -20.21 19.42 -24.96
CA LEU G 207 -19.82 20.81 -25.28
C LEU G 207 -20.30 21.77 -24.21
N GLU G 208 -21.57 21.65 -23.84
CA GLU G 208 -22.16 22.39 -22.72
C GLU G 208 -21.31 22.29 -21.45
N ALA G 209 -20.77 21.11 -21.19
CA ALA G 209 -19.90 20.87 -20.01
C ALA G 209 -18.43 21.26 -20.25
N ASN G 210 -18.12 21.76 -21.44
CA ASN G 210 -16.74 22.03 -21.84
C ASN G 210 -15.85 20.78 -21.77
N ILE G 211 -16.40 19.65 -22.18
CA ILE G 211 -15.64 18.40 -22.28
C ILE G 211 -15.36 18.11 -23.75
N GLU G 212 -14.09 17.89 -24.10
CA GLU G 212 -13.69 17.72 -25.49
C GLU G 212 -14.25 16.41 -26.03
N PHE G 213 -14.79 16.47 -27.25
CA PHE G 213 -15.30 15.27 -27.89
C PHE G 213 -14.12 14.36 -28.28
N ASP G 214 -14.20 13.10 -27.92
CA ASP G 214 -13.20 12.10 -28.31
C ASP G 214 -13.90 10.93 -28.96
N GLU G 215 -13.67 10.78 -30.28
CA GLU G 215 -14.24 9.68 -31.08
C GLU G 215 -13.91 8.28 -30.55
N ASN G 216 -12.78 8.11 -29.87
CA ASN G 216 -12.42 6.78 -29.34
C ASN G 216 -13.27 6.31 -28.14
N LEU G 217 -14.19 7.17 -27.67
CA LEU G 217 -15.15 6.80 -26.63
C LEU G 217 -16.55 6.46 -27.19
N VAL G 218 -16.73 6.56 -28.50
CA VAL G 218 -17.96 6.13 -29.17
C VAL G 218 -17.72 4.80 -29.87
N PHE G 219 -18.55 3.82 -29.53
CA PHE G 219 -18.43 2.46 -30.02
C PHE G 219 -19.70 2.08 -30.75
N GLU G 220 -19.65 1.98 -32.06
CA GLU G 220 -20.84 1.70 -32.84
C GLU G 220 -20.88 0.24 -33.31
N GLY G 221 -22.02 -0.17 -33.84
CA GLY G 221 -22.23 -1.51 -34.39
C GLY G 221 -22.71 -2.56 -33.38
N ASN G 222 -23.03 -2.10 -32.18
CA ASN G 222 -23.26 -3.00 -31.05
C ASN G 222 -24.75 -3.22 -30.79
N TYR G 223 -25.15 -4.49 -30.87
CA TYR G 223 -26.54 -4.91 -30.73
C TYR G 223 -26.73 -6.07 -29.74
N SER G 224 -25.68 -6.85 -29.47
CA SER G 224 -25.82 -8.12 -28.73
C SER G 224 -25.16 -8.16 -27.36
N TYR G 225 -25.67 -9.06 -26.53
CA TYR G 225 -25.13 -9.39 -25.21
C TYR G 225 -23.62 -9.66 -25.29
N GLU G 226 -23.24 -10.50 -26.23
CA GLU G 226 -21.84 -10.88 -26.43
C GLU G 226 -20.97 -9.67 -26.77
N GLN G 227 -21.50 -8.77 -27.61
CA GLN G 227 -20.81 -7.50 -27.91
C GLN G 227 -20.64 -6.61 -26.66
N GLY G 228 -21.65 -6.57 -25.81
CA GLY G 228 -21.57 -5.81 -24.56
C GLY G 228 -20.48 -6.31 -23.62
N LYS G 229 -20.41 -7.63 -23.45
CA LYS G 229 -19.42 -8.22 -22.56
C LYS G 229 -18.04 -7.91 -23.05
N ALA G 230 -17.83 -8.00 -24.37
CA ALA G 230 -16.49 -7.86 -24.99
C ALA G 230 -15.93 -6.43 -24.93
N LEU G 231 -16.81 -5.46 -24.73
CA LEU G 231 -16.43 -4.04 -24.69
C LEU G 231 -15.89 -3.56 -23.35
N ALA G 232 -16.17 -4.29 -22.28
CA ALA G 232 -15.83 -3.82 -20.94
C ALA G 232 -14.34 -3.51 -20.80
N GLU G 233 -13.50 -4.42 -21.33
CA GLU G 233 -12.04 -4.29 -21.27
C GLU G 233 -11.51 -3.03 -21.97
N ARG G 234 -12.02 -2.80 -23.18
CA ARG G 234 -11.68 -1.63 -24.00
C ARG G 234 -12.05 -0.28 -23.35
N LEU G 235 -13.22 -0.24 -22.71
CA LEU G 235 -13.67 0.98 -22.03
C LEU G 235 -12.78 1.32 -20.84
N LEU G 236 -12.44 0.29 -20.07
CA LEU G 236 -11.52 0.41 -18.95
C LEU G 236 -10.11 0.85 -19.39
N GLU G 237 -9.66 0.33 -20.53
CA GLU G 237 -8.35 0.68 -21.05
C GLU G 237 -8.31 2.14 -21.52
N ARG G 238 -9.46 2.69 -21.90
CA ARG G 238 -9.53 4.06 -22.41
C ARG G 238 -9.87 5.08 -21.31
N GLY G 239 -9.99 4.61 -20.07
CA GLY G 239 -10.31 5.46 -18.93
C GLY G 239 -11.76 5.88 -18.81
N ALA G 240 -12.65 5.25 -19.58
CA ALA G 240 -14.10 5.48 -19.40
C ALA G 240 -14.51 5.10 -17.97
N THR G 241 -15.21 6.03 -17.28
CA THR G 241 -15.76 5.74 -15.96
C THR G 241 -17.29 5.54 -16.00
N SER G 242 -17.87 5.64 -17.19
CA SER G 242 -19.30 5.46 -17.39
C SER G 242 -19.64 5.20 -18.86
N ALA G 243 -20.89 4.80 -19.10
CA ALA G 243 -21.37 4.57 -20.46
C ALA G 243 -22.89 4.71 -20.57
N VAL G 244 -23.32 5.34 -21.65
CA VAL G 244 -24.70 5.23 -22.17
C VAL G 244 -24.69 4.11 -23.22
N VAL G 245 -25.70 3.23 -23.17
CA VAL G 245 -25.76 2.07 -24.06
C VAL G 245 -27.15 2.06 -24.72
N SER G 246 -27.20 2.08 -26.05
CA SER G 246 -28.48 2.25 -26.73
C SER G 246 -29.39 1.02 -26.61
N HIS G 247 -28.79 -0.17 -26.56
CA HIS G 247 -29.55 -1.43 -26.50
C HIS G 247 -29.44 -2.09 -25.13
N ASP G 248 -30.59 -2.54 -24.62
CA ASP G 248 -30.69 -3.14 -23.29
C ASP G 248 -29.87 -4.45 -23.24
N THR G 249 -29.88 -5.24 -24.32
CA THR G 249 -29.11 -6.50 -24.39
C THR G 249 -27.61 -6.26 -24.24
N VAL G 250 -27.15 -5.18 -24.87
CA VAL G 250 -25.74 -4.80 -24.83
C VAL G 250 -25.38 -4.28 -23.43
N ALA G 251 -26.28 -3.50 -22.83
CA ALA G 251 -26.08 -2.93 -21.50
C ALA G 251 -25.93 -4.01 -20.42
N VAL G 252 -26.79 -5.02 -20.50
CA VAL G 252 -26.76 -6.18 -19.58
C VAL G 252 -25.41 -6.92 -19.72
N GLY G 253 -24.97 -7.14 -20.96
CA GLY G 253 -23.69 -7.79 -21.21
C GLY G 253 -22.52 -6.98 -20.65
N LEU G 254 -22.55 -5.67 -20.84
CA LEU G 254 -21.50 -4.80 -20.32
C LEU G 254 -21.44 -4.90 -18.79
N LEU G 255 -22.58 -4.74 -18.15
CA LEU G 255 -22.66 -4.78 -16.69
C LEU G 255 -22.16 -6.12 -16.14
N SER G 256 -22.52 -7.21 -16.81
CA SER G 256 -22.15 -8.56 -16.36
C SER G 256 -20.64 -8.71 -16.36
N ALA G 257 -20.01 -8.27 -17.45
CA ALA G 257 -18.54 -8.36 -17.58
C ALA G 257 -17.81 -7.44 -16.59
N MET G 258 -18.40 -6.27 -16.31
CA MET G 258 -17.86 -5.37 -15.30
C MET G 258 -17.94 -5.98 -13.90
N MET G 259 -19.05 -6.64 -13.63
CA MET G 259 -19.24 -7.30 -12.34
C MET G 259 -18.29 -8.48 -12.18
N ASP G 260 -18.05 -9.21 -13.27
CA ASP G 260 -17.07 -10.32 -13.27
C ASP G 260 -15.65 -9.85 -12.99
N LYS G 261 -15.34 -8.62 -13.40
CA LYS G 261 -14.02 -8.05 -13.17
C LYS G 261 -13.85 -7.44 -11.77
N GLY G 262 -14.94 -7.43 -10.99
CA GLY G 262 -14.92 -6.80 -9.68
C GLY G 262 -14.89 -5.29 -9.76
N VAL G 263 -15.46 -4.74 -10.83
CA VAL G 263 -15.60 -3.29 -10.95
C VAL G 263 -16.83 -2.88 -10.13
N LYS G 264 -16.66 -1.85 -9.31
CA LYS G 264 -17.71 -1.38 -8.42
C LYS G 264 -18.72 -0.50 -9.17
N VAL G 265 -19.95 -1.00 -9.31
CA VAL G 265 -21.04 -0.28 -9.96
C VAL G 265 -22.09 0.04 -8.89
N PRO G 266 -22.47 1.33 -8.74
CA PRO G 266 -22.09 2.53 -9.48
C PRO G 266 -20.82 3.26 -9.02
N GLU G 267 -20.17 2.78 -7.96
CA GLU G 267 -19.09 3.54 -7.31
C GLU G 267 -18.02 3.96 -8.28
N ASP G 268 -17.46 2.98 -8.98
CA ASP G 268 -16.36 3.24 -9.93
C ASP G 268 -16.79 3.30 -11.40
N PHE G 269 -17.89 2.66 -11.75
CA PHE G 269 -18.41 2.67 -13.12
C PHE G 269 -19.95 2.72 -13.13
N GLU G 270 -20.51 3.58 -13.98
CA GLU G 270 -21.95 3.80 -14.10
C GLU G 270 -22.47 3.44 -15.50
N ILE G 271 -23.69 2.90 -15.56
CA ILE G 271 -24.31 2.49 -16.83
C ILE G 271 -25.76 2.98 -16.94
N ILE G 272 -26.08 3.57 -18.09
CA ILE G 272 -27.46 3.89 -18.46
C ILE G 272 -27.83 3.14 -19.73
N SER G 273 -28.90 2.34 -19.64
CA SER G 273 -29.42 1.58 -20.76
C SER G 273 -30.43 2.40 -21.57
N GLY G 274 -30.82 1.88 -22.72
CA GLY G 274 -31.52 2.67 -23.72
C GLY G 274 -33.01 2.51 -23.94
N ALA G 275 -33.65 1.48 -23.37
CA ALA G 275 -35.11 1.25 -23.62
C ALA G 275 -36.01 0.87 -22.41
N ASN G 276 -35.41 0.29 -21.38
CA ASN G 276 -36.12 -0.19 -20.20
C ASN G 276 -37.07 -1.36 -20.51
N SER G 277 -36.63 -2.29 -21.35
CA SER G 277 -37.35 -3.55 -21.55
C SER G 277 -37.11 -4.40 -20.31
N PRO G 278 -37.93 -5.45 -20.09
CA PRO G 278 -37.92 -6.19 -18.82
C PRO G 278 -36.57 -6.70 -18.32
N ILE G 279 -35.66 -7.02 -19.25
CA ILE G 279 -34.34 -7.53 -18.90
C ILE G 279 -33.44 -6.56 -18.11
N THR G 280 -33.78 -5.26 -18.12
CA THR G 280 -33.03 -4.27 -17.33
C THR G 280 -33.31 -4.33 -15.82
N GLN G 281 -34.36 -5.04 -15.41
CA GLN G 281 -34.64 -5.28 -13.98
C GLN G 281 -34.06 -6.63 -13.50
N TYR G 282 -33.54 -7.43 -14.43
CA TYR G 282 -33.13 -8.80 -14.18
C TYR G 282 -31.66 -8.93 -13.71
N THR G 283 -30.90 -7.83 -13.79
CA THR G 283 -29.52 -7.82 -13.29
C THR G 283 -29.44 -7.24 -11.90
N TYR G 284 -28.35 -7.57 -11.22
CA TYR G 284 -27.95 -6.91 -10.00
C TYR G 284 -26.52 -6.41 -10.14
N PRO G 285 -26.31 -5.08 -10.03
CA PRO G 285 -27.30 -4.06 -9.75
C PRO G 285 -28.30 -3.85 -10.89
N THR G 286 -29.48 -3.34 -10.55
CA THR G 286 -30.51 -3.06 -11.56
C THR G 286 -30.09 -1.86 -12.41
N LEU G 287 -30.41 -1.92 -13.69
CA LEU G 287 -29.94 -0.93 -14.66
C LEU G 287 -30.85 0.30 -14.72
N THR G 288 -30.26 1.45 -14.44
CA THR G 288 -30.85 2.73 -14.81
C THR G 288 -31.07 2.73 -16.33
N SER G 289 -32.23 3.23 -16.78
CA SER G 289 -32.59 3.12 -18.19
C SER G 289 -33.52 4.22 -18.67
N VAL G 290 -33.28 4.67 -19.90
CA VAL G 290 -34.26 5.44 -20.62
C VAL G 290 -35.47 4.52 -20.85
N ASN G 291 -36.67 5.00 -20.51
CA ASN G 291 -37.90 4.26 -20.72
C ASN G 291 -38.51 4.70 -22.03
N GLN G 292 -38.41 3.83 -23.04
CA GLN G 292 -39.21 3.98 -24.25
C GLN G 292 -40.57 3.32 -23.96
N PRO G 293 -41.68 4.01 -24.34
CA PRO G 293 -42.99 3.45 -24.03
C PRO G 293 -43.40 2.43 -25.08
N LEU G 294 -42.92 1.20 -24.92
CA LEU G 294 -42.92 0.20 -26.01
C LEU G 294 -44.32 -0.21 -26.47
N TYR G 295 -45.21 -0.55 -25.52
CA TYR G 295 -46.64 -0.82 -25.82
C TYR G 295 -47.28 0.31 -26.62
N ASP G 296 -47.14 1.54 -26.13
CA ASP G 296 -47.68 2.75 -26.79
C ASP G 296 -47.08 3.02 -28.15
N LEU G 297 -45.79 2.74 -28.35
CA LEU G 297 -45.17 2.87 -29.69
C LEU G 297 -45.93 2.02 -30.73
N GLY G 298 -46.21 0.78 -30.35
CA GLY G 298 -47.03 -0.11 -31.17
C GLY G 298 -48.49 0.32 -31.33
N ALA G 299 -49.13 0.73 -30.25
CA ALA G 299 -50.56 1.16 -30.28
C ALA G 299 -50.75 2.43 -31.13
N VAL G 300 -49.86 3.40 -30.93
CA VAL G 300 -49.85 4.65 -31.70
C VAL G 300 -49.57 4.38 -33.18
N ALA G 301 -48.61 3.49 -33.46
CA ALA G 301 -48.34 3.09 -34.84
C ALA G 301 -49.54 2.46 -35.54
N MET G 302 -50.22 1.56 -34.83
CA MET G 302 -51.41 0.89 -35.41
C MET G 302 -52.57 1.89 -35.61
N ARG G 303 -52.77 2.82 -34.67
CA ARG G 303 -53.76 3.89 -34.88
C ARG G 303 -53.44 4.79 -36.10
N LEU G 304 -52.16 5.15 -36.29
CA LEU G 304 -51.74 5.91 -37.47
C LEU G 304 -51.99 5.10 -38.77
N LEU G 305 -51.58 3.84 -38.78
CA LEU G 305 -51.77 2.97 -39.92
C LEU G 305 -53.26 2.81 -40.23
N THR G 306 -54.11 2.72 -39.20
CA THR G 306 -55.57 2.70 -39.37
C THR G 306 -56.09 3.92 -40.17
N LYS G 307 -55.63 5.11 -39.80
CA LYS G 307 -55.98 6.33 -40.56
C LYS G 307 -55.54 6.22 -42.01
N LEU G 308 -54.30 5.76 -42.25
CA LEU G 308 -53.76 5.62 -43.60
C LEU G 308 -54.59 4.64 -44.45
N MET G 309 -55.01 3.53 -43.85
CA MET G 309 -55.81 2.54 -44.58
C MET G 309 -57.24 3.03 -44.86
N LEU G 310 -57.79 3.89 -43.99
CA LEU G 310 -59.07 4.54 -44.22
C LEU G 310 -59.00 5.77 -45.13
N LYS G 311 -57.77 6.17 -45.48
CA LYS G 311 -57.50 7.40 -46.25
C LYS G 311 -58.06 8.67 -45.57
N GLU G 312 -57.94 8.71 -44.24
CA GLU G 312 -58.21 9.91 -43.43
C GLU G 312 -56.97 10.82 -43.44
N ASP G 313 -57.21 12.13 -43.40
CA ASP G 313 -56.14 13.13 -43.48
C ASP G 313 -55.17 13.04 -42.29
N VAL G 314 -53.87 13.02 -42.59
CA VAL G 314 -52.82 12.96 -41.55
C VAL G 314 -51.87 14.17 -41.67
N GLU G 315 -52.01 15.09 -40.73
CA GLU G 315 -51.13 16.25 -40.60
C GLU G 315 -49.64 15.89 -40.38
N GLN G 316 -49.33 15.19 -39.29
CA GLN G 316 -47.94 14.87 -38.96
C GLN G 316 -47.78 13.37 -39.01
N ASN G 317 -46.84 12.89 -39.83
CA ASN G 317 -46.62 11.44 -39.88
C ASN G 317 -45.32 10.98 -39.23
N GLN G 318 -44.52 11.93 -38.75
CA GLN G 318 -43.35 11.63 -37.92
C GLN G 318 -43.76 11.89 -36.47
N LEU G 319 -44.26 10.83 -35.82
CA LEU G 319 -44.75 10.92 -34.44
C LEU G 319 -43.66 10.62 -33.42
N VAL G 320 -43.61 11.44 -32.39
CA VAL G 320 -42.62 11.34 -31.35
C VAL G 320 -43.35 11.23 -30.00
N LEU G 321 -43.11 10.14 -29.27
CA LEU G 321 -43.65 9.98 -27.92
C LEU G 321 -42.62 10.31 -26.85
N ASP G 322 -43.12 10.76 -25.71
CA ASP G 322 -42.31 11.15 -24.56
C ASP G 322 -41.58 9.94 -23.97
N HIS G 323 -40.39 10.17 -23.44
CA HIS G 323 -39.65 9.16 -22.70
C HIS G 323 -39.32 9.72 -21.30
N GLU G 324 -38.87 8.85 -20.41
CA GLU G 324 -38.35 9.24 -19.09
C GLU G 324 -37.08 8.46 -18.87
N ILE G 325 -36.30 8.88 -17.88
CA ILE G 325 -35.22 8.06 -17.39
C ILE G 325 -35.66 7.49 -16.04
N PHE G 326 -35.56 6.17 -15.91
CA PHE G 326 -35.82 5.48 -14.65
C PHE G 326 -34.49 5.20 -13.95
N SER G 327 -34.23 5.93 -12.87
CA SER G 327 -33.00 5.78 -12.09
C SER G 327 -33.06 4.56 -11.17
N ARG G 328 -32.08 3.65 -11.33
CA ARG G 328 -31.97 2.43 -10.52
C ARG G 328 -30.58 2.34 -9.86
N ARG G 329 -30.04 1.15 -9.68
CA ARG G 329 -28.79 1.00 -8.89
C ARG G 329 -27.51 1.13 -9.68
N SER G 330 -27.58 1.22 -11.02
CA SER G 330 -26.38 1.29 -11.84
C SER G 330 -25.85 2.72 -12.06
N THR G 331 -26.51 3.71 -11.46
CA THR G 331 -26.01 5.10 -11.43
C THR G 331 -26.01 5.60 -10.00
N LYS G 332 -25.15 6.58 -9.73
CA LYS G 332 -25.01 7.18 -8.39
C LYS G 332 -26.21 8.05 -8.05
N LYS H 61 -58.70 -25.55 -53.40
CA LYS H 61 -58.88 -25.97 -51.98
C LYS H 61 -58.20 -24.94 -51.07
N ARG H 62 -58.96 -24.25 -50.24
CA ARG H 62 -58.43 -23.15 -49.40
C ARG H 62 -57.14 -23.57 -48.68
N THR H 63 -56.13 -22.70 -48.71
CA THR H 63 -54.85 -22.94 -48.04
C THR H 63 -55.04 -23.34 -46.59
N THR H 64 -54.38 -24.41 -46.16
CA THR H 64 -54.44 -24.84 -44.76
C THR H 64 -54.06 -23.69 -43.81
N THR H 65 -54.89 -23.50 -42.78
CA THR H 65 -54.73 -22.41 -41.80
C THR H 65 -54.68 -22.99 -40.39
N VAL H 66 -53.64 -22.57 -39.66
CA VAL H 66 -53.37 -23.01 -38.30
C VAL H 66 -53.61 -21.87 -37.34
N GLY H 67 -54.40 -22.17 -36.31
CA GLY H 67 -54.69 -21.20 -35.25
C GLY H 67 -53.81 -21.57 -34.08
N VAL H 68 -53.08 -20.58 -33.57
CA VAL H 68 -52.23 -20.74 -32.41
C VAL H 68 -52.69 -19.83 -31.26
N ILE H 69 -52.99 -20.46 -30.12
CA ILE H 69 -53.45 -19.74 -28.94
C ILE H 69 -52.35 -19.79 -27.89
N LEU H 70 -51.96 -18.62 -27.37
CA LEU H 70 -50.94 -18.52 -26.34
C LEU H 70 -51.29 -17.39 -25.34
N PRO H 71 -50.83 -17.50 -24.08
CA PRO H 71 -51.13 -16.40 -23.14
C PRO H 71 -50.75 -15.01 -23.63
N THR H 72 -49.49 -14.83 -24.03
CA THR H 72 -49.05 -13.56 -24.58
C THR H 72 -47.74 -13.77 -25.34
N ILE H 73 -47.64 -13.08 -26.47
CA ILE H 73 -46.40 -12.95 -27.23
C ILE H 73 -45.21 -12.32 -26.46
N THR H 74 -45.50 -11.62 -25.36
CA THR H 74 -44.44 -11.07 -24.52
C THR H 74 -43.86 -12.10 -23.54
N SER H 75 -44.34 -13.33 -23.57
CA SER H 75 -43.66 -14.42 -22.87
C SER H 75 -42.64 -15.03 -23.81
N THR H 76 -41.36 -14.94 -23.44
CA THR H 76 -40.30 -15.50 -24.28
C THR H 76 -40.35 -17.03 -24.30
N TYR H 77 -40.92 -17.63 -23.26
CA TYR H 77 -41.21 -19.07 -23.22
C TYR H 77 -42.15 -19.43 -24.35
N PHE H 78 -43.32 -18.81 -24.38
CA PHE H 78 -44.28 -19.16 -25.41
C PHE H 78 -43.85 -18.64 -26.81
N ALA H 79 -43.15 -17.51 -26.87
CA ALA H 79 -42.67 -16.97 -28.15
C ALA H 79 -41.67 -17.93 -28.82
N ALA H 80 -40.78 -18.50 -28.01
CA ALA H 80 -39.78 -19.46 -28.51
C ALA H 80 -40.40 -20.73 -29.08
N ILE H 81 -41.40 -21.29 -28.40
CA ILE H 81 -42.18 -22.43 -28.94
C ILE H 81 -42.83 -22.04 -30.29
N THR H 82 -43.41 -20.84 -30.33
CA THR H 82 -44.12 -20.36 -31.49
C THR H 82 -43.26 -20.26 -32.76
N ARG H 83 -41.98 -19.87 -32.61
CA ARG H 83 -41.08 -19.88 -33.78
C ARG H 83 -40.87 -21.31 -34.35
N GLY H 84 -40.85 -22.33 -33.50
CA GLY H 84 -40.84 -23.73 -33.96
C GLY H 84 -42.09 -24.11 -34.73
N VAL H 85 -43.25 -23.72 -34.23
CA VAL H 85 -44.51 -23.94 -34.96
C VAL H 85 -44.51 -23.24 -36.33
N ASP H 86 -44.19 -21.93 -36.30
CA ASP H 86 -44.08 -21.08 -37.49
C ASP H 86 -43.22 -21.67 -38.61
N ASP H 87 -42.02 -22.12 -38.24
CA ASP H 87 -41.07 -22.66 -39.19
C ASP H 87 -41.58 -23.93 -39.91
N ILE H 88 -42.25 -24.82 -39.17
CA ILE H 88 -42.83 -26.03 -39.77
C ILE H 88 -44.03 -25.67 -40.64
N ALA H 89 -44.91 -24.82 -40.12
CA ALA H 89 -46.05 -24.34 -40.90
C ALA H 89 -45.65 -23.63 -42.21
N SER H 90 -44.67 -22.74 -42.14
CA SER H 90 -44.24 -21.99 -43.31
C SER H 90 -43.60 -22.86 -44.38
N MET H 91 -42.93 -23.93 -43.96
CA MET H 91 -42.36 -24.92 -44.87
C MET H 91 -43.40 -25.47 -45.87
N TYR H 92 -44.63 -25.67 -45.41
CA TYR H 92 -45.73 -26.15 -46.26
C TYR H 92 -46.57 -24.99 -46.80
N LYS H 93 -46.14 -23.77 -46.52
CA LYS H 93 -46.87 -22.56 -46.91
C LYS H 93 -48.30 -22.49 -46.32
N TYR H 94 -48.47 -23.00 -45.10
CA TYR H 94 -49.74 -22.86 -44.36
C TYR H 94 -49.90 -21.44 -43.84
N ASN H 95 -51.15 -20.97 -43.74
CA ASN H 95 -51.43 -19.71 -43.06
C ASN H 95 -51.38 -19.95 -41.56
N MET H 96 -51.00 -18.91 -40.81
CA MET H 96 -50.99 -18.98 -39.36
C MET H 96 -51.64 -17.75 -38.73
N ILE H 97 -52.53 -17.99 -37.76
CA ILE H 97 -53.20 -16.94 -37.00
C ILE H 97 -52.75 -17.08 -35.55
N LEU H 98 -52.20 -16.00 -34.98
CA LEU H 98 -51.79 -16.02 -33.56
C LEU H 98 -52.77 -15.22 -32.72
N ALA H 99 -53.20 -15.81 -31.62
CA ALA H 99 -54.13 -15.15 -30.70
C ALA H 99 -53.60 -15.12 -29.26
N ASN H 100 -53.64 -13.94 -28.62
CA ASN H 100 -53.28 -13.79 -27.20
C ASN H 100 -54.48 -14.04 -26.27
N SER H 101 -54.38 -15.04 -25.38
CA SER H 101 -55.47 -15.40 -24.45
C SER H 101 -55.45 -14.67 -23.09
N ASP H 102 -54.24 -14.28 -22.68
CA ASP H 102 -53.95 -13.73 -21.36
C ASP H 102 -54.38 -14.66 -20.22
N ASN H 103 -54.36 -15.97 -20.51
CA ASN H 103 -54.83 -17.00 -19.58
C ASN H 103 -56.26 -16.80 -19.03
N ASP H 104 -57.13 -16.22 -19.86
CA ASP H 104 -58.49 -15.84 -19.47
C ASP H 104 -59.40 -16.79 -20.21
N VAL H 105 -60.18 -17.58 -19.48
CA VAL H 105 -61.01 -18.61 -20.12
C VAL H 105 -62.14 -18.00 -20.98
N GLU H 106 -62.66 -16.85 -20.58
CA GLU H 106 -63.62 -16.15 -21.44
C GLU H 106 -62.96 -15.61 -22.73
N LYS H 107 -61.73 -15.10 -22.65
CA LYS H 107 -61.01 -14.73 -23.89
C LYS H 107 -60.77 -15.95 -24.79
N GLU H 108 -60.41 -17.08 -24.17
CA GLU H 108 -60.15 -18.31 -24.91
C GLU H 108 -61.37 -18.80 -25.69
N GLU H 109 -62.54 -18.75 -25.05
CA GLU H 109 -63.79 -19.09 -25.73
C GLU H 109 -64.06 -18.21 -26.95
N LYS H 110 -63.86 -16.90 -26.82
CA LYS H 110 -64.02 -15.96 -27.94
C LYS H 110 -63.04 -16.26 -29.08
N VAL H 111 -61.80 -16.59 -28.72
CA VAL H 111 -60.77 -16.94 -29.71
C VAL H 111 -61.17 -18.20 -30.49
N LEU H 112 -61.74 -19.18 -29.80
CA LEU H 112 -62.21 -20.41 -30.48
C LEU H 112 -63.37 -20.14 -31.42
N GLU H 113 -64.26 -19.24 -31.03
CA GLU H 113 -65.33 -18.75 -31.91
C GLU H 113 -64.77 -18.07 -33.18
N THR H 114 -63.78 -17.20 -32.97
CA THR H 114 -63.07 -16.52 -34.09
C THR H 114 -62.42 -17.54 -35.04
N PHE H 115 -61.68 -18.49 -34.48
CA PHE H 115 -61.04 -19.56 -35.28
C PHE H 115 -62.06 -20.37 -36.12
N LEU H 116 -63.21 -20.69 -35.54
CA LEU H 116 -64.29 -21.32 -36.29
C LEU H 116 -64.73 -20.46 -37.50
N SER H 117 -65.00 -19.18 -37.26
CA SER H 117 -65.30 -18.20 -38.31
C SER H 117 -64.26 -18.07 -39.42
N LYS H 118 -62.97 -18.15 -39.08
CA LYS H 118 -61.91 -18.10 -40.06
C LYS H 118 -61.66 -19.49 -40.68
N GLN H 119 -62.43 -20.49 -40.27
CA GLN H 119 -62.34 -21.84 -40.79
C GLN H 119 -60.93 -22.44 -40.67
N VAL H 120 -60.34 -22.34 -39.47
CA VAL H 120 -59.01 -22.94 -39.25
C VAL H 120 -59.10 -24.48 -39.39
N ASP H 121 -58.00 -25.07 -39.82
CA ASP H 121 -57.92 -26.50 -40.12
C ASP H 121 -57.29 -27.28 -38.98
N GLY H 122 -56.59 -26.56 -38.08
CA GLY H 122 -55.94 -27.17 -36.92
C GLY H 122 -55.55 -26.11 -35.89
N ILE H 123 -55.37 -26.53 -34.65
CA ILE H 123 -55.09 -25.61 -33.52
C ILE H 123 -53.92 -26.08 -32.67
N VAL H 124 -52.99 -25.15 -32.39
CA VAL H 124 -51.95 -25.37 -31.40
C VAL H 124 -52.31 -24.55 -30.17
N TYR H 125 -52.48 -25.24 -29.05
CA TYR H 125 -52.87 -24.63 -27.79
C TYR H 125 -51.69 -24.58 -26.79
N MET H 126 -51.37 -23.38 -26.29
CA MET H 126 -50.40 -23.15 -25.22
C MET H 126 -51.10 -22.42 -24.08
N GLY H 127 -50.77 -22.76 -22.84
CA GLY H 127 -51.38 -22.13 -21.66
C GLY H 127 -51.02 -22.88 -20.38
N SER H 128 -51.17 -22.24 -19.23
CA SER H 128 -50.84 -22.89 -17.93
C SER H 128 -51.64 -24.19 -17.71
N SER H 129 -52.87 -24.23 -18.22
CA SER H 129 -53.70 -25.43 -18.13
C SER H 129 -54.83 -25.34 -19.15
N LEU H 130 -55.58 -26.42 -19.27
CA LEU H 130 -56.73 -26.46 -20.17
C LEU H 130 -58.02 -26.53 -19.35
N ASP H 131 -58.80 -25.44 -19.35
CA ASP H 131 -60.10 -25.43 -18.66
C ASP H 131 -61.08 -26.45 -19.29
N GLU H 132 -61.95 -27.02 -18.45
CA GLU H 132 -62.93 -28.01 -18.93
C GLU H 132 -63.86 -27.42 -19.99
N LYS H 133 -64.11 -26.11 -19.90
CA LYS H 133 -64.93 -25.41 -20.90
C LYS H 133 -64.24 -25.36 -22.27
N ILE H 134 -62.93 -25.24 -22.24
CA ILE H 134 -62.15 -25.15 -23.46
C ILE H 134 -61.94 -26.55 -24.04
N ARG H 135 -61.68 -27.52 -23.18
CA ARG H 135 -61.62 -28.91 -23.59
C ARG H 135 -62.90 -29.32 -24.30
N THR H 136 -64.04 -29.00 -23.68
CA THR H 136 -65.35 -29.34 -24.26
C THR H 136 -65.55 -28.67 -25.62
N SER H 137 -65.18 -27.38 -25.71
CA SER H 137 -65.31 -26.61 -26.93
C SER H 137 -64.48 -27.20 -28.08
N LEU H 138 -63.21 -27.48 -27.81
CA LEU H 138 -62.37 -28.19 -28.78
C LEU H 138 -63.02 -29.49 -29.26
N LYS H 139 -63.64 -30.24 -28.34
CA LYS H 139 -64.25 -31.52 -28.71
C LYS H 139 -65.42 -31.29 -29.64
N ASN H 140 -66.22 -30.28 -29.33
CA ASN H 140 -67.38 -29.97 -30.13
C ASN H 140 -67.06 -29.35 -31.50
N SER H 141 -65.91 -28.70 -31.63
CA SER H 141 -65.48 -28.15 -32.92
C SER H 141 -64.98 -29.26 -33.87
N ARG H 142 -64.57 -30.39 -33.30
CA ARG H 142 -63.97 -31.47 -34.07
C ARG H 142 -62.67 -31.07 -34.81
N THR H 143 -62.10 -29.90 -34.47
CA THR H 143 -60.85 -29.46 -35.09
C THR H 143 -59.67 -30.20 -34.49
N PRO H 144 -58.76 -30.74 -35.33
CA PRO H 144 -57.50 -31.31 -34.84
C PRO H 144 -56.76 -30.32 -33.93
N VAL H 145 -56.32 -30.77 -32.78
CA VAL H 145 -55.65 -29.90 -31.82
C VAL H 145 -54.45 -30.61 -31.18
N VAL H 146 -53.38 -29.84 -30.96
CA VAL H 146 -52.25 -30.28 -30.15
C VAL H 146 -51.95 -29.27 -29.03
N LEU H 147 -51.71 -29.78 -27.82
CA LEU H 147 -51.33 -28.96 -26.67
C LEU H 147 -49.81 -28.95 -26.56
N VAL H 148 -49.22 -27.80 -26.22
CA VAL H 148 -47.77 -27.71 -26.00
C VAL H 148 -47.56 -27.07 -24.65
N GLY H 149 -46.76 -27.71 -23.78
CA GLY H 149 -46.48 -27.17 -22.46
C GLY H 149 -47.54 -27.50 -21.43
N THR H 150 -48.60 -28.18 -21.84
CA THR H 150 -49.57 -28.68 -20.89
C THR H 150 -50.10 -30.06 -21.28
N ILE H 151 -50.65 -30.76 -20.29
CA ILE H 151 -51.02 -32.16 -20.43
C ILE H 151 -52.52 -32.34 -20.19
N ASP H 152 -53.18 -33.09 -21.07
CA ASP H 152 -54.60 -33.44 -20.89
C ASP H 152 -54.74 -34.36 -19.67
N GLY H 153 -55.74 -34.08 -18.84
CA GLY H 153 -56.09 -34.93 -17.69
C GLY H 153 -56.58 -36.31 -18.09
N ASP H 154 -57.47 -36.37 -19.08
CA ASP H 154 -57.96 -37.66 -19.61
C ASP H 154 -56.94 -38.34 -20.51
N LYS H 155 -55.88 -37.60 -20.87
CA LYS H 155 -54.74 -38.09 -21.66
C LYS H 155 -55.12 -38.61 -23.05
N GLU H 156 -56.09 -37.96 -23.69
CA GLU H 156 -56.49 -38.32 -25.06
C GLU H 156 -56.30 -37.19 -26.10
N ILE H 157 -56.14 -35.95 -25.65
CA ILE H 157 -55.79 -34.87 -26.55
C ILE H 157 -54.28 -34.94 -26.78
N PRO H 158 -53.85 -34.96 -28.06
CA PRO H 158 -52.40 -34.95 -28.29
C PRO H 158 -51.72 -33.79 -27.57
N SER H 159 -50.52 -34.06 -27.05
CA SER H 159 -49.67 -33.04 -26.41
C SER H 159 -48.17 -33.29 -26.58
N VAL H 160 -47.39 -32.22 -26.44
CA VAL H 160 -45.93 -32.27 -26.49
C VAL H 160 -45.38 -31.53 -25.27
N ASN H 161 -44.64 -32.24 -24.41
CA ASN H 161 -44.07 -31.73 -23.17
C ASN H 161 -42.69 -32.33 -22.88
N ILE H 162 -42.03 -31.80 -21.86
CA ILE H 162 -40.93 -32.53 -21.22
C ILE H 162 -41.52 -33.41 -20.11
N ASP H 163 -40.66 -34.21 -19.47
CA ASP H 163 -41.04 -34.98 -18.29
C ASP H 163 -40.86 -34.08 -17.05
N TYR H 164 -41.97 -33.51 -16.58
CA TYR H 164 -41.95 -32.56 -15.45
C TYR H 164 -41.60 -33.24 -14.12
N HIS H 165 -42.04 -34.50 -13.96
CA HIS H 165 -41.67 -35.35 -12.83
C HIS H 165 -40.15 -35.54 -12.70
N LEU H 166 -39.51 -35.95 -13.81
CA LEU H 166 -38.07 -36.19 -13.83
C LEU H 166 -37.27 -34.92 -13.55
N ALA H 167 -37.60 -33.83 -14.25
CA ALA H 167 -36.91 -32.55 -14.08
C ALA H 167 -36.89 -32.08 -12.61
N ALA H 168 -38.05 -32.18 -11.96
CA ALA H 168 -38.21 -31.80 -10.56
C ALA H 168 -37.38 -32.69 -9.60
N TYR H 169 -37.31 -33.98 -9.89
CA TYR H 169 -36.49 -34.91 -9.11
C TYR H 169 -34.99 -34.61 -9.29
N GLN H 170 -34.58 -34.45 -10.54
CA GLN H 170 -33.20 -34.11 -10.87
C GLN H 170 -32.80 -32.77 -10.26
N SER H 171 -33.67 -31.78 -10.36
CA SER H 171 -33.42 -30.46 -9.78
C SER H 171 -33.24 -30.51 -8.26
N THR H 172 -34.16 -31.21 -7.60
CA THR H 172 -34.18 -31.33 -6.14
C THR H 172 -32.95 -32.08 -5.65
N LYS H 173 -32.62 -33.19 -6.30
CA LYS H 173 -31.44 -34.00 -5.96
C LYS H 173 -30.11 -33.24 -6.09
N LYS H 174 -30.00 -32.44 -7.16
CA LYS H 174 -28.83 -31.58 -7.38
C LYS H 174 -28.57 -30.65 -6.19
N LEU H 175 -29.66 -30.12 -5.62
CA LEU H 175 -29.60 -29.28 -4.42
C LEU H 175 -29.33 -30.12 -3.17
N ILE H 176 -29.93 -31.31 -3.11
CA ILE H 176 -29.61 -32.26 -2.04
C ILE H 176 -28.10 -32.55 -2.04
N ASP H 177 -27.54 -32.82 -3.23
CA ASP H 177 -26.10 -33.12 -3.35
C ASP H 177 -25.19 -31.94 -2.99
N SER H 178 -25.68 -30.71 -3.13
CA SER H 178 -24.92 -29.53 -2.69
C SER H 178 -24.98 -29.31 -1.18
N GLY H 179 -25.78 -30.12 -0.49
CA GLY H 179 -25.85 -30.11 0.98
C GLY H 179 -27.09 -29.42 1.55
N ASN H 180 -28.06 -29.10 0.70
CA ASN H 180 -29.29 -28.43 1.13
C ASN H 180 -30.21 -29.38 1.90
N LYS H 181 -30.73 -28.90 3.02
CA LYS H 181 -31.66 -29.66 3.86
C LYS H 181 -33.10 -29.17 3.70
N LYS H 182 -33.28 -27.85 3.63
CA LYS H 182 -34.60 -27.25 3.43
C LYS H 182 -34.69 -26.59 2.05
N ILE H 183 -35.42 -27.26 1.16
CA ILE H 183 -35.52 -26.90 -0.25
C ILE H 183 -36.97 -26.55 -0.56
N ALA H 184 -37.21 -25.35 -1.05
CA ALA H 184 -38.55 -24.88 -1.36
C ALA H 184 -38.91 -25.23 -2.80
N TYR H 185 -40.21 -25.38 -3.07
CA TYR H 185 -40.69 -25.45 -4.45
C TYR H 185 -41.68 -24.32 -4.68
N ILE H 186 -41.36 -23.49 -5.67
CA ILE H 186 -42.20 -22.37 -6.07
C ILE H 186 -42.83 -22.74 -7.42
N MET H 187 -44.16 -22.76 -7.46
CA MET H 187 -44.87 -23.18 -8.68
C MET H 187 -46.16 -22.39 -8.89
N GLY H 188 -46.82 -22.65 -10.03
CA GLY H 188 -48.17 -22.15 -10.28
C GLY H 188 -49.21 -22.94 -9.49
N SER H 189 -50.38 -23.14 -10.07
CA SER H 189 -51.44 -23.90 -9.39
C SER H 189 -51.09 -25.38 -9.28
N LEU H 190 -51.22 -25.91 -8.07
CA LEU H 190 -50.98 -27.34 -7.79
C LEU H 190 -51.95 -28.23 -8.57
N LYS H 191 -53.12 -27.68 -8.88
CA LYS H 191 -54.16 -28.38 -9.63
C LYS H 191 -53.80 -28.66 -11.10
N ASP H 192 -52.77 -28.02 -11.62
CA ASP H 192 -52.25 -28.35 -12.95
C ASP H 192 -51.56 -29.72 -12.90
N VAL H 193 -51.61 -30.45 -14.01
CA VAL H 193 -51.01 -31.79 -14.08
C VAL H 193 -49.49 -31.68 -14.07
N GLU H 194 -48.98 -30.70 -14.80
CA GLU H 194 -47.54 -30.39 -14.80
C GLU H 194 -47.00 -30.15 -13.39
N ASN H 195 -47.81 -29.53 -12.52
CA ASN H 195 -47.40 -29.20 -11.15
C ASN H 195 -47.67 -30.33 -10.13
N THR H 196 -48.68 -31.15 -10.44
CA THR H 196 -48.90 -32.39 -9.70
C THR H 196 -47.73 -33.34 -9.99
N GLU H 197 -47.28 -33.35 -11.24
CA GLU H 197 -46.09 -34.10 -11.66
C GLU H 197 -44.82 -33.62 -10.96
N ARG H 198 -44.65 -32.31 -10.85
CA ARG H 198 -43.45 -31.73 -10.20
C ARG H 198 -43.34 -32.12 -8.72
N MET H 199 -44.50 -32.16 -8.04
CA MET H 199 -44.56 -32.55 -6.62
C MET H 199 -44.10 -33.99 -6.40
N VAL H 200 -44.44 -34.88 -7.33
CA VAL H 200 -44.09 -36.29 -7.20
C VAL H 200 -42.56 -36.48 -7.32
N GLY H 201 -41.94 -35.75 -8.24
CA GLY H 201 -40.48 -35.81 -8.41
C GLY H 201 -39.76 -35.19 -7.23
N TYR H 202 -40.32 -34.09 -6.74
CA TYR H 202 -39.83 -33.38 -5.55
C TYR H 202 -39.93 -34.26 -4.29
N GLN H 203 -41.12 -34.78 -4.01
CA GLN H 203 -41.34 -35.66 -2.86
C GLN H 203 -40.55 -36.97 -2.96
N GLU H 204 -40.34 -37.43 -4.20
CA GLU H 204 -39.49 -38.61 -4.46
C GLU H 204 -38.06 -38.35 -3.97
N ALA H 205 -37.47 -37.26 -4.45
CA ALA H 205 -36.08 -36.90 -4.13
C ALA H 205 -35.84 -36.69 -2.63
N LEU H 206 -36.80 -36.08 -1.94
CA LEU H 206 -36.72 -35.90 -0.49
C LEU H 206 -36.77 -37.22 0.27
N LEU H 207 -37.61 -38.15 -0.20
CA LEU H 207 -37.74 -39.47 0.42
C LEU H 207 -36.42 -40.24 0.33
N GLU H 208 -35.86 -40.28 -0.89
CA GLU H 208 -34.57 -40.94 -1.15
C GLU H 208 -33.46 -40.46 -0.20
N ALA H 209 -33.50 -39.18 0.15
CA ALA H 209 -32.49 -38.55 1.01
C ALA H 209 -32.84 -38.60 2.49
N ASN H 210 -33.97 -39.23 2.84
CA ASN H 210 -34.51 -39.20 4.21
C ASN H 210 -34.74 -37.79 4.77
N ILE H 211 -35.22 -36.91 3.89
CA ILE H 211 -35.70 -35.59 4.29
C ILE H 211 -37.22 -35.67 4.26
N GLU H 212 -37.87 -35.26 5.35
CA GLU H 212 -39.32 -35.33 5.42
C GLU H 212 -39.95 -34.25 4.55
N PHE H 213 -41.09 -34.56 3.94
CA PHE H 213 -41.82 -33.58 3.15
C PHE H 213 -42.49 -32.56 4.07
N ASP H 214 -42.28 -31.29 3.76
CA ASP H 214 -42.88 -30.18 4.48
C ASP H 214 -43.64 -29.32 3.47
N GLU H 215 -44.96 -29.22 3.65
CA GLU H 215 -45.82 -28.46 2.73
C GLU H 215 -45.62 -26.96 2.86
N ASN H 216 -45.11 -26.52 4.01
CA ASN H 216 -44.82 -25.10 4.23
C ASN H 216 -43.65 -24.57 3.41
N LEU H 217 -42.82 -25.48 2.90
CA LEU H 217 -41.76 -25.10 1.95
C LEU H 217 -42.25 -25.09 0.50
N VAL H 218 -43.47 -25.57 0.26
CA VAL H 218 -44.10 -25.45 -1.06
C VAL H 218 -44.85 -24.12 -1.13
N PHE H 219 -44.72 -23.42 -2.26
CA PHE H 219 -45.36 -22.11 -2.47
C PHE H 219 -46.03 -22.09 -3.83
N GLU H 220 -47.36 -22.20 -3.85
CA GLU H 220 -48.09 -22.35 -5.12
C GLU H 220 -48.78 -21.06 -5.54
N GLY H 221 -49.00 -20.92 -6.85
CA GLY H 221 -49.75 -19.80 -7.42
C GLY H 221 -48.89 -18.66 -7.94
N ASN H 222 -47.58 -18.88 -8.04
CA ASN H 222 -46.62 -17.82 -8.41
C ASN H 222 -46.23 -17.87 -9.90
N TYR H 223 -46.62 -16.83 -10.64
CA TYR H 223 -46.40 -16.77 -12.08
C TYR H 223 -45.47 -15.63 -12.53
N SER H 224 -45.42 -14.53 -11.76
CA SER H 224 -44.74 -13.30 -12.21
C SER H 224 -43.38 -13.03 -11.56
N TYR H 225 -42.65 -12.09 -12.15
CA TYR H 225 -41.40 -11.58 -11.60
C TYR H 225 -41.63 -10.90 -10.24
N GLU H 226 -42.73 -10.16 -10.14
CA GLU H 226 -43.08 -9.40 -8.93
C GLU H 226 -43.46 -10.33 -7.77
N GLN H 227 -44.12 -11.45 -8.08
CA GLN H 227 -44.42 -12.49 -7.09
C GLN H 227 -43.15 -13.18 -6.59
N GLY H 228 -42.17 -13.33 -7.49
CA GLY H 228 -40.89 -13.94 -7.16
C GLY H 228 -40.09 -13.11 -6.17
N LYS H 229 -40.06 -11.79 -6.39
CA LYS H 229 -39.38 -10.88 -5.46
C LYS H 229 -39.96 -10.97 -4.06
N ALA H 230 -41.29 -11.00 -3.96
CA ALA H 230 -42.01 -10.98 -2.68
C ALA H 230 -41.98 -12.30 -1.91
N LEU H 231 -41.37 -13.35 -2.47
CA LEU H 231 -41.24 -14.65 -1.79
C LEU H 231 -39.99 -14.73 -0.94
N ALA H 232 -38.99 -13.94 -1.27
CA ALA H 232 -37.67 -13.98 -0.61
C ALA H 232 -37.77 -13.97 0.91
N GLU H 233 -38.55 -13.04 1.46
CA GLU H 233 -38.72 -12.90 2.91
C GLU H 233 -39.44 -14.10 3.55
N ARG H 234 -40.35 -14.72 2.81
CA ARG H 234 -41.06 -15.93 3.27
C ARG H 234 -40.13 -17.15 3.29
N LEU H 235 -39.22 -17.24 2.31
CA LEU H 235 -38.25 -18.32 2.24
C LEU H 235 -37.19 -18.22 3.34
N LEU H 236 -36.75 -17.00 3.62
CA LEU H 236 -35.67 -16.76 4.59
C LEU H 236 -36.11 -16.92 6.05
N GLU H 237 -37.37 -16.58 6.34
CA GLU H 237 -37.92 -16.79 7.69
C GLU H 237 -38.21 -18.27 7.94
N ARG H 238 -38.53 -19.01 6.87
CA ARG H 238 -38.84 -20.44 6.95
C ARG H 238 -37.59 -21.33 6.85
N GLY H 239 -36.42 -20.70 6.72
CA GLY H 239 -35.15 -21.41 6.81
C GLY H 239 -34.80 -22.27 5.60
N ALA H 240 -35.23 -21.85 4.42
CA ALA H 240 -34.84 -22.52 3.17
C ALA H 240 -33.47 -22.01 2.73
N THR H 241 -32.63 -22.92 2.26
CA THR H 241 -31.30 -22.60 1.73
C THR H 241 -31.25 -22.64 0.20
N SER H 242 -32.33 -23.10 -0.42
CA SER H 242 -32.39 -23.19 -1.87
C SER H 242 -33.83 -23.32 -2.33
N ALA H 243 -34.05 -23.19 -3.63
CA ALA H 243 -35.38 -23.31 -4.21
C ALA H 243 -35.35 -23.84 -5.63
N VAL H 244 -36.32 -24.68 -5.96
CA VAL H 244 -36.63 -25.03 -7.34
C VAL H 244 -37.82 -24.16 -7.73
N VAL H 245 -37.76 -23.58 -8.93
CA VAL H 245 -38.79 -22.66 -9.41
C VAL H 245 -39.24 -23.09 -10.81
N SER H 246 -40.54 -23.29 -10.97
CA SER H 246 -41.06 -23.76 -12.25
C SER H 246 -41.00 -22.68 -13.35
N HIS H 247 -41.30 -21.42 -13.00
CA HIS H 247 -41.40 -20.34 -14.01
C HIS H 247 -40.17 -19.45 -14.00
N ASP H 248 -39.58 -19.24 -15.18
CA ASP H 248 -38.34 -18.43 -15.27
C ASP H 248 -38.48 -17.00 -14.75
N THR H 249 -39.62 -16.35 -14.97
CA THR H 249 -39.76 -14.95 -14.53
C THR H 249 -39.81 -14.87 -13.00
N VAL H 250 -40.38 -15.90 -12.38
CA VAL H 250 -40.45 -15.99 -10.92
C VAL H 250 -39.08 -16.21 -10.29
N ALA H 251 -38.27 -17.04 -10.94
CA ALA H 251 -36.91 -17.34 -10.47
C ALA H 251 -36.01 -16.11 -10.56
N VAL H 252 -36.14 -15.35 -11.65
CA VAL H 252 -35.34 -14.12 -11.86
C VAL H 252 -35.73 -13.02 -10.85
N GLY H 253 -37.01 -12.94 -10.51
CA GLY H 253 -37.47 -12.04 -9.46
C GLY H 253 -36.97 -12.45 -8.08
N LEU H 254 -36.92 -13.75 -7.84
CA LEU H 254 -36.41 -14.28 -6.58
C LEU H 254 -34.93 -13.96 -6.42
N LEU H 255 -34.15 -14.24 -7.46
CA LEU H 255 -32.73 -13.97 -7.49
C LEU H 255 -32.47 -12.48 -7.21
N SER H 256 -33.22 -11.62 -7.90
CA SER H 256 -33.14 -10.16 -7.75
C SER H 256 -33.36 -9.71 -6.30
N ALA H 257 -34.46 -10.17 -5.70
CA ALA H 257 -34.79 -9.84 -4.31
C ALA H 257 -33.75 -10.32 -3.29
N MET H 258 -33.12 -11.47 -3.56
CA MET H 258 -32.03 -11.99 -2.71
C MET H 258 -30.79 -11.08 -2.79
N MET H 259 -30.45 -10.69 -4.02
CA MET H 259 -29.27 -9.87 -4.24
C MET H 259 -29.43 -8.48 -3.61
N ASP H 260 -30.62 -7.90 -3.75
CA ASP H 260 -30.97 -6.64 -3.05
C ASP H 260 -30.78 -6.79 -1.54
N LYS H 261 -31.23 -7.92 -0.99
CA LYS H 261 -31.11 -8.22 0.45
C LYS H 261 -29.66 -8.46 0.91
N GLY H 262 -28.77 -8.74 -0.03
CA GLY H 262 -27.38 -9.04 0.29
C GLY H 262 -27.19 -10.48 0.73
N VAL H 263 -28.05 -11.37 0.22
CA VAL H 263 -27.91 -12.80 0.43
C VAL H 263 -26.86 -13.33 -0.55
N LYS H 264 -25.95 -14.16 -0.05
CA LYS H 264 -24.85 -14.70 -0.85
C LYS H 264 -25.34 -15.87 -1.70
N VAL H 265 -25.19 -15.73 -3.02
CA VAL H 265 -25.62 -16.74 -3.99
C VAL H 265 -24.37 -17.21 -4.75
N PRO H 266 -24.12 -18.54 -4.81
CA PRO H 266 -24.87 -19.67 -4.30
C PRO H 266 -24.49 -20.14 -2.89
N GLU H 267 -23.65 -19.36 -2.20
CA GLU H 267 -23.08 -19.75 -0.90
C GLU H 267 -24.16 -19.99 0.16
N ASP H 268 -25.00 -18.99 0.38
CA ASP H 268 -26.04 -19.05 1.40
C ASP H 268 -27.41 -19.44 0.83
N PHE H 269 -27.64 -19.14 -0.45
CA PHE H 269 -28.91 -19.47 -1.11
C PHE H 269 -28.69 -19.90 -2.56
N GLU H 270 -29.38 -20.96 -2.98
CA GLU H 270 -29.28 -21.49 -4.34
C GLU H 270 -30.64 -21.52 -5.03
N ILE H 271 -30.64 -21.32 -6.36
CA ILE H 271 -31.87 -21.28 -7.15
C ILE H 271 -31.71 -22.12 -8.43
N ILE H 272 -32.72 -22.93 -8.75
CA ILE H 272 -32.79 -23.63 -10.05
C ILE H 272 -34.12 -23.29 -10.74
N SER H 273 -34.04 -22.67 -11.91
CA SER H 273 -35.25 -22.29 -12.66
C SER H 273 -35.78 -23.45 -13.52
N GLY H 274 -36.91 -23.22 -14.17
CA GLY H 274 -37.70 -24.32 -14.73
C GLY H 274 -37.66 -24.56 -16.23
N ALA H 275 -37.21 -23.58 -17.03
CA ALA H 275 -37.22 -23.76 -18.51
C ALA H 275 -36.01 -23.26 -19.31
N ASN H 276 -35.26 -22.30 -18.77
CA ASN H 276 -34.16 -21.66 -19.50
C ASN H 276 -34.65 -20.93 -20.77
N SER H 277 -35.75 -20.19 -20.66
CA SER H 277 -36.29 -19.45 -21.78
C SER H 277 -35.38 -18.23 -22.02
N PRO H 278 -35.41 -17.64 -23.24
CA PRO H 278 -34.50 -16.57 -23.66
C PRO H 278 -34.17 -15.47 -22.63
N ILE H 279 -35.14 -15.04 -21.83
CA ILE H 279 -34.88 -13.99 -20.82
C ILE H 279 -33.86 -14.38 -19.75
N THR H 280 -33.65 -15.68 -19.55
CA THR H 280 -32.82 -16.19 -18.46
C THR H 280 -31.32 -15.98 -18.69
N GLN H 281 -30.91 -15.69 -19.93
CA GLN H 281 -29.50 -15.40 -20.18
C GLN H 281 -29.13 -13.93 -19.83
N TYR H 282 -30.12 -13.13 -19.44
CA TYR H 282 -29.89 -11.73 -19.06
C TYR H 282 -29.92 -11.48 -17.54
N THR H 283 -29.89 -12.55 -16.75
CA THR H 283 -29.73 -12.46 -15.31
C THR H 283 -28.27 -12.24 -14.91
N TYR H 284 -28.08 -11.49 -13.84
CA TYR H 284 -26.80 -11.45 -13.14
C TYR H 284 -27.02 -11.47 -11.62
N PRO H 285 -26.40 -12.45 -10.92
CA PRO H 285 -25.68 -13.61 -11.45
C PRO H 285 -26.51 -14.50 -12.39
N THR H 286 -25.83 -15.43 -13.05
CA THR H 286 -26.47 -16.30 -14.04
C THR H 286 -27.27 -17.44 -13.38
N LEU H 287 -28.44 -17.72 -13.93
CA LEU H 287 -29.40 -18.68 -13.35
C LEU H 287 -29.19 -20.13 -13.81
N THR H 288 -29.08 -21.03 -12.84
CA THR H 288 -29.11 -22.48 -13.11
C THR H 288 -30.55 -22.86 -13.48
N SER H 289 -30.70 -23.66 -14.52
CA SER H 289 -32.04 -23.95 -15.03
C SER H 289 -32.14 -25.31 -15.71
N VAL H 290 -33.29 -25.94 -15.54
CA VAL H 290 -33.72 -26.99 -16.43
C VAL H 290 -33.87 -26.35 -17.81
N ASN H 291 -33.24 -26.94 -18.81
CA ASN H 291 -33.39 -26.51 -20.19
C ASN H 291 -34.48 -27.30 -20.90
N GLN H 292 -35.61 -26.64 -21.18
CA GLN H 292 -36.63 -27.20 -22.06
C GLN H 292 -36.30 -26.83 -23.51
N PRO H 293 -36.44 -27.80 -24.46
CA PRO H 293 -36.11 -27.53 -25.85
C PRO H 293 -37.30 -26.84 -26.55
N LEU H 294 -37.42 -25.55 -26.25
CA LEU H 294 -38.60 -24.77 -26.60
C LEU H 294 -38.92 -24.79 -28.09
N TYR H 295 -37.90 -24.53 -28.90
CA TYR H 295 -38.09 -24.54 -30.35
C TYR H 295 -38.63 -25.89 -30.82
N ASP H 296 -38.00 -26.96 -30.34
CA ASP H 296 -38.35 -28.32 -30.71
C ASP H 296 -39.77 -28.72 -30.26
N LEU H 297 -40.17 -28.30 -29.07
CA LEU H 297 -41.54 -28.53 -28.60
C LEU H 297 -42.54 -28.06 -29.65
N GLY H 298 -42.36 -26.82 -30.14
CA GLY H 298 -43.19 -26.26 -31.19
C GLY H 298 -43.10 -26.99 -32.52
N ALA H 299 -41.88 -27.28 -32.98
CA ALA H 299 -41.71 -27.99 -34.25
C ALA H 299 -42.34 -29.37 -34.18
N VAL H 300 -42.05 -30.12 -33.12
CA VAL H 300 -42.62 -31.47 -32.95
C VAL H 300 -44.17 -31.42 -32.93
N ALA H 301 -44.72 -30.44 -32.20
CA ALA H 301 -46.17 -30.26 -32.13
C ALA H 301 -46.79 -30.00 -33.50
N MET H 302 -46.14 -29.17 -34.30
CA MET H 302 -46.67 -28.80 -35.61
C MET H 302 -46.49 -29.93 -36.61
N ARG H 303 -45.40 -30.68 -36.51
CA ARG H 303 -45.28 -31.93 -37.29
C ARG H 303 -46.43 -32.90 -37.05
N LEU H 304 -46.78 -33.09 -35.77
CA LEU H 304 -47.91 -33.94 -35.36
C LEU H 304 -49.25 -33.39 -35.87
N LEU H 305 -49.48 -32.10 -35.68
CA LEU H 305 -50.71 -31.45 -36.19
C LEU H 305 -50.87 -31.58 -37.71
N THR H 306 -49.76 -31.49 -38.44
CA THR H 306 -49.73 -31.62 -39.89
C THR H 306 -50.31 -33.00 -40.27
N LYS H 307 -49.91 -34.04 -39.55
CA LYS H 307 -50.42 -35.42 -39.80
C LYS H 307 -51.92 -35.52 -39.53
N LEU H 308 -52.35 -34.93 -38.42
CA LEU H 308 -53.76 -34.95 -38.01
C LEU H 308 -54.63 -34.24 -39.03
N MET H 309 -54.19 -33.08 -39.51
CA MET H 309 -54.95 -32.34 -40.53
C MET H 309 -55.03 -33.10 -41.88
N LEU H 310 -54.06 -33.97 -42.14
CA LEU H 310 -54.06 -34.79 -43.36
C LEU H 310 -54.83 -36.08 -43.13
N LYS H 311 -55.48 -36.17 -41.95
CA LYS H 311 -56.27 -37.32 -41.51
C LYS H 311 -55.45 -38.60 -41.43
N GLU H 312 -54.14 -38.45 -41.20
CA GLU H 312 -53.26 -39.61 -41.11
C GLU H 312 -53.39 -40.25 -39.75
N ASP H 313 -53.20 -41.56 -39.72
CA ASP H 313 -53.20 -42.32 -38.48
C ASP H 313 -51.95 -41.93 -37.69
N VAL H 314 -52.14 -41.54 -36.42
CA VAL H 314 -51.02 -41.21 -35.54
C VAL H 314 -50.99 -42.20 -34.37
N GLU H 315 -49.88 -42.93 -34.28
CA GLU H 315 -49.66 -43.97 -33.28
C GLU H 315 -49.55 -43.42 -31.84
N GLN H 316 -48.54 -42.59 -31.58
CA GLN H 316 -48.28 -42.04 -30.25
C GLN H 316 -48.56 -40.54 -30.30
N ASN H 317 -49.45 -40.08 -29.44
CA ASN H 317 -49.80 -38.66 -29.43
C ASN H 317 -49.53 -37.96 -28.09
N GLN H 318 -48.97 -38.67 -27.11
CA GLN H 318 -48.50 -38.07 -25.87
C GLN H 318 -46.98 -38.07 -25.93
N LEU H 319 -46.42 -37.01 -26.52
CA LEU H 319 -45.00 -36.95 -26.82
C LEU H 319 -44.22 -36.23 -25.73
N VAL H 320 -43.08 -36.83 -25.36
CA VAL H 320 -42.22 -36.32 -24.30
C VAL H 320 -40.82 -36.14 -24.86
N LEU H 321 -40.31 -34.91 -24.81
CA LEU H 321 -39.00 -34.60 -25.33
C LEU H 321 -37.98 -34.50 -24.18
N ASP H 322 -36.72 -34.74 -24.50
CA ASP H 322 -35.65 -34.73 -23.50
C ASP H 322 -35.34 -33.34 -23.02
N HIS H 323 -34.92 -33.24 -21.75
CA HIS H 323 -34.44 -31.98 -21.17
C HIS H 323 -33.02 -32.16 -20.60
N GLU H 324 -32.37 -31.05 -20.27
CA GLU H 324 -31.08 -31.01 -19.56
C GLU H 324 -31.19 -30.09 -18.37
N ILE H 325 -30.17 -30.10 -17.51
CA ILE H 325 -29.98 -29.03 -16.52
C ILE H 325 -28.66 -28.32 -16.83
N PHE H 326 -28.72 -27.01 -17.07
CA PHE H 326 -27.52 -26.20 -17.27
C PHE H 326 -27.13 -25.53 -15.95
N SER H 327 -26.03 -26.00 -15.34
CA SER H 327 -25.55 -25.41 -14.09
C SER H 327 -24.83 -24.08 -14.36
N ARG H 328 -25.23 -23.05 -13.62
CA ARG H 328 -24.63 -21.71 -13.70
C ARG H 328 -24.37 -21.17 -12.29
N ARG H 329 -24.32 -19.85 -12.10
CA ARG H 329 -23.84 -19.28 -10.84
C ARG H 329 -24.84 -19.29 -9.68
N SER H 330 -26.10 -19.65 -9.94
CA SER H 330 -27.11 -19.62 -8.88
C SER H 330 -27.14 -20.93 -8.07
N THR H 331 -26.26 -21.88 -8.40
CA THR H 331 -26.06 -23.10 -7.62
C THR H 331 -24.56 -23.33 -7.33
N LYS H 332 -24.28 -24.06 -6.25
CA LYS H 332 -22.89 -24.34 -5.84
C LYS H 332 -22.24 -25.35 -6.78
#